data_6YEA
# 
_entry.id   6YEA 
# 
_audit_conform.dict_name       mmcif_pdbx.dic 
_audit_conform.dict_version    5.383 
_audit_conform.dict_location   http://mmcif.pdb.org/dictionaries/ascii/mmcif_pdbx.dic 
# 
loop_
_database_2.database_id 
_database_2.database_code 
_database_2.pdbx_database_accession 
_database_2.pdbx_DOI 
PDB   6YEA         pdb_00006yea 10.2210/pdb6yea/pdb 
WWPDB D_1292107479 ?            ?                   
# 
loop_
_pdbx_audit_revision_history.ordinal 
_pdbx_audit_revision_history.data_content_type 
_pdbx_audit_revision_history.major_revision 
_pdbx_audit_revision_history.minor_revision 
_pdbx_audit_revision_history.revision_date 
1 'Structure model' 1 0 2021-03-31 
2 'Structure model' 1 1 2022-04-13 
3 'Structure model' 1 2 2024-01-24 
# 
_pdbx_audit_revision_details.ordinal             1 
_pdbx_audit_revision_details.revision_ordinal    1 
_pdbx_audit_revision_details.data_content_type   'Structure model' 
_pdbx_audit_revision_details.provider            repository 
_pdbx_audit_revision_details.type                'Initial release' 
_pdbx_audit_revision_details.description         ? 
_pdbx_audit_revision_details.details             ? 
# 
loop_
_pdbx_audit_revision_group.ordinal 
_pdbx_audit_revision_group.revision_ordinal 
_pdbx_audit_revision_group.data_content_type 
_pdbx_audit_revision_group.group 
1 2 'Structure model' 'Database references'    
2 3 'Structure model' 'Data collection'        
3 3 'Structure model' 'Refinement description' 
# 
loop_
_pdbx_audit_revision_category.ordinal 
_pdbx_audit_revision_category.revision_ordinal 
_pdbx_audit_revision_category.data_content_type 
_pdbx_audit_revision_category.category 
1 2 'Structure model' citation                      
2 2 'Structure model' citation_author               
3 2 'Structure model' database_2                    
4 3 'Structure model' chem_comp_atom                
5 3 'Structure model' chem_comp_bond                
6 3 'Structure model' pdbx_initial_refinement_model 
# 
loop_
_pdbx_audit_revision_item.ordinal 
_pdbx_audit_revision_item.revision_ordinal 
_pdbx_audit_revision_item.data_content_type 
_pdbx_audit_revision_item.item 
1  2 'Structure model' '_citation.country'                   
2  2 'Structure model' '_citation.journal_abbrev'            
3  2 'Structure model' '_citation.journal_id_ASTM'           
4  2 'Structure model' '_citation.journal_id_CSD'            
5  2 'Structure model' '_citation.journal_id_ISSN'           
6  2 'Structure model' '_citation.journal_volume'            
7  2 'Structure model' '_citation.page_first'                
8  2 'Structure model' '_citation.page_last'                 
9  2 'Structure model' '_citation.pdbx_database_id_DOI'      
10 2 'Structure model' '_citation.pdbx_database_id_PubMed'   
11 2 'Structure model' '_citation.title'                     
12 2 'Structure model' '_citation.year'                      
13 2 'Structure model' '_database_2.pdbx_DOI'                
14 2 'Structure model' '_database_2.pdbx_database_accession' 
# 
_pdbx_database_status.status_code                     REL 
_pdbx_database_status.status_code_sf                  REL 
_pdbx_database_status.status_code_mr                  ? 
_pdbx_database_status.entry_id                        6YEA 
_pdbx_database_status.recvd_initial_deposition_date   2020-03-24 
_pdbx_database_status.SG_entry                        N 
_pdbx_database_status.deposit_site                    PDBE 
_pdbx_database_status.process_site                    PDBE 
_pdbx_database_status.status_code_cs                  ? 
_pdbx_database_status.status_code_nmr_data            ? 
_pdbx_database_status.methods_development_category    ? 
_pdbx_database_status.pdb_format_compatible           Y 
# 
loop_
_audit_author.name 
_audit_author.pdbx_ordinal 
_audit_author.identifier_ORCID 
'Boura, E.' 1 0000-0002-9652-4065 
'Smola, M.' 2 0000-0002-4611-739X 
# 
_citation.abstract                  ? 
_citation.abstract_id_CAS           ? 
_citation.book_id_ISBN              ? 
_citation.book_publisher            ? 
_citation.book_publisher_city       ? 
_citation.book_title                ? 
_citation.coordinate_linkage        ? 
_citation.country                   GE 
_citation.database_id_Medline       ? 
_citation.details                   ? 
_citation.id                        primary 
_citation.journal_abbrev            Angew.Chem.Int.Ed.Engl. 
_citation.journal_id_ASTM           ACIEAY 
_citation.journal_id_CSD            0179 
_citation.journal_id_ISSN           1521-3773 
_citation.journal_full              ? 
_citation.journal_issue             ? 
_citation.journal_volume            60 
_citation.language                  ? 
_citation.page_first                10172 
_citation.page_last                 10178 
_citation.title                     
'Ligand Strain and Its Conformational Complexity Is a Major Factor in the Binding of Cyclic Dinucleotides to STING Protein.' 
_citation.year                      2021 
_citation.database_id_CSD           ? 
_citation.pdbx_database_id_DOI      10.1002/anie.202016805 
_citation.pdbx_database_id_PubMed   33616279 
_citation.unpublished_flag          ? 
# 
loop_
_citation_author.citation_id 
_citation_author.name 
_citation_author.ordinal 
_citation_author.identifier_ORCID 
primary 'Smola, M.'       1  0000-0002-4611-739X 
primary 'Gutten, O.'      2  0000-0003-2955-6275 
primary 'Dejmek, M.'      3  0000-0002-8195-971X 
primary 'Kozisek, M.'     4  0000-0002-9476-3409 
primary 'Evangelidis, T.' 5  0000-0001-5626-365X 
primary 'Tehrani, Z.A.'   6  0000-0002-5119-8390 
primary 'Novotna, B.'     7  0000-0001-9889-1347 
primary 'Nencka, R.'      8  0000-0001-6167-0380 
primary 'Birkus, G.'      9  0000-0002-9850-2150 
primary 'Rulisek, L.'     10 0000-0002-7769-7059 
primary 'Boura, E.'       11 0000-0002-9652-4065 
# 
loop_
_entity.id 
_entity.type 
_entity.src_method 
_entity.pdbx_description 
_entity.formula_weight 
_entity.pdbx_number_of_molecules 
_entity.pdbx_ec 
_entity.pdbx_mutation 
_entity.pdbx_fragment 
_entity.details 
1 polymer     man 'Stimulator of interferon protein' 23189.064 1 ? ? ? ? 
2 non-polymer syn "2',2'-difluoro-3',3'-cGAMP"       678.393   1 ? ? ? ? 
3 water       nat water                              18.015    4 ? ? ? ? 
# 
_entity_poly.entity_id                      1 
_entity_poly.type                           'polypeptide(L)' 
_entity_poly.nstd_linkage                   no 
_entity_poly.nstd_monomer                   no 
_entity_poly.pdbx_seq_one_letter_code       
;APAEISAVCEKGNFNVAHGLAWSYYIGYLRLILPELQARIRTYNQHYNNLLRGAVSQRLYILLPLDCGVPDNLSMADPNI
RFLDKLPQQTGDRAGIKDRVYSNSIYELLENGQRAGTCVLEYATPLQTLFAMSQYSQAGFSREDRLEQAKLFCRTLEDIL
ADAPESQNNCRLIAYQEPADDSSFSLSQEVLRHLRQEEKEEVTV
;
_entity_poly.pdbx_seq_one_letter_code_can   
;APAEISAVCEKGNFNVAHGLAWSYYIGYLRLILPELQARIRTYNQHYNNLLRGAVSQRLYILLPLDCGVPDNLSMADPNI
RFLDKLPQQTGDRAGIKDRVYSNSIYELLENGQRAGTCVLEYATPLQTLFAMSQYSQAGFSREDRLEQAKLFCRTLEDIL
ADAPESQNNCRLIAYQEPADDSSFSLSQEVLRHLRQEEKEEVTV
;
_entity_poly.pdbx_strand_id                 A 
_entity_poly.pdbx_target_identifier         ? 
# 
loop_
_pdbx_entity_nonpoly.entity_id 
_pdbx_entity_nonpoly.name 
_pdbx_entity_nonpoly.comp_id 
2 "2',2'-difluoro-3',3'-cGAMP" OOE 
3 water                        HOH 
# 
loop_
_entity_poly_seq.entity_id 
_entity_poly_seq.num 
_entity_poly_seq.mon_id 
_entity_poly_seq.hetero 
1 1   ALA n 
1 2   PRO n 
1 3   ALA n 
1 4   GLU n 
1 5   ILE n 
1 6   SER n 
1 7   ALA n 
1 8   VAL n 
1 9   CYS n 
1 10  GLU n 
1 11  LYS n 
1 12  GLY n 
1 13  ASN n 
1 14  PHE n 
1 15  ASN n 
1 16  VAL n 
1 17  ALA n 
1 18  HIS n 
1 19  GLY n 
1 20  LEU n 
1 21  ALA n 
1 22  TRP n 
1 23  SER n 
1 24  TYR n 
1 25  TYR n 
1 26  ILE n 
1 27  GLY n 
1 28  TYR n 
1 29  LEU n 
1 30  ARG n 
1 31  LEU n 
1 32  ILE n 
1 33  LEU n 
1 34  PRO n 
1 35  GLU n 
1 36  LEU n 
1 37  GLN n 
1 38  ALA n 
1 39  ARG n 
1 40  ILE n 
1 41  ARG n 
1 42  THR n 
1 43  TYR n 
1 44  ASN n 
1 45  GLN n 
1 46  HIS n 
1 47  TYR n 
1 48  ASN n 
1 49  ASN n 
1 50  LEU n 
1 51  LEU n 
1 52  ARG n 
1 53  GLY n 
1 54  ALA n 
1 55  VAL n 
1 56  SER n 
1 57  GLN n 
1 58  ARG n 
1 59  LEU n 
1 60  TYR n 
1 61  ILE n 
1 62  LEU n 
1 63  LEU n 
1 64  PRO n 
1 65  LEU n 
1 66  ASP n 
1 67  CYS n 
1 68  GLY n 
1 69  VAL n 
1 70  PRO n 
1 71  ASP n 
1 72  ASN n 
1 73  LEU n 
1 74  SER n 
1 75  MET n 
1 76  ALA n 
1 77  ASP n 
1 78  PRO n 
1 79  ASN n 
1 80  ILE n 
1 81  ARG n 
1 82  PHE n 
1 83  LEU n 
1 84  ASP n 
1 85  LYS n 
1 86  LEU n 
1 87  PRO n 
1 88  GLN n 
1 89  GLN n 
1 90  THR n 
1 91  GLY n 
1 92  ASP n 
1 93  ARG n 
1 94  ALA n 
1 95  GLY n 
1 96  ILE n 
1 97  LYS n 
1 98  ASP n 
1 99  ARG n 
1 100 VAL n 
1 101 TYR n 
1 102 SER n 
1 103 ASN n 
1 104 SER n 
1 105 ILE n 
1 106 TYR n 
1 107 GLU n 
1 108 LEU n 
1 109 LEU n 
1 110 GLU n 
1 111 ASN n 
1 112 GLY n 
1 113 GLN n 
1 114 ARG n 
1 115 ALA n 
1 116 GLY n 
1 117 THR n 
1 118 CYS n 
1 119 VAL n 
1 120 LEU n 
1 121 GLU n 
1 122 TYR n 
1 123 ALA n 
1 124 THR n 
1 125 PRO n 
1 126 LEU n 
1 127 GLN n 
1 128 THR n 
1 129 LEU n 
1 130 PHE n 
1 131 ALA n 
1 132 MET n 
1 133 SER n 
1 134 GLN n 
1 135 TYR n 
1 136 SER n 
1 137 GLN n 
1 138 ALA n 
1 139 GLY n 
1 140 PHE n 
1 141 SER n 
1 142 ARG n 
1 143 GLU n 
1 144 ASP n 
1 145 ARG n 
1 146 LEU n 
1 147 GLU n 
1 148 GLN n 
1 149 ALA n 
1 150 LYS n 
1 151 LEU n 
1 152 PHE n 
1 153 CYS n 
1 154 ARG n 
1 155 THR n 
1 156 LEU n 
1 157 GLU n 
1 158 ASP n 
1 159 ILE n 
1 160 LEU n 
1 161 ALA n 
1 162 ASP n 
1 163 ALA n 
1 164 PRO n 
1 165 GLU n 
1 166 SER n 
1 167 GLN n 
1 168 ASN n 
1 169 ASN n 
1 170 CYS n 
1 171 ARG n 
1 172 LEU n 
1 173 ILE n 
1 174 ALA n 
1 175 TYR n 
1 176 GLN n 
1 177 GLU n 
1 178 PRO n 
1 179 ALA n 
1 180 ASP n 
1 181 ASP n 
1 182 SER n 
1 183 SER n 
1 184 PHE n 
1 185 SER n 
1 186 LEU n 
1 187 SER n 
1 188 GLN n 
1 189 GLU n 
1 190 VAL n 
1 191 LEU n 
1 192 ARG n 
1 193 HIS n 
1 194 LEU n 
1 195 ARG n 
1 196 GLN n 
1 197 GLU n 
1 198 GLU n 
1 199 LYS n 
1 200 GLU n 
1 201 GLU n 
1 202 VAL n 
1 203 THR n 
1 204 VAL n 
# 
_entity_src_gen.entity_id                          1 
_entity_src_gen.pdbx_src_id                        1 
_entity_src_gen.pdbx_alt_source_flag               sample 
_entity_src_gen.pdbx_seq_type                      'Biological sequence' 
_entity_src_gen.pdbx_beg_seq_num                   1 
_entity_src_gen.pdbx_end_seq_num                   204 
_entity_src_gen.gene_src_common_name               Human 
_entity_src_gen.gene_src_genus                     ? 
_entity_src_gen.pdbx_gene_src_gene                 'STING, LOC340061, hCG_1782396' 
_entity_src_gen.gene_src_species                   ? 
_entity_src_gen.gene_src_strain                    ? 
_entity_src_gen.gene_src_tissue                    ? 
_entity_src_gen.gene_src_tissue_fraction           ? 
_entity_src_gen.gene_src_details                   ? 
_entity_src_gen.pdbx_gene_src_fragment             ? 
_entity_src_gen.pdbx_gene_src_scientific_name      'Homo sapiens' 
_entity_src_gen.pdbx_gene_src_ncbi_taxonomy_id     9606 
_entity_src_gen.pdbx_gene_src_variant              ? 
_entity_src_gen.pdbx_gene_src_cell_line            ? 
_entity_src_gen.pdbx_gene_src_atcc                 ? 
_entity_src_gen.pdbx_gene_src_organ                ? 
_entity_src_gen.pdbx_gene_src_organelle            ? 
_entity_src_gen.pdbx_gene_src_cell                 ? 
_entity_src_gen.pdbx_gene_src_cellular_location    ? 
_entity_src_gen.host_org_common_name               ? 
_entity_src_gen.pdbx_host_org_scientific_name      'Escherichia coli BL21(DE3)' 
_entity_src_gen.pdbx_host_org_ncbi_taxonomy_id     469008 
_entity_src_gen.host_org_genus                     ? 
_entity_src_gen.pdbx_host_org_gene                 ? 
_entity_src_gen.pdbx_host_org_organ                ? 
_entity_src_gen.host_org_species                   ? 
_entity_src_gen.pdbx_host_org_tissue               ? 
_entity_src_gen.pdbx_host_org_tissue_fraction      ? 
_entity_src_gen.pdbx_host_org_strain               ? 
_entity_src_gen.pdbx_host_org_variant              ? 
_entity_src_gen.pdbx_host_org_cell_line            ? 
_entity_src_gen.pdbx_host_org_atcc                 ? 
_entity_src_gen.pdbx_host_org_culture_collection   ? 
_entity_src_gen.pdbx_host_org_cell                 ? 
_entity_src_gen.pdbx_host_org_organelle            ? 
_entity_src_gen.pdbx_host_org_cellular_location    ? 
_entity_src_gen.pdbx_host_org_vector_type          ? 
_entity_src_gen.pdbx_host_org_vector               ? 
_entity_src_gen.host_org_details                   ? 
_entity_src_gen.expression_system_id               ? 
_entity_src_gen.plasmid_name                       ? 
_entity_src_gen.plasmid_details                    ? 
_entity_src_gen.pdbx_description                   ? 
# 
loop_
_chem_comp.id 
_chem_comp.type 
_chem_comp.mon_nstd_flag 
_chem_comp.name 
_chem_comp.pdbx_synonyms 
_chem_comp.formula 
_chem_comp.formula_weight 
ALA 'L-peptide linking' y ALANINE                      ? 'C3 H7 N O2'            89.093  
ARG 'L-peptide linking' y ARGININE                     ? 'C6 H15 N4 O2 1'        175.209 
ASN 'L-peptide linking' y ASPARAGINE                   ? 'C4 H8 N2 O3'           132.118 
ASP 'L-peptide linking' y 'ASPARTIC ACID'              ? 'C4 H7 N O4'            133.103 
CYS 'L-peptide linking' y CYSTEINE                     ? 'C3 H7 N O2 S'          121.158 
GLN 'L-peptide linking' y GLUTAMINE                    ? 'C5 H10 N2 O3'          146.144 
GLU 'L-peptide linking' y 'GLUTAMIC ACID'              ? 'C5 H9 N O4'            147.129 
GLY 'peptide linking'   y GLYCINE                      ? 'C2 H5 N O2'            75.067  
HIS 'L-peptide linking' y HISTIDINE                    ? 'C6 H10 N3 O2 1'        156.162 
HOH non-polymer         . WATER                        ? 'H2 O'                  18.015  
ILE 'L-peptide linking' y ISOLEUCINE                   ? 'C6 H13 N O2'           131.173 
LEU 'L-peptide linking' y LEUCINE                      ? 'C6 H13 N O2'           131.173 
LYS 'L-peptide linking' y LYSINE                       ? 'C6 H15 N2 O2 1'        147.195 
MET 'L-peptide linking' y METHIONINE                   ? 'C5 H11 N O2 S'         149.211 
OOE non-polymer         . "2',2'-difluoro-3',3'-cGAMP" 
;9-[(1~{R},6~{R},8~{R},9~{R},10~{R},15~{R},17~{R},18~{R})-17-(6-aminopurin-9-yl)-9,18-bis(fluoranyl)-3,12-bis(oxidanyl)- 3,12-bis(oxidanylidene)-2,4,7,11,13,16-hexaoxa-3$l^{5},12$l^{5}-diphosphatricyclo[13.3.0.0^{6,10}]octadecan-8-yl]-2-azan yl-1~{H}-purin-6-one
;
'C20 H22 F2 N10 O11 P2' 678.393 
PHE 'L-peptide linking' y PHENYLALANINE                ? 'C9 H11 N O2'           165.189 
PRO 'L-peptide linking' y PROLINE                      ? 'C5 H9 N O2'            115.130 
SER 'L-peptide linking' y SERINE                       ? 'C3 H7 N O3'            105.093 
THR 'L-peptide linking' y THREONINE                    ? 'C4 H9 N O3'            119.119 
TRP 'L-peptide linking' y TRYPTOPHAN                   ? 'C11 H12 N2 O2'         204.225 
TYR 'L-peptide linking' y TYROSINE                     ? 'C9 H11 N O3'           181.189 
VAL 'L-peptide linking' y VALINE                       ? 'C5 H11 N O2'           117.146 
# 
loop_
_pdbx_poly_seq_scheme.asym_id 
_pdbx_poly_seq_scheme.entity_id 
_pdbx_poly_seq_scheme.seq_id 
_pdbx_poly_seq_scheme.mon_id 
_pdbx_poly_seq_scheme.ndb_seq_num 
_pdbx_poly_seq_scheme.pdb_seq_num 
_pdbx_poly_seq_scheme.auth_seq_num 
_pdbx_poly_seq_scheme.pdb_mon_id 
_pdbx_poly_seq_scheme.auth_mon_id 
_pdbx_poly_seq_scheme.pdb_strand_id 
_pdbx_poly_seq_scheme.pdb_ins_code 
_pdbx_poly_seq_scheme.hetero 
A 1 1   ALA 1   140 ?   ?   ?   A . n 
A 1 2   PRO 2   141 ?   ?   ?   A . n 
A 1 3   ALA 3   142 ?   ?   ?   A . n 
A 1 4   GLU 4   143 ?   ?   ?   A . n 
A 1 5   ILE 5   144 ?   ?   ?   A . n 
A 1 6   SER 6   145 ?   ?   ?   A . n 
A 1 7   ALA 7   146 ?   ?   ?   A . n 
A 1 8   VAL 8   147 ?   ?   ?   A . n 
A 1 9   CYS 9   148 ?   ?   ?   A . n 
A 1 10  GLU 10  149 ?   ?   ?   A . n 
A 1 11  LYS 11  150 ?   ?   ?   A . n 
A 1 12  GLY 12  151 ?   ?   ?   A . n 
A 1 13  ASN 13  152 ?   ?   ?   A . n 
A 1 14  PHE 14  153 ?   ?   ?   A . n 
A 1 15  ASN 15  154 154 ASN ASN A . n 
A 1 16  VAL 16  155 155 VAL VAL A . n 
A 1 17  ALA 17  156 156 ALA ALA A . n 
A 1 18  HIS 18  157 157 HIS HIS A . n 
A 1 19  GLY 19  158 158 GLY GLY A . n 
A 1 20  LEU 20  159 159 LEU LEU A . n 
A 1 21  ALA 21  160 160 ALA ALA A . n 
A 1 22  TRP 22  161 161 TRP TRP A . n 
A 1 23  SER 23  162 162 SER SER A . n 
A 1 24  TYR 24  163 163 TYR TYR A . n 
A 1 25  TYR 25  164 164 TYR TYR A . n 
A 1 26  ILE 26  165 165 ILE ILE A . n 
A 1 27  GLY 27  166 166 GLY GLY A . n 
A 1 28  TYR 28  167 167 TYR TYR A . n 
A 1 29  LEU 29  168 168 LEU LEU A . n 
A 1 30  ARG 30  169 169 ARG ARG A . n 
A 1 31  LEU 31  170 170 LEU LEU A . n 
A 1 32  ILE 32  171 171 ILE ILE A . n 
A 1 33  LEU 33  172 172 LEU LEU A . n 
A 1 34  PRO 34  173 173 PRO PRO A . n 
A 1 35  GLU 35  174 174 GLU GLU A . n 
A 1 36  LEU 36  175 175 LEU LEU A . n 
A 1 37  GLN 37  176 176 GLN GLN A . n 
A 1 38  ALA 38  177 177 ALA ALA A . n 
A 1 39  ARG 39  178 178 ARG ARG A . n 
A 1 40  ILE 40  179 179 ILE ILE A . n 
A 1 41  ARG 41  180 180 ARG ARG A . n 
A 1 42  THR 42  181 181 THR THR A . n 
A 1 43  TYR 43  182 182 TYR TYR A . n 
A 1 44  ASN 44  183 183 ASN ASN A . n 
A 1 45  GLN 45  184 184 GLN GLN A . n 
A 1 46  HIS 46  185 185 HIS HIS A . n 
A 1 47  TYR 47  186 ?   ?   ?   A . n 
A 1 48  ASN 48  187 ?   ?   ?   A . n 
A 1 49  ASN 49  188 ?   ?   ?   A . n 
A 1 50  LEU 50  189 ?   ?   ?   A . n 
A 1 51  LEU 51  190 ?   ?   ?   A . n 
A 1 52  ARG 52  191 ?   ?   ?   A . n 
A 1 53  GLY 53  192 192 GLY GLY A . n 
A 1 54  ALA 54  193 193 ALA ALA A . n 
A 1 55  VAL 55  194 194 VAL VAL A . n 
A 1 56  SER 56  195 195 SER SER A . n 
A 1 57  GLN 57  196 196 GLN GLN A . n 
A 1 58  ARG 58  197 197 ARG ARG A . n 
A 1 59  LEU 59  198 198 LEU LEU A . n 
A 1 60  TYR 60  199 199 TYR TYR A . n 
A 1 61  ILE 61  200 200 ILE ILE A . n 
A 1 62  LEU 62  201 201 LEU LEU A . n 
A 1 63  LEU 63  202 202 LEU LEU A . n 
A 1 64  PRO 64  203 203 PRO PRO A . n 
A 1 65  LEU 65  204 204 LEU LEU A . n 
A 1 66  ASP 66  205 205 ASP ASP A . n 
A 1 67  CYS 67  206 206 CYS CYS A . n 
A 1 68  GLY 68  207 207 GLY GLY A . n 
A 1 69  VAL 69  208 208 VAL VAL A . n 
A 1 70  PRO 70  209 209 PRO PRO A . n 
A 1 71  ASP 71  210 210 ASP ASP A . n 
A 1 72  ASN 72  211 211 ASN ASN A . n 
A 1 73  LEU 73  212 212 LEU LEU A . n 
A 1 74  SER 74  213 213 SER SER A . n 
A 1 75  MET 75  214 214 MET MET A . n 
A 1 76  ALA 76  215 215 ALA ALA A . n 
A 1 77  ASP 77  216 216 ASP ASP A . n 
A 1 78  PRO 78  217 217 PRO PRO A . n 
A 1 79  ASN 79  218 218 ASN ASN A . n 
A 1 80  ILE 80  219 219 ILE ILE A . n 
A 1 81  ARG 81  220 220 ARG ARG A . n 
A 1 82  PHE 82  221 221 PHE PHE A . n 
A 1 83  LEU 83  222 222 LEU LEU A . n 
A 1 84  ASP 84  223 223 ASP ASP A . n 
A 1 85  LYS 85  224 224 LYS LYS A . n 
A 1 86  LEU 86  225 225 LEU LEU A . n 
A 1 87  PRO 87  226 226 PRO PRO A . n 
A 1 88  GLN 88  227 227 GLN GLN A . n 
A 1 89  GLN 89  228 228 GLN GLN A . n 
A 1 90  THR 90  229 229 THR THR A . n 
A 1 91  GLY 91  230 230 GLY GLY A . n 
A 1 92  ASP 92  231 231 ASP ASP A . n 
A 1 93  ARG 93  232 232 ARG ARG A . n 
A 1 94  ALA 94  233 233 ALA ALA A . n 
A 1 95  GLY 95  234 234 GLY GLY A . n 
A 1 96  ILE 96  235 235 ILE ILE A . n 
A 1 97  LYS 97  236 236 LYS LYS A . n 
A 1 98  ASP 98  237 237 ASP ASP A . n 
A 1 99  ARG 99  238 238 ARG ARG A . n 
A 1 100 VAL 100 239 239 VAL VAL A . n 
A 1 101 TYR 101 240 240 TYR TYR A . n 
A 1 102 SER 102 241 241 SER SER A . n 
A 1 103 ASN 103 242 242 ASN ASN A . n 
A 1 104 SER 104 243 243 SER SER A . n 
A 1 105 ILE 105 244 244 ILE ILE A . n 
A 1 106 TYR 106 245 245 TYR TYR A . n 
A 1 107 GLU 107 246 246 GLU GLU A . n 
A 1 108 LEU 108 247 247 LEU LEU A . n 
A 1 109 LEU 109 248 248 LEU LEU A . n 
A 1 110 GLU 110 249 249 GLU GLU A . n 
A 1 111 ASN 111 250 250 ASN ASN A . n 
A 1 112 GLY 112 251 251 GLY GLY A . n 
A 1 113 GLN 113 252 252 GLN GLN A . n 
A 1 114 ARG 114 253 253 ARG ARG A . n 
A 1 115 ALA 115 254 254 ALA ALA A . n 
A 1 116 GLY 116 255 255 GLY GLY A . n 
A 1 117 THR 117 256 256 THR THR A . n 
A 1 118 CYS 118 257 257 CYS CYS A . n 
A 1 119 VAL 119 258 258 VAL VAL A . n 
A 1 120 LEU 120 259 259 LEU LEU A . n 
A 1 121 GLU 121 260 260 GLU GLU A . n 
A 1 122 TYR 122 261 261 TYR TYR A . n 
A 1 123 ALA 123 262 262 ALA ALA A . n 
A 1 124 THR 124 263 263 THR THR A . n 
A 1 125 PRO 125 264 264 PRO PRO A . n 
A 1 126 LEU 126 265 265 LEU LEU A . n 
A 1 127 GLN 127 266 266 GLN GLN A . n 
A 1 128 THR 128 267 267 THR THR A . n 
A 1 129 LEU 129 268 268 LEU LEU A . n 
A 1 130 PHE 130 269 269 PHE PHE A . n 
A 1 131 ALA 131 270 270 ALA ALA A . n 
A 1 132 MET 132 271 271 MET MET A . n 
A 1 133 SER 133 272 272 SER SER A . n 
A 1 134 GLN 134 273 273 GLN GLN A . n 
A 1 135 TYR 135 274 274 TYR TYR A . n 
A 1 136 SER 136 275 275 SER SER A . n 
A 1 137 GLN 137 276 276 GLN GLN A . n 
A 1 138 ALA 138 277 277 ALA ALA A . n 
A 1 139 GLY 139 278 278 GLY GLY A . n 
A 1 140 PHE 140 279 279 PHE PHE A . n 
A 1 141 SER 141 280 280 SER SER A . n 
A 1 142 ARG 142 281 281 ARG ARG A . n 
A 1 143 GLU 143 282 282 GLU GLU A . n 
A 1 144 ASP 144 283 283 ASP ASP A . n 
A 1 145 ARG 145 284 284 ARG ARG A . n 
A 1 146 LEU 146 285 285 LEU LEU A . n 
A 1 147 GLU 147 286 286 GLU GLU A . n 
A 1 148 GLN 148 287 287 GLN GLN A . n 
A 1 149 ALA 149 288 288 ALA ALA A . n 
A 1 150 LYS 150 289 289 LYS LYS A . n 
A 1 151 LEU 151 290 290 LEU LEU A . n 
A 1 152 PHE 152 291 291 PHE PHE A . n 
A 1 153 CYS 153 292 292 CYS CYS A . n 
A 1 154 ARG 154 293 293 ARG ARG A . n 
A 1 155 THR 155 294 294 THR THR A . n 
A 1 156 LEU 156 295 295 LEU LEU A . n 
A 1 157 GLU 157 296 296 GLU GLU A . n 
A 1 158 ASP 158 297 297 ASP ASP A . n 
A 1 159 ILE 159 298 298 ILE ILE A . n 
A 1 160 LEU 160 299 299 LEU LEU A . n 
A 1 161 ALA 161 300 300 ALA ALA A . n 
A 1 162 ASP 162 301 301 ASP ASP A . n 
A 1 163 ALA 163 302 302 ALA ALA A . n 
A 1 164 PRO 164 303 303 PRO PRO A . n 
A 1 165 GLU 165 304 304 GLU GLU A . n 
A 1 166 SER 166 305 305 SER SER A . n 
A 1 167 GLN 167 306 306 GLN GLN A . n 
A 1 168 ASN 168 307 307 ASN ASN A . n 
A 1 169 ASN 169 308 308 ASN ASN A . n 
A 1 170 CYS 170 309 309 CYS CYS A . n 
A 1 171 ARG 171 310 310 ARG ARG A . n 
A 1 172 LEU 172 311 311 LEU LEU A . n 
A 1 173 ILE 173 312 312 ILE ILE A . n 
A 1 174 ALA 174 313 313 ALA ALA A . n 
A 1 175 TYR 175 314 314 TYR TYR A . n 
A 1 176 GLN 176 315 315 GLN GLN A . n 
A 1 177 GLU 177 316 316 GLU GLU A . n 
A 1 178 PRO 178 317 ?   ?   ?   A . n 
A 1 179 ALA 179 318 ?   ?   ?   A . n 
A 1 180 ASP 180 319 ?   ?   ?   A . n 
A 1 181 ASP 181 320 ?   ?   ?   A . n 
A 1 182 SER 182 321 ?   ?   ?   A . n 
A 1 183 SER 183 322 322 SER SER A . n 
A 1 184 PHE 184 323 323 PHE PHE A . n 
A 1 185 SER 185 324 324 SER SER A . n 
A 1 186 LEU 186 325 325 LEU LEU A . n 
A 1 187 SER 187 326 326 SER SER A . n 
A 1 188 GLN 188 327 327 GLN GLN A . n 
A 1 189 GLU 189 328 328 GLU GLU A . n 
A 1 190 VAL 190 329 329 VAL VAL A . n 
A 1 191 LEU 191 330 330 LEU LEU A . n 
A 1 192 ARG 192 331 331 ARG ARG A . n 
A 1 193 HIS 193 332 332 HIS HIS A . n 
A 1 194 LEU 194 333 333 LEU LEU A . n 
A 1 195 ARG 195 334 334 ARG ARG A . n 
A 1 196 GLN 196 335 335 GLN GLN A . n 
A 1 197 GLU 197 336 ?   ?   ?   A . n 
A 1 198 GLU 198 337 ?   ?   ?   A . n 
A 1 199 LYS 199 338 ?   ?   ?   A . n 
A 1 200 GLU 200 339 ?   ?   ?   A . n 
A 1 201 GLU 201 340 ?   ?   ?   A . n 
A 1 202 VAL 202 341 ?   ?   ?   A . n 
A 1 203 THR 203 342 ?   ?   ?   A . n 
A 1 204 VAL 204 343 ?   ?   ?   A . n 
# 
loop_
_pdbx_nonpoly_scheme.asym_id 
_pdbx_nonpoly_scheme.entity_id 
_pdbx_nonpoly_scheme.mon_id 
_pdbx_nonpoly_scheme.ndb_seq_num 
_pdbx_nonpoly_scheme.pdb_seq_num 
_pdbx_nonpoly_scheme.auth_seq_num 
_pdbx_nonpoly_scheme.pdb_mon_id 
_pdbx_nonpoly_scheme.auth_mon_id 
_pdbx_nonpoly_scheme.pdb_strand_id 
_pdbx_nonpoly_scheme.pdb_ins_code 
B 2 OOE 1 401 1  OOE sdf A . 
C 3 HOH 1 501 5  HOH HOH A . 
C 3 HOH 2 502 1  HOH HOH A . 
C 3 HOH 3 503 6  HOH HOH A . 
C 3 HOH 4 504 11 HOH HOH A . 
# 
loop_
_pdbx_unobs_or_zero_occ_atoms.id 
_pdbx_unobs_or_zero_occ_atoms.PDB_model_num 
_pdbx_unobs_or_zero_occ_atoms.polymer_flag 
_pdbx_unobs_or_zero_occ_atoms.occupancy_flag 
_pdbx_unobs_or_zero_occ_atoms.auth_asym_id 
_pdbx_unobs_or_zero_occ_atoms.auth_comp_id 
_pdbx_unobs_or_zero_occ_atoms.auth_seq_id 
_pdbx_unobs_or_zero_occ_atoms.PDB_ins_code 
_pdbx_unobs_or_zero_occ_atoms.auth_atom_id 
_pdbx_unobs_or_zero_occ_atoms.label_alt_id 
_pdbx_unobs_or_zero_occ_atoms.label_asym_id 
_pdbx_unobs_or_zero_occ_atoms.label_comp_id 
_pdbx_unobs_or_zero_occ_atoms.label_seq_id 
_pdbx_unobs_or_zero_occ_atoms.label_atom_id 
1  1 Y 1 A ASN 154 ? CB  ? A ASN 15  CB  
2  1 Y 1 A ASN 154 ? CG  ? A ASN 15  CG  
3  1 Y 1 A ASN 154 ? OD1 ? A ASN 15  OD1 
4  1 Y 1 A ASN 154 ? ND2 ? A ASN 15  ND2 
5  1 Y 1 A GLU 174 ? OE1 ? A GLU 35  OE1 
6  1 Y 1 A GLU 174 ? OE2 ? A GLU 35  OE2 
7  1 Y 1 A GLN 176 ? CD  ? A GLN 37  CD  
8  1 Y 1 A GLN 176 ? OE1 ? A GLN 37  OE1 
9  1 Y 1 A GLN 176 ? NE2 ? A GLN 37  NE2 
10 1 Y 1 A ARG 180 ? CD  ? A ARG 41  CD  
11 1 Y 1 A ARG 180 ? NE  ? A ARG 41  NE  
12 1 Y 1 A ARG 180 ? CZ  ? A ARG 41  CZ  
13 1 Y 1 A ARG 180 ? NH1 ? A ARG 41  NH1 
14 1 Y 1 A ARG 180 ? NH2 ? A ARG 41  NH2 
15 1 Y 1 A GLY 192 ? N   ? A GLY 53  N   
16 1 Y 1 A GLY 192 ? CA  ? A GLY 53  CA  
17 1 Y 1 A GLN 196 ? CG  ? A GLN 57  CG  
18 1 Y 1 A GLN 196 ? CD  ? A GLN 57  CD  
19 1 Y 1 A GLN 196 ? OE1 ? A GLN 57  OE1 
20 1 Y 1 A GLN 196 ? NE2 ? A GLN 57  NE2 
21 1 Y 1 A ARG 197 ? CZ  ? A ARG 58  CZ  
22 1 Y 1 A ARG 197 ? NH1 ? A ARG 58  NH1 
23 1 Y 1 A ARG 197 ? NH2 ? A ARG 58  NH2 
24 1 Y 1 A MET 214 ? CG  ? A MET 75  CG  
25 1 Y 1 A MET 214 ? SD  ? A MET 75  SD  
26 1 Y 1 A MET 214 ? CE  ? A MET 75  CE  
27 1 Y 1 A LYS 224 ? NZ  ? A LYS 85  NZ  
28 1 Y 1 A LYS 236 ? CB  ? A LYS 97  CB  
29 1 Y 1 A LYS 236 ? CG  ? A LYS 97  CG  
30 1 Y 1 A LYS 236 ? CD  ? A LYS 97  CD  
31 1 Y 1 A LYS 236 ? CE  ? A LYS 97  CE  
32 1 Y 1 A LYS 236 ? NZ  ? A LYS 97  NZ  
33 1 Y 1 A ASN 250 ? OD1 ? A ASN 111 OD1 
34 1 Y 1 A ASN 250 ? ND2 ? A ASN 111 ND2 
35 1 Y 1 A GLN 273 ? CD  ? A GLN 134 CD  
36 1 Y 1 A GLN 273 ? OE1 ? A GLN 134 OE1 
37 1 Y 1 A GLN 273 ? NE2 ? A GLN 134 NE2 
38 1 Y 1 A ARG 281 ? CG  ? A ARG 142 CG  
39 1 Y 1 A ARG 281 ? CD  ? A ARG 142 CD  
40 1 Y 1 A ARG 281 ? NE  ? A ARG 142 NE  
41 1 Y 1 A ARG 281 ? CZ  ? A ARG 142 CZ  
42 1 Y 1 A ARG 281 ? NH1 ? A ARG 142 NH1 
43 1 Y 1 A ARG 281 ? NH2 ? A ARG 142 NH2 
44 1 Y 1 A GLU 286 ? CG  ? A GLU 147 CG  
45 1 Y 1 A GLU 286 ? CD  ? A GLU 147 CD  
46 1 Y 1 A GLU 286 ? OE1 ? A GLU 147 OE1 
47 1 Y 1 A GLU 286 ? OE2 ? A GLU 147 OE2 
48 1 Y 1 A ARG 293 ? NH1 ? A ARG 154 NH1 
49 1 Y 1 A ARG 293 ? NH2 ? A ARG 154 NH2 
50 1 Y 1 A GLU 296 ? CG  ? A GLU 157 CG  
51 1 Y 1 A GLU 296 ? CD  ? A GLU 157 CD  
52 1 Y 1 A GLU 296 ? OE1 ? A GLU 157 OE1 
53 1 Y 1 A GLU 296 ? OE2 ? A GLU 157 OE2 
54 1 Y 1 A SER 305 ? OG  ? A SER 166 OG  
55 1 Y 1 A GLN 306 ? CB  ? A GLN 167 CB  
56 1 Y 1 A GLN 306 ? CG  ? A GLN 167 CG  
57 1 Y 1 A GLN 306 ? CD  ? A GLN 167 CD  
58 1 Y 1 A GLN 306 ? OE1 ? A GLN 167 OE1 
59 1 Y 1 A GLN 306 ? NE2 ? A GLN 167 NE2 
60 1 Y 1 A ASN 307 ? CG  ? A ASN 168 CG  
61 1 Y 1 A ASN 307 ? OD1 ? A ASN 168 OD1 
62 1 Y 1 A ASN 307 ? ND2 ? A ASN 168 ND2 
63 1 Y 1 A SER 322 ? N   ? A SER 183 N   
64 1 Y 1 A SER 322 ? CB  ? A SER 183 CB  
65 1 Y 1 A SER 322 ? OG  ? A SER 183 OG  
66 1 Y 1 A ARG 331 ? CG  ? A ARG 192 CG  
67 1 Y 1 A ARG 331 ? CD  ? A ARG 192 CD  
68 1 Y 1 A ARG 331 ? NE  ? A ARG 192 NE  
69 1 Y 1 A ARG 331 ? CZ  ? A ARG 192 CZ  
70 1 Y 1 A ARG 331 ? NH1 ? A ARG 192 NH1 
71 1 Y 1 A ARG 331 ? NH2 ? A ARG 192 NH2 
72 1 Y 1 A GLN 335 ? CG  ? A GLN 196 CG  
73 1 Y 1 A GLN 335 ? CD  ? A GLN 196 CD  
74 1 Y 1 A GLN 335 ? OE1 ? A GLN 196 OE1 
75 1 Y 1 A GLN 335 ? NE2 ? A GLN 196 NE2 
# 
loop_
_software.citation_id 
_software.classification 
_software.compiler_name 
_software.compiler_version 
_software.contact_author 
_software.contact_author_email 
_software.date 
_software.description 
_software.dependencies 
_software.hardware 
_software.language 
_software.location 
_software.mods 
_software.name 
_software.os 
_software.os_version 
_software.type 
_software.version 
_software.pdbx_ordinal 
? 'data reduction'  ? ? 'Wolfgang Kabsch' Wolfgang.Kabsch@mpimf-heidelberg.mpg.de ?              ? ? ? ?   
http://www.mpimf-heidelberg.mpg.de/~kabsch/xds/                             ? XDS         ? ? package .         1 
? 'data scaling'    ? ? 'Wolfgang Kabsch' ?                                       ?              ? ? ? ?   
http://www.mpimf-heidelberg.mpg.de/~kabsch/xds/html_doc/xscale_program.html ? XSCALE      ? ? package .         2 
? phasing           ? ? 'Randy J. Read'   cimr-phaser@lists.cam.ac.uk             ?              ? ? ? ?   
http://www-structmed.cimr.cam.ac.uk/phaser/                                 ? PHASER      ? ? program .         3 
? refinement        ? ? 'Paul D. Adams'   PDAdams@lbl.gov                         ?              ? ? ? C++ 
http://www.phenix-online.org/                                               ? PHENIX      ? ? package 1.14_3260 4 
? 'data extraction' ? ? PDB               deposit@deposit.rcsb.org                'Apr. 1, 2019' ? ? ? C++ 
http://sw-tools.pdb.org/apps/PDB_EXTRACT/                                   ? PDB_EXTRACT ? ? package 3.25      5 
# 
_cell.angle_alpha                  90.000 
_cell.angle_alpha_esd              ? 
_cell.angle_beta                   90.000 
_cell.angle_beta_esd               ? 
_cell.angle_gamma                  90.000 
_cell.angle_gamma_esd              ? 
_cell.entry_id                     6YEA 
_cell.details                      ? 
_cell.formula_units_Z              ? 
_cell.length_a                     110.948 
_cell.length_a_esd                 ? 
_cell.length_b                     110.948 
_cell.length_b_esd                 ? 
_cell.length_c                     35.586 
_cell.length_c_esd                 ? 
_cell.volume                       ? 
_cell.volume_esd                   ? 
_cell.Z_PDB                        8 
_cell.reciprocal_angle_alpha       ? 
_cell.reciprocal_angle_beta        ? 
_cell.reciprocal_angle_gamma       ? 
_cell.reciprocal_angle_alpha_esd   ? 
_cell.reciprocal_angle_beta_esd    ? 
_cell.reciprocal_angle_gamma_esd   ? 
_cell.reciprocal_length_a          ? 
_cell.reciprocal_length_b          ? 
_cell.reciprocal_length_c          ? 
_cell.reciprocal_length_a_esd      ? 
_cell.reciprocal_length_b_esd      ? 
_cell.reciprocal_length_c_esd      ? 
_cell.pdbx_unique_axis             ? 
# 
_symmetry.entry_id                         6YEA 
_symmetry.cell_setting                     ? 
_symmetry.Int_Tables_number                92 
_symmetry.space_group_name_Hall            ? 
_symmetry.space_group_name_H-M             'P 41 21 2' 
_symmetry.pdbx_full_space_group_name_H-M   ? 
# 
_exptl.absorpt_coefficient_mu     ? 
_exptl.absorpt_correction_T_max   ? 
_exptl.absorpt_correction_T_min   ? 
_exptl.absorpt_correction_type    ? 
_exptl.absorpt_process_details    ? 
_exptl.entry_id                   6YEA 
_exptl.crystals_number            1 
_exptl.details                    ? 
_exptl.method                     'X-RAY DIFFRACTION' 
_exptl.method_details             ? 
# 
_exptl_crystal.colour                      ? 
_exptl_crystal.density_diffrn              ? 
_exptl_crystal.density_Matthews            2.36 
_exptl_crystal.density_method              ? 
_exptl_crystal.density_percent_sol         47.91 
_exptl_crystal.description                 ? 
_exptl_crystal.F_000                       ? 
_exptl_crystal.id                          1 
_exptl_crystal.preparation                 ? 
_exptl_crystal.size_max                    ? 
_exptl_crystal.size_mid                    ? 
_exptl_crystal.size_min                    ? 
_exptl_crystal.size_rad                    ? 
_exptl_crystal.colour_lustre               ? 
_exptl_crystal.colour_modifier             ? 
_exptl_crystal.colour_primary              ? 
_exptl_crystal.density_meas                ? 
_exptl_crystal.density_meas_esd            ? 
_exptl_crystal.density_meas_gt             ? 
_exptl_crystal.density_meas_lt             ? 
_exptl_crystal.density_meas_temp           ? 
_exptl_crystal.density_meas_temp_esd       ? 
_exptl_crystal.density_meas_temp_gt        ? 
_exptl_crystal.density_meas_temp_lt        ? 
_exptl_crystal.pdbx_crystal_image_url      ? 
_exptl_crystal.pdbx_crystal_image_format   ? 
_exptl_crystal.pdbx_mosaicity              ? 
_exptl_crystal.pdbx_mosaicity_esd          ? 
# 
_exptl_crystal_grow.apparatus       ? 
_exptl_crystal_grow.atmosphere      ? 
_exptl_crystal_grow.crystal_id      1 
_exptl_crystal_grow.details         ? 
_exptl_crystal_grow.method          'VAPOR DIFFUSION, SITTING DROP' 
_exptl_crystal_grow.method_ref      ? 
_exptl_crystal_grow.pH              ? 
_exptl_crystal_grow.pressure        ? 
_exptl_crystal_grow.pressure_esd    ? 
_exptl_crystal_grow.seeding         ? 
_exptl_crystal_grow.seeding_ref     ? 
_exptl_crystal_grow.temp            291 
_exptl_crystal_grow.temp_details    ? 
_exptl_crystal_grow.temp_esd        ? 
_exptl_crystal_grow.time            ? 
_exptl_crystal_grow.pdbx_details    
;12.5% w/v PEG 1000, 12.5% w/v PEG 3350, 12.5% v/v MPD, 0.2M d-glucose, 0.2M d-mannose, 0.2M d-galactose, 0.2M l-fucose, 0.2M d-xylose, 0.2M N-acetyl-d-glucosamine, 0.1M bicine/Trizma base pH 8.5
;
_exptl_crystal_grow.pdbx_pH_range   ? 
# 
_diffrn.ambient_environment              ? 
_diffrn.ambient_temp                     100 
_diffrn.ambient_temp_details             ? 
_diffrn.ambient_temp_esd                 ? 
_diffrn.crystal_id                       1 
_diffrn.crystal_support                  ? 
_diffrn.crystal_treatment                ? 
_diffrn.details                          ? 
_diffrn.id                               1 
_diffrn.ambient_pressure                 ? 
_diffrn.ambient_pressure_esd             ? 
_diffrn.ambient_pressure_gt              ? 
_diffrn.ambient_pressure_lt              ? 
_diffrn.ambient_temp_gt                  ? 
_diffrn.ambient_temp_lt                  ? 
_diffrn.pdbx_serial_crystal_experiment   N 
# 
_diffrn_detector.details                      ? 
_diffrn_detector.detector                     PIXEL 
_diffrn_detector.diffrn_id                    1 
_diffrn_detector.type                         'DECTRIS PILATUS 6M' 
_diffrn_detector.area_resol_mean              ? 
_diffrn_detector.dtime                        ? 
_diffrn_detector.pdbx_frames_total            ? 
_diffrn_detector.pdbx_collection_time_total   ? 
_diffrn_detector.pdbx_collection_date         2018-01-25 
_diffrn_detector.pdbx_frequency               ? 
# 
_diffrn_radiation.collimation                      ? 
_diffrn_radiation.diffrn_id                        1 
_diffrn_radiation.filter_edge                      ? 
_diffrn_radiation.inhomogeneity                    ? 
_diffrn_radiation.monochromator                    ? 
_diffrn_radiation.polarisn_norm                    ? 
_diffrn_radiation.polarisn_ratio                   ? 
_diffrn_radiation.probe                            ? 
_diffrn_radiation.type                             ? 
_diffrn_radiation.xray_symbol                      ? 
_diffrn_radiation.wavelength_id                    1 
_diffrn_radiation.pdbx_monochromatic_or_laue_m_l   M 
_diffrn_radiation.pdbx_wavelength_list             ? 
_diffrn_radiation.pdbx_wavelength                  ? 
_diffrn_radiation.pdbx_diffrn_protocol             'SINGLE WAVELENGTH' 
_diffrn_radiation.pdbx_analyzer                    ? 
_diffrn_radiation.pdbx_scattering_type             x-ray 
# 
_diffrn_radiation_wavelength.id           1 
_diffrn_radiation_wavelength.wavelength   0.9184 
_diffrn_radiation_wavelength.wt           1.0 
# 
_diffrn_source.current                     ? 
_diffrn_source.details                     ? 
_diffrn_source.diffrn_id                   1 
_diffrn_source.power                       ? 
_diffrn_source.size                        ? 
_diffrn_source.source                      SYNCHROTRON 
_diffrn_source.target                      ? 
_diffrn_source.type                        'BESSY BEAMLINE 14.1' 
_diffrn_source.voltage                     ? 
_diffrn_source.take-off_angle              ? 
_diffrn_source.pdbx_wavelength_list        0.9184 
_diffrn_source.pdbx_wavelength             ? 
_diffrn_source.pdbx_synchrotron_beamline   14.1 
_diffrn_source.pdbx_synchrotron_site       BESSY 
# 
_reflns.B_iso_Wilson_estimate            ? 
_reflns.entry_id                         6YEA 
_reflns.data_reduction_details           ? 
_reflns.data_reduction_method            ? 
_reflns.d_resolution_high                2.8 
_reflns.d_resolution_low                 35.085 
_reflns.details                          ? 
_reflns.limit_h_max                      ? 
_reflns.limit_h_min                      ? 
_reflns.limit_k_max                      ? 
_reflns.limit_k_min                      ? 
_reflns.limit_l_max                      ? 
_reflns.limit_l_min                      ? 
_reflns.number_all                       ? 
_reflns.number_obs                       5820 
_reflns.observed_criterion               ? 
_reflns.observed_criterion_F_max         ? 
_reflns.observed_criterion_F_min         ? 
_reflns.observed_criterion_I_max         ? 
_reflns.observed_criterion_I_min         ? 
_reflns.observed_criterion_sigma_F       ? 
_reflns.observed_criterion_sigma_I       ? 
_reflns.percent_possible_obs             99.74 
_reflns.R_free_details                   ? 
_reflns.Rmerge_F_all                     ? 
_reflns.Rmerge_F_obs                     ? 
_reflns.Friedel_coverage                 ? 
_reflns.number_gt                        ? 
_reflns.threshold_expression             ? 
_reflns.pdbx_redundancy                  14.0 
_reflns.pdbx_Rmerge_I_obs                ? 
_reflns.pdbx_Rmerge_I_all                ? 
_reflns.pdbx_Rsym_value                  ? 
_reflns.pdbx_netI_over_av_sigmaI         ? 
_reflns.pdbx_netI_over_sigmaI            7.1 
_reflns.pdbx_res_netI_over_av_sigmaI_2   ? 
_reflns.pdbx_res_netI_over_sigmaI_2      ? 
_reflns.pdbx_chi_squared                 ? 
_reflns.pdbx_scaling_rejects             ? 
_reflns.pdbx_d_res_high_opt              ? 
_reflns.pdbx_d_res_low_opt               ? 
_reflns.pdbx_d_res_opt_method            ? 
_reflns.phase_calculation_details        ? 
_reflns.pdbx_Rrim_I_all                  ? 
_reflns.pdbx_Rpim_I_all                  ? 
_reflns.pdbx_d_opt                       ? 
_reflns.pdbx_number_measured_all         ? 
_reflns.pdbx_diffrn_id                   1 
_reflns.pdbx_ordinal                     1 
_reflns.pdbx_CC_half                     0.989 
_reflns.pdbx_CC_star                     ? 
_reflns.pdbx_R_split                     ? 
# 
_reflns_shell.d_res_high                  2.8 
_reflns_shell.d_res_low                   2.906 
_reflns_shell.meanI_over_sigI_all         ? 
_reflns_shell.meanI_over_sigI_obs         0.86 
_reflns_shell.number_measured_all         ? 
_reflns_shell.number_measured_obs         ? 
_reflns_shell.number_possible             ? 
_reflns_shell.number_unique_all           ? 
_reflns_shell.number_unique_obs           554 
_reflns_shell.percent_possible_all        ? 
_reflns_shell.percent_possible_obs        ? 
_reflns_shell.Rmerge_F_all                ? 
_reflns_shell.Rmerge_F_obs                ? 
_reflns_shell.Rmerge_I_all                ? 
_reflns_shell.Rmerge_I_obs                ? 
_reflns_shell.meanI_over_sigI_gt          ? 
_reflns_shell.meanI_over_uI_all           ? 
_reflns_shell.meanI_over_uI_gt            ? 
_reflns_shell.number_measured_gt          ? 
_reflns_shell.number_unique_gt            ? 
_reflns_shell.percent_possible_gt         ? 
_reflns_shell.Rmerge_F_gt                 ? 
_reflns_shell.Rmerge_I_gt                 ? 
_reflns_shell.pdbx_redundancy             ? 
_reflns_shell.pdbx_Rsym_value             ? 
_reflns_shell.pdbx_chi_squared            ? 
_reflns_shell.pdbx_netI_over_sigmaI_all   ? 
_reflns_shell.pdbx_netI_over_sigmaI_obs   ? 
_reflns_shell.pdbx_Rrim_I_all             ? 
_reflns_shell.pdbx_Rpim_I_all             ? 
_reflns_shell.pdbx_rejects                ? 
_reflns_shell.pdbx_ordinal                1 
_reflns_shell.pdbx_diffrn_id              1 
_reflns_shell.pdbx_CC_half                0.465 
_reflns_shell.pdbx_CC_star                ? 
_reflns_shell.pdbx_R_split                ? 
# 
_refine.aniso_B[1][1]                            ? 
_refine.aniso_B[1][2]                            ? 
_refine.aniso_B[1][3]                            ? 
_refine.aniso_B[2][2]                            ? 
_refine.aniso_B[2][3]                            ? 
_refine.aniso_B[3][3]                            ? 
_refine.B_iso_max                                104.000 
_refine.B_iso_mean                               51.4981 
_refine.B_iso_min                                25.900 
_refine.correlation_coeff_Fo_to_Fc               ? 
_refine.correlation_coeff_Fo_to_Fc_free          ? 
_refine.details                                  ? 
_refine.diff_density_max                         ? 
_refine.diff_density_max_esd                     ? 
_refine.diff_density_min                         ? 
_refine.diff_density_min_esd                     ? 
_refine.diff_density_rms                         ? 
_refine.diff_density_rms_esd                     ? 
_refine.entry_id                                 6YEA 
_refine.pdbx_refine_id                           'X-RAY DIFFRACTION' 
_refine.ls_abs_structure_details                 ? 
_refine.ls_abs_structure_Flack                   ? 
_refine.ls_abs_structure_Flack_esd               ? 
_refine.ls_abs_structure_Rogers                  ? 
_refine.ls_abs_structure_Rogers_esd              ? 
_refine.ls_d_res_high                            2.8050 
_refine.ls_d_res_low                             35.0850 
_refine.ls_extinction_coef                       ? 
_refine.ls_extinction_coef_esd                   ? 
_refine.ls_extinction_expression                 ? 
_refine.ls_extinction_method                     ? 
_refine.ls_goodness_of_fit_all                   ? 
_refine.ls_goodness_of_fit_all_esd               ? 
_refine.ls_goodness_of_fit_obs                   ? 
_refine.ls_goodness_of_fit_obs_esd               ? 
_refine.ls_hydrogen_treatment                    ? 
_refine.ls_matrix_type                           ? 
_refine.ls_number_constraints                    ? 
_refine.ls_number_parameters                     ? 
_refine.ls_number_reflns_all                     ? 
_refine.ls_number_reflns_obs                     5815 
_refine.ls_number_reflns_R_free                  291 
_refine.ls_number_reflns_R_work                  ? 
_refine.ls_number_restraints                     ? 
_refine.ls_percent_reflns_obs                    99.7100 
_refine.ls_percent_reflns_R_free                 5.0000 
_refine.ls_R_factor_all                          ? 
_refine.ls_R_factor_obs                          0.2096 
_refine.ls_R_factor_R_free                       0.2351 
_refine.ls_R_factor_R_free_error                 ? 
_refine.ls_R_factor_R_free_error_details         ? 
_refine.ls_R_factor_R_work                       0.2081 
_refine.ls_R_Fsqd_factor_obs                     ? 
_refine.ls_R_I_factor_obs                        ? 
_refine.ls_redundancy_reflns_all                 ? 
_refine.ls_redundancy_reflns_obs                 ? 
_refine.ls_restrained_S_all                      ? 
_refine.ls_restrained_S_obs                      ? 
_refine.ls_shift_over_esd_max                    ? 
_refine.ls_shift_over_esd_mean                   ? 
_refine.ls_structure_factor_coef                 ? 
_refine.ls_weighting_details                     ? 
_refine.ls_weighting_scheme                      ? 
_refine.ls_wR_factor_all                         ? 
_refine.ls_wR_factor_obs                         ? 
_refine.ls_wR_factor_R_free                      ? 
_refine.ls_wR_factor_R_work                      ? 
_refine.occupancy_max                            ? 
_refine.occupancy_min                            ? 
_refine.solvent_model_details                    ? 
_refine.solvent_model_param_bsol                 ? 
_refine.solvent_model_param_ksol                 ? 
_refine.pdbx_R_complete                          ? 
_refine.ls_R_factor_gt                           ? 
_refine.ls_goodness_of_fit_gt                    ? 
_refine.ls_goodness_of_fit_ref                   ? 
_refine.ls_shift_over_su_max                     ? 
_refine.ls_shift_over_su_max_lt                  ? 
_refine.ls_shift_over_su_mean                    ? 
_refine.ls_shift_over_su_mean_lt                 ? 
_refine.pdbx_ls_sigma_I                          ? 
_refine.pdbx_ls_sigma_F                          1.340 
_refine.pdbx_ls_sigma_Fsqd                       ? 
_refine.pdbx_data_cutoff_high_absF               ? 
_refine.pdbx_data_cutoff_high_rms_absF           ? 
_refine.pdbx_data_cutoff_low_absF                ? 
_refine.pdbx_isotropic_thermal_model             ? 
_refine.pdbx_ls_cross_valid_method               THROUGHOUT 
_refine.pdbx_method_to_determine_struct          'MOLECULAR REPLACEMENT' 
_refine.pdbx_starting_model                      4KSY 
_refine.pdbx_stereochemistry_target_values       ? 
_refine.pdbx_R_Free_selection_details            ? 
_refine.pdbx_stereochem_target_val_spec_case     ? 
_refine.pdbx_overall_ESU_R                       ? 
_refine.pdbx_overall_ESU_R_Free                  ? 
_refine.pdbx_solvent_vdw_probe_radii             1.1100 
_refine.pdbx_solvent_ion_probe_radii             ? 
_refine.pdbx_solvent_shrinkage_radii             0.9000 
_refine.pdbx_real_space_R                        ? 
_refine.pdbx_density_correlation                 ? 
_refine.pdbx_pd_number_of_powder_patterns        ? 
_refine.pdbx_pd_number_of_points                 ? 
_refine.pdbx_pd_meas_number_of_points            ? 
_refine.pdbx_pd_proc_ls_prof_R_factor            ? 
_refine.pdbx_pd_proc_ls_prof_wR_factor           ? 
_refine.pdbx_pd_Marquardt_correlation_coeff      ? 
_refine.pdbx_pd_Fsqrd_R_factor                   ? 
_refine.pdbx_pd_ls_matrix_band_width             ? 
_refine.pdbx_overall_phase_error                 16.9000 
_refine.pdbx_overall_SU_R_free_Cruickshank_DPI   ? 
_refine.pdbx_overall_SU_R_free_Blow_DPI          ? 
_refine.pdbx_overall_SU_R_Blow_DPI               ? 
_refine.pdbx_TLS_residual_ADP_flag               ? 
_refine.pdbx_diffrn_id                           1 
_refine.overall_SU_B                             ? 
_refine.overall_SU_ML                            0.2900 
_refine.overall_SU_R_Cruickshank_DPI             ? 
_refine.overall_SU_R_free                        ? 
_refine.overall_FOM_free_R_set                   ? 
_refine.overall_FOM_work_R_set                   ? 
_refine.pdbx_average_fsc_overall                 ? 
_refine.pdbx_average_fsc_work                    ? 
_refine.pdbx_average_fsc_free                    ? 
# 
_refine_hist.pdbx_refine_id                   'X-RAY DIFFRACTION' 
_refine_hist.cycle_id                         final 
_refine_hist.details                          ? 
_refine_hist.d_res_high                       2.8050 
_refine_hist.d_res_low                        35.0850 
_refine_hist.number_atoms_solvent             4 
_refine_hist.number_atoms_total               1369 
_refine_hist.number_reflns_all                ? 
_refine_hist.number_reflns_obs                ? 
_refine_hist.number_reflns_R_free             ? 
_refine_hist.number_reflns_R_work             ? 
_refine_hist.R_factor_all                     ? 
_refine_hist.R_factor_obs                     ? 
_refine_hist.R_factor_R_free                  ? 
_refine_hist.R_factor_R_work                  ? 
_refine_hist.pdbx_number_residues_total       171 
_refine_hist.pdbx_B_iso_mean_ligand           46.26 
_refine_hist.pdbx_B_iso_mean_solvent          46.64 
_refine_hist.pdbx_number_atoms_protein        1300 
_refine_hist.pdbx_number_atoms_nucleic_acid   0 
_refine_hist.pdbx_number_atoms_ligand         65 
_refine_hist.pdbx_number_atoms_lipid          ? 
_refine_hist.pdbx_number_atoms_carb           ? 
_refine_hist.pdbx_pseudo_atom_details         ? 
# 
loop_
_refine_ls_shell.pdbx_refine_id 
_refine_ls_shell.d_res_high 
_refine_ls_shell.d_res_low 
_refine_ls_shell.number_reflns_all 
_refine_ls_shell.number_reflns_obs 
_refine_ls_shell.number_reflns_R_free 
_refine_ls_shell.number_reflns_R_work 
_refine_ls_shell.percent_reflns_obs 
_refine_ls_shell.percent_reflns_R_free 
_refine_ls_shell.R_factor_all 
_refine_ls_shell.R_factor_obs 
_refine_ls_shell.R_factor_R_free 
_refine_ls_shell.R_factor_R_free_error 
_refine_ls_shell.R_factor_R_work 
_refine_ls_shell.redundancy_reflns_all 
_refine_ls_shell.redundancy_reflns_obs 
_refine_ls_shell.wR_factor_all 
_refine_ls_shell.wR_factor_obs 
_refine_ls_shell.wR_factor_R_free 
_refine_ls_shell.wR_factor_R_work 
_refine_ls_shell.pdbx_R_complete 
_refine_ls_shell.pdbx_total_number_of_bins_used 
_refine_ls_shell.pdbx_phase_error 
_refine_ls_shell.pdbx_fsc_work 
_refine_ls_shell.pdbx_fsc_free 
'X-RAY DIFFRACTION' 2.805  3.5329 . . 141 2688 100.0000 . . . 0.3197 0.0000 0.2433 . . . . . . . . . . . 
'X-RAY DIFFRACTION' 3.5329 35.08  . . 150 2836 100.0000 . . . 0.2012 0.0000 0.1939 . . . . . . . . . . . 
# 
_struct.entry_id                     6YEA 
_struct.title                        
;Human wtSTING in complex with 2',2'-difluoro-3',3'-cGAMP
;
_struct.pdbx_model_details           ? 
_struct.pdbx_formula_weight          ? 
_struct.pdbx_formula_weight_method   ? 
_struct.pdbx_model_type_details      ? 
_struct.pdbx_CASP_flag               N 
# 
_struct_keywords.entry_id        6YEA 
_struct_keywords.text            'innate immune system, cyclic dinucleotide, STING, PROTEIN BINDING' 
_struct_keywords.pdbx_keywords   'PROTEIN BINDING' 
# 
loop_
_struct_asym.id 
_struct_asym.pdbx_blank_PDB_chainid_flag 
_struct_asym.pdbx_modified 
_struct_asym.entity_id 
_struct_asym.details 
A N N 1 ? 
B N N 2 ? 
C N N 3 ? 
# 
_struct_ref.id                         1 
_struct_ref.db_name                    UNP 
_struct_ref.db_code                    A0A2R3XZB7_HUMAN 
_struct_ref.pdbx_db_accession          A0A2R3XZB7 
_struct_ref.pdbx_db_isoform            ? 
_struct_ref.entity_id                  1 
_struct_ref.pdbx_seq_one_letter_code   
;APAEISAVCEKGNFNVAHGLAWSYYIGYLRLILPELQARIRTYNQHYNNLLRGAVSQRLYILLPLDCGVPDNLSMADPNI
RFLDKLPQQTGDRAGIKDRVYSNSIYELLENGQRAGTCVLEYATPLQTLFAMSQYSQAGFSREDRLEQAKLFCRTLEDIL
ADAPESQNNCRLIAYQEPADDSSFSLSQEVLRHLRQEEKEEVTV
;
_struct_ref.pdbx_align_begin           140 
# 
_struct_ref_seq.align_id                      1 
_struct_ref_seq.ref_id                        1 
_struct_ref_seq.pdbx_PDB_id_code              6YEA 
_struct_ref_seq.pdbx_strand_id                A 
_struct_ref_seq.seq_align_beg                 1 
_struct_ref_seq.pdbx_seq_align_beg_ins_code   ? 
_struct_ref_seq.seq_align_end                 204 
_struct_ref_seq.pdbx_seq_align_end_ins_code   ? 
_struct_ref_seq.pdbx_db_accession             A0A2R3XZB7 
_struct_ref_seq.db_align_beg                  140 
_struct_ref_seq.pdbx_db_align_beg_ins_code    ? 
_struct_ref_seq.db_align_end                  343 
_struct_ref_seq.pdbx_db_align_end_ins_code    ? 
_struct_ref_seq.pdbx_auth_seq_align_beg       140 
_struct_ref_seq.pdbx_auth_seq_align_end       343 
# 
_pdbx_struct_assembly.id                   1 
_pdbx_struct_assembly.details              author_and_software_defined_assembly 
_pdbx_struct_assembly.method_details       PISA 
_pdbx_struct_assembly.oligomeric_details   dimeric 
_pdbx_struct_assembly.oligomeric_count     2 
# 
loop_
_pdbx_struct_assembly_prop.biol_id 
_pdbx_struct_assembly_prop.type 
_pdbx_struct_assembly_prop.value 
_pdbx_struct_assembly_prop.details 
1 'ABSA (A^2)' 3990  ? 
1 MORE         -16   ? 
1 'SSA (A^2)'  14200 ? 
# 
_pdbx_struct_assembly_gen.assembly_id       1 
_pdbx_struct_assembly_gen.oper_expression   1,2 
_pdbx_struct_assembly_gen.asym_id_list      A,B,C 
# 
_pdbx_struct_assembly_auth_evidence.id                     1 
_pdbx_struct_assembly_auth_evidence.assembly_id            1 
_pdbx_struct_assembly_auth_evidence.experimental_support   'gel filtration' 
_pdbx_struct_assembly_auth_evidence.details                ? 
# 
loop_
_pdbx_struct_oper_list.id 
_pdbx_struct_oper_list.type 
_pdbx_struct_oper_list.name 
_pdbx_struct_oper_list.symmetry_operation 
_pdbx_struct_oper_list.matrix[1][1] 
_pdbx_struct_oper_list.matrix[1][2] 
_pdbx_struct_oper_list.matrix[1][3] 
_pdbx_struct_oper_list.vector[1] 
_pdbx_struct_oper_list.matrix[2][1] 
_pdbx_struct_oper_list.matrix[2][2] 
_pdbx_struct_oper_list.matrix[2][3] 
_pdbx_struct_oper_list.vector[2] 
_pdbx_struct_oper_list.matrix[3][1] 
_pdbx_struct_oper_list.matrix[3][2] 
_pdbx_struct_oper_list.matrix[3][3] 
_pdbx_struct_oper_list.vector[3] 
1 'identity operation'         1_555 x,y,z        1.0000000000  0.0000000000  0.0000000000  0.0000000000  0.0000000000  1.0000000000 0.0000000000 0.0000000000  0.0000000000  0.0000000000 1.0000000000  0.0000000000  
2 'crystal symmetry operation' 8_554 -y,-x,-z-1/2 -0.8523226027 -0.4890013585 -0.1855366601 14.8231791968 -0.4890013585 0.6192209035 0.6143640159 -3.1924400463 -0.1855366601 0.6143640159 -0.7668983007 20.2124800584 
# 
loop_
_struct_conf.conf_type_id 
_struct_conf.id 
_struct_conf.pdbx_PDB_helix_id 
_struct_conf.beg_label_comp_id 
_struct_conf.beg_label_asym_id 
_struct_conf.beg_label_seq_id 
_struct_conf.pdbx_beg_PDB_ins_code 
_struct_conf.end_label_comp_id 
_struct_conf.end_label_asym_id 
_struct_conf.end_label_seq_id 
_struct_conf.pdbx_end_PDB_ins_code 
_struct_conf.beg_auth_comp_id 
_struct_conf.beg_auth_asym_id 
_struct_conf.beg_auth_seq_id 
_struct_conf.end_auth_comp_id 
_struct_conf.end_auth_asym_id 
_struct_conf.end_auth_seq_id 
_struct_conf.pdbx_PDB_helix_class 
_struct_conf.details 
_struct_conf.pdbx_PDB_helix_length 
HELX_P HELX_P1 AA1 ASN A 15  ? GLY A 27  ? ASN A 154 GLY A 166 1 ? 13 
HELX_P HELX_P2 AA2 TYR A 28  ? LEU A 33  ? TYR A 167 LEU A 172 1 ? 6  
HELX_P HELX_P3 AA3 GLU A 35  ? GLN A 45  ? GLU A 174 GLN A 184 1 ? 11 
HELX_P HELX_P4 AA4 ASN A 72  ? ALA A 76  ? ASN A 211 ALA A 215 5 ? 5  
HELX_P HELX_P5 AA5 THR A 124 ? TYR A 135 ? THR A 263 TYR A 274 1 ? 12 
HELX_P HELX_P6 AA6 SER A 136 ? GLY A 139 ? SER A 275 GLY A 278 5 ? 4  
HELX_P HELX_P7 AA7 SER A 141 ? GLU A 143 ? SER A 280 GLU A 282 5 ? 3  
HELX_P HELX_P8 AA8 ASP A 144 ? ASP A 162 ? ASP A 283 ASP A 301 1 ? 19 
HELX_P HELX_P9 AA9 SER A 185 ? GLN A 196 ? SER A 324 GLN A 335 1 ? 12 
# 
_struct_conf_type.id          HELX_P 
_struct_conf_type.criteria    ? 
_struct_conf_type.reference   ? 
# 
loop_
_struct_sheet.id 
_struct_sheet.type 
_struct_sheet.number_strands 
_struct_sheet.details 
AA1 ? 5 ? 
AA2 ? 2 ? 
# 
loop_
_struct_sheet_order.sheet_id 
_struct_sheet_order.range_id_1 
_struct_sheet_order.range_id_2 
_struct_sheet_order.offset 
_struct_sheet_order.sense 
AA1 1 2 ? anti-parallel 
AA1 2 3 ? anti-parallel 
AA1 3 4 ? parallel      
AA1 4 5 ? parallel      
AA2 1 2 ? anti-parallel 
# 
loop_
_struct_sheet_range.sheet_id 
_struct_sheet_range.id 
_struct_sheet_range.beg_label_comp_id 
_struct_sheet_range.beg_label_asym_id 
_struct_sheet_range.beg_label_seq_id 
_struct_sheet_range.pdbx_beg_PDB_ins_code 
_struct_sheet_range.end_label_comp_id 
_struct_sheet_range.end_label_asym_id 
_struct_sheet_range.end_label_seq_id 
_struct_sheet_range.pdbx_end_PDB_ins_code 
_struct_sheet_range.beg_auth_comp_id 
_struct_sheet_range.beg_auth_asym_id 
_struct_sheet_range.beg_auth_seq_id 
_struct_sheet_range.end_auth_comp_id 
_struct_sheet_range.end_auth_asym_id 
_struct_sheet_range.end_auth_seq_id 
AA1 1 ILE A 80  ? LYS A 85  ? ILE A 219 LYS A 224 
AA1 2 SER A 104 ? GLU A 110 ? SER A 243 GLU A 249 
AA1 3 GLN A 113 ? TYR A 122 ? GLN A 252 TYR A 261 
AA1 4 LEU A 59  ? PRO A 64  ? LEU A 198 PRO A 203 
AA1 5 CYS A 170 ? TYR A 175 ? CYS A 309 TYR A 314 
AA2 1 GLN A 89  ? ARG A 93  ? GLN A 228 ARG A 232 
AA2 2 ILE A 96  ? TYR A 101 ? ILE A 235 TYR A 240 
# 
loop_
_pdbx_struct_sheet_hbond.sheet_id 
_pdbx_struct_sheet_hbond.range_id_1 
_pdbx_struct_sheet_hbond.range_id_2 
_pdbx_struct_sheet_hbond.range_1_label_atom_id 
_pdbx_struct_sheet_hbond.range_1_label_comp_id 
_pdbx_struct_sheet_hbond.range_1_label_asym_id 
_pdbx_struct_sheet_hbond.range_1_label_seq_id 
_pdbx_struct_sheet_hbond.range_1_PDB_ins_code 
_pdbx_struct_sheet_hbond.range_1_auth_atom_id 
_pdbx_struct_sheet_hbond.range_1_auth_comp_id 
_pdbx_struct_sheet_hbond.range_1_auth_asym_id 
_pdbx_struct_sheet_hbond.range_1_auth_seq_id 
_pdbx_struct_sheet_hbond.range_2_label_atom_id 
_pdbx_struct_sheet_hbond.range_2_label_comp_id 
_pdbx_struct_sheet_hbond.range_2_label_asym_id 
_pdbx_struct_sheet_hbond.range_2_label_seq_id 
_pdbx_struct_sheet_hbond.range_2_PDB_ins_code 
_pdbx_struct_sheet_hbond.range_2_auth_atom_id 
_pdbx_struct_sheet_hbond.range_2_auth_comp_id 
_pdbx_struct_sheet_hbond.range_2_auth_asym_id 
_pdbx_struct_sheet_hbond.range_2_auth_seq_id 
AA1 1 2 N ASP A 84  ? N ASP A 223 O ILE A 105 ? O ILE A 244 
AA1 2 3 N LEU A 108 ? N LEU A 247 O GLY A 116 ? O GLY A 255 
AA1 3 4 O GLU A 121 ? O GLU A 260 N LEU A 62  ? N LEU A 201 
AA1 4 5 N ILE A 61  ? N ILE A 200 O ILE A 173 ? O ILE A 312 
AA2 1 2 N GLN A 89  ? N GLN A 228 O TYR A 101 ? O TYR A 240 
# 
_struct_site.id                   AC1 
_struct_site.pdbx_evidence_code   Software 
_struct_site.pdbx_auth_asym_id    A 
_struct_site.pdbx_auth_comp_id    OOE 
_struct_site.pdbx_auth_seq_id     401 
_struct_site.pdbx_auth_ins_code   ? 
_struct_site.pdbx_num_residues    22 
_struct_site.details              'binding site for residue OOE A 401' 
# 
loop_
_struct_site_gen.id 
_struct_site_gen.site_id 
_struct_site_gen.pdbx_num_res 
_struct_site_gen.label_comp_id 
_struct_site_gen.label_asym_id 
_struct_site_gen.label_seq_id 
_struct_site_gen.pdbx_auth_ins_code 
_struct_site_gen.auth_comp_id 
_struct_site_gen.auth_asym_id 
_struct_site_gen.auth_seq_id 
_struct_site_gen.label_atom_id 
_struct_site_gen.label_alt_id 
_struct_site_gen.symmetry 
_struct_site_gen.details 
1  AC1 22 SER A 23  ? SER A 162 . ? 8_554 ? 
2  AC1 22 SER A 23  ? SER A 162 . ? 1_555 ? 
3  AC1 22 TYR A 24  ? TYR A 163 . ? 8_554 ? 
4  AC1 22 TYR A 24  ? TYR A 163 . ? 1_555 ? 
5  AC1 22 GLY A 27  ? GLY A 166 . ? 8_554 ? 
6  AC1 22 GLY A 27  ? GLY A 166 . ? 1_555 ? 
7  AC1 22 TYR A 28  ? TYR A 167 . ? 8_554 ? 
8  AC1 22 TYR A 28  ? TYR A 167 . ? 1_555 ? 
9  AC1 22 ILE A 96  ? ILE A 235 . ? 1_555 ? 
10 AC1 22 ARG A 99  ? ARG A 238 . ? 8_554 ? 
11 AC1 22 ARG A 99  ? ARG A 238 . ? 1_555 ? 
12 AC1 22 VAL A 100 ? VAL A 239 . ? 1_555 ? 
13 AC1 22 VAL A 100 ? VAL A 239 . ? 8_554 ? 
14 AC1 22 TYR A 101 ? TYR A 240 . ? 8_554 ? 
15 AC1 22 TYR A 101 ? TYR A 240 . ? 1_555 ? 
16 AC1 22 GLU A 121 ? GLU A 260 . ? 8_554 ? 
17 AC1 22 THR A 124 ? THR A 263 . ? 1_555 ? 
18 AC1 22 THR A 124 ? THR A 263 . ? 8_554 ? 
19 AC1 22 PRO A 125 ? PRO A 264 . ? 1_555 ? 
20 AC1 22 PRO A 125 ? PRO A 264 . ? 8_554 ? 
21 AC1 22 HOH C .   ? HOH A 502 . ? 8_554 ? 
22 AC1 22 HOH C .   ? HOH A 502 . ? 1_555 ? 
# 
_pdbx_validate_symm_contact.id                1 
_pdbx_validate_symm_contact.PDB_model_num     1 
_pdbx_validate_symm_contact.auth_atom_id_1    NH1 
_pdbx_validate_symm_contact.auth_asym_id_1    A 
_pdbx_validate_symm_contact.auth_comp_id_1    ARG 
_pdbx_validate_symm_contact.auth_seq_id_1     253 
_pdbx_validate_symm_contact.PDB_ins_code_1    ? 
_pdbx_validate_symm_contact.label_alt_id_1    ? 
_pdbx_validate_symm_contact.site_symmetry_1   1_555 
_pdbx_validate_symm_contact.auth_atom_id_2    OD1 
_pdbx_validate_symm_contact.auth_asym_id_2    A 
_pdbx_validate_symm_contact.auth_comp_id_2    ASP 
_pdbx_validate_symm_contact.auth_seq_id_2     283 
_pdbx_validate_symm_contact.PDB_ins_code_2    ? 
_pdbx_validate_symm_contact.label_alt_id_2    ? 
_pdbx_validate_symm_contact.site_symmetry_2   3_555 
_pdbx_validate_symm_contact.dist              1.75 
# 
loop_
_pdbx_validate_torsion.id 
_pdbx_validate_torsion.PDB_model_num 
_pdbx_validate_torsion.auth_comp_id 
_pdbx_validate_torsion.auth_asym_id 
_pdbx_validate_torsion.auth_seq_id 
_pdbx_validate_torsion.PDB_ins_code 
_pdbx_validate_torsion.label_alt_id 
_pdbx_validate_torsion.phi 
_pdbx_validate_torsion.psi 
1 1 TYR A 167 ? ? -160.22 -77.17 
2 1 GLN A 306 ? ? -94.99  58.44  
3 1 ASN A 307 ? ? 70.55   45.49  
# 
_pdbx_struct_special_symmetry.id              1 
_pdbx_struct_special_symmetry.PDB_model_num   1 
_pdbx_struct_special_symmetry.auth_asym_id    A 
_pdbx_struct_special_symmetry.auth_comp_id    HOH 
_pdbx_struct_special_symmetry.auth_seq_id     504 
_pdbx_struct_special_symmetry.PDB_ins_code    ? 
_pdbx_struct_special_symmetry.label_asym_id   C 
_pdbx_struct_special_symmetry.label_comp_id   HOH 
_pdbx_struct_special_symmetry.label_seq_id    . 
# 
_phasing.method   MR 
# 
_pdbx_entry_details.entry_id                 6YEA 
_pdbx_entry_details.has_ligand_of_interest   Y 
_pdbx_entry_details.compound_details         ? 
_pdbx_entry_details.source_details           ? 
_pdbx_entry_details.nonpolymer_details       ? 
_pdbx_entry_details.sequence_details         ? 
# 
loop_
_pdbx_unobs_or_zero_occ_residues.id 
_pdbx_unobs_or_zero_occ_residues.PDB_model_num 
_pdbx_unobs_or_zero_occ_residues.polymer_flag 
_pdbx_unobs_or_zero_occ_residues.occupancy_flag 
_pdbx_unobs_or_zero_occ_residues.auth_asym_id 
_pdbx_unobs_or_zero_occ_residues.auth_comp_id 
_pdbx_unobs_or_zero_occ_residues.auth_seq_id 
_pdbx_unobs_or_zero_occ_residues.PDB_ins_code 
_pdbx_unobs_or_zero_occ_residues.label_asym_id 
_pdbx_unobs_or_zero_occ_residues.label_comp_id 
_pdbx_unobs_or_zero_occ_residues.label_seq_id 
1  1 Y 1 A ALA 140 ? A ALA 1   
2  1 Y 1 A PRO 141 ? A PRO 2   
3  1 Y 1 A ALA 142 ? A ALA 3   
4  1 Y 1 A GLU 143 ? A GLU 4   
5  1 Y 1 A ILE 144 ? A ILE 5   
6  1 Y 1 A SER 145 ? A SER 6   
7  1 Y 1 A ALA 146 ? A ALA 7   
8  1 Y 1 A VAL 147 ? A VAL 8   
9  1 Y 1 A CYS 148 ? A CYS 9   
10 1 Y 1 A GLU 149 ? A GLU 10  
11 1 Y 1 A LYS 150 ? A LYS 11  
12 1 Y 1 A GLY 151 ? A GLY 12  
13 1 Y 1 A ASN 152 ? A ASN 13  
14 1 Y 1 A PHE 153 ? A PHE 14  
15 1 Y 1 A TYR 186 ? A TYR 47  
16 1 Y 1 A ASN 187 ? A ASN 48  
17 1 Y 1 A ASN 188 ? A ASN 49  
18 1 Y 1 A LEU 189 ? A LEU 50  
19 1 Y 1 A LEU 190 ? A LEU 51  
20 1 Y 1 A ARG 191 ? A ARG 52  
21 1 Y 1 A PRO 317 ? A PRO 178 
22 1 Y 1 A ALA 318 ? A ALA 179 
23 1 Y 1 A ASP 319 ? A ASP 180 
24 1 Y 1 A ASP 320 ? A ASP 181 
25 1 Y 1 A SER 321 ? A SER 182 
26 1 Y 1 A GLU 336 ? A GLU 197 
27 1 Y 1 A GLU 337 ? A GLU 198 
28 1 Y 1 A LYS 338 ? A LYS 199 
29 1 Y 1 A GLU 339 ? A GLU 200 
30 1 Y 1 A GLU 340 ? A GLU 201 
31 1 Y 1 A VAL 341 ? A VAL 202 
32 1 Y 1 A THR 342 ? A THR 203 
33 1 Y 1 A VAL 343 ? A VAL 204 
# 
loop_
_chem_comp_atom.comp_id 
_chem_comp_atom.atom_id 
_chem_comp_atom.type_symbol 
_chem_comp_atom.pdbx_aromatic_flag 
_chem_comp_atom.pdbx_stereo_config 
_chem_comp_atom.pdbx_ordinal 
ALA N    N N N 1   
ALA CA   C N S 2   
ALA C    C N N 3   
ALA O    O N N 4   
ALA CB   C N N 5   
ALA OXT  O N N 6   
ALA H    H N N 7   
ALA H2   H N N 8   
ALA HA   H N N 9   
ALA HB1  H N N 10  
ALA HB2  H N N 11  
ALA HB3  H N N 12  
ALA HXT  H N N 13  
ARG N    N N N 14  
ARG CA   C N S 15  
ARG C    C N N 16  
ARG O    O N N 17  
ARG CB   C N N 18  
ARG CG   C N N 19  
ARG CD   C N N 20  
ARG NE   N N N 21  
ARG CZ   C N N 22  
ARG NH1  N N N 23  
ARG NH2  N N N 24  
ARG OXT  O N N 25  
ARG H    H N N 26  
ARG H2   H N N 27  
ARG HA   H N N 28  
ARG HB2  H N N 29  
ARG HB3  H N N 30  
ARG HG2  H N N 31  
ARG HG3  H N N 32  
ARG HD2  H N N 33  
ARG HD3  H N N 34  
ARG HE   H N N 35  
ARG HH11 H N N 36  
ARG HH12 H N N 37  
ARG HH21 H N N 38  
ARG HH22 H N N 39  
ARG HXT  H N N 40  
ASN N    N N N 41  
ASN CA   C N S 42  
ASN C    C N N 43  
ASN O    O N N 44  
ASN CB   C N N 45  
ASN CG   C N N 46  
ASN OD1  O N N 47  
ASN ND2  N N N 48  
ASN OXT  O N N 49  
ASN H    H N N 50  
ASN H2   H N N 51  
ASN HA   H N N 52  
ASN HB2  H N N 53  
ASN HB3  H N N 54  
ASN HD21 H N N 55  
ASN HD22 H N N 56  
ASN HXT  H N N 57  
ASP N    N N N 58  
ASP CA   C N S 59  
ASP C    C N N 60  
ASP O    O N N 61  
ASP CB   C N N 62  
ASP CG   C N N 63  
ASP OD1  O N N 64  
ASP OD2  O N N 65  
ASP OXT  O N N 66  
ASP H    H N N 67  
ASP H2   H N N 68  
ASP HA   H N N 69  
ASP HB2  H N N 70  
ASP HB3  H N N 71  
ASP HD2  H N N 72  
ASP HXT  H N N 73  
CYS N    N N N 74  
CYS CA   C N R 75  
CYS C    C N N 76  
CYS O    O N N 77  
CYS CB   C N N 78  
CYS SG   S N N 79  
CYS OXT  O N N 80  
CYS H    H N N 81  
CYS H2   H N N 82  
CYS HA   H N N 83  
CYS HB2  H N N 84  
CYS HB3  H N N 85  
CYS HG   H N N 86  
CYS HXT  H N N 87  
GLN N    N N N 88  
GLN CA   C N S 89  
GLN C    C N N 90  
GLN O    O N N 91  
GLN CB   C N N 92  
GLN CG   C N N 93  
GLN CD   C N N 94  
GLN OE1  O N N 95  
GLN NE2  N N N 96  
GLN OXT  O N N 97  
GLN H    H N N 98  
GLN H2   H N N 99  
GLN HA   H N N 100 
GLN HB2  H N N 101 
GLN HB3  H N N 102 
GLN HG2  H N N 103 
GLN HG3  H N N 104 
GLN HE21 H N N 105 
GLN HE22 H N N 106 
GLN HXT  H N N 107 
GLU N    N N N 108 
GLU CA   C N S 109 
GLU C    C N N 110 
GLU O    O N N 111 
GLU CB   C N N 112 
GLU CG   C N N 113 
GLU CD   C N N 114 
GLU OE1  O N N 115 
GLU OE2  O N N 116 
GLU OXT  O N N 117 
GLU H    H N N 118 
GLU H2   H N N 119 
GLU HA   H N N 120 
GLU HB2  H N N 121 
GLU HB3  H N N 122 
GLU HG2  H N N 123 
GLU HG3  H N N 124 
GLU HE2  H N N 125 
GLU HXT  H N N 126 
GLY N    N N N 127 
GLY CA   C N N 128 
GLY C    C N N 129 
GLY O    O N N 130 
GLY OXT  O N N 131 
GLY H    H N N 132 
GLY H2   H N N 133 
GLY HA2  H N N 134 
GLY HA3  H N N 135 
GLY HXT  H N N 136 
HIS N    N N N 137 
HIS CA   C N S 138 
HIS C    C N N 139 
HIS O    O N N 140 
HIS CB   C N N 141 
HIS CG   C Y N 142 
HIS ND1  N Y N 143 
HIS CD2  C Y N 144 
HIS CE1  C Y N 145 
HIS NE2  N Y N 146 
HIS OXT  O N N 147 
HIS H    H N N 148 
HIS H2   H N N 149 
HIS HA   H N N 150 
HIS HB2  H N N 151 
HIS HB3  H N N 152 
HIS HD1  H N N 153 
HIS HD2  H N N 154 
HIS HE1  H N N 155 
HIS HE2  H N N 156 
HIS HXT  H N N 157 
HOH O    O N N 158 
HOH H1   H N N 159 
HOH H2   H N N 160 
ILE N    N N N 161 
ILE CA   C N S 162 
ILE C    C N N 163 
ILE O    O N N 164 
ILE CB   C N S 165 
ILE CG1  C N N 166 
ILE CG2  C N N 167 
ILE CD1  C N N 168 
ILE OXT  O N N 169 
ILE H    H N N 170 
ILE H2   H N N 171 
ILE HA   H N N 172 
ILE HB   H N N 173 
ILE HG12 H N N 174 
ILE HG13 H N N 175 
ILE HG21 H N N 176 
ILE HG22 H N N 177 
ILE HG23 H N N 178 
ILE HD11 H N N 179 
ILE HD12 H N N 180 
ILE HD13 H N N 181 
ILE HXT  H N N 182 
LEU N    N N N 183 
LEU CA   C N S 184 
LEU C    C N N 185 
LEU O    O N N 186 
LEU CB   C N N 187 
LEU CG   C N N 188 
LEU CD1  C N N 189 
LEU CD2  C N N 190 
LEU OXT  O N N 191 
LEU H    H N N 192 
LEU H2   H N N 193 
LEU HA   H N N 194 
LEU HB2  H N N 195 
LEU HB3  H N N 196 
LEU HG   H N N 197 
LEU HD11 H N N 198 
LEU HD12 H N N 199 
LEU HD13 H N N 200 
LEU HD21 H N N 201 
LEU HD22 H N N 202 
LEU HD23 H N N 203 
LEU HXT  H N N 204 
LYS N    N N N 205 
LYS CA   C N S 206 
LYS C    C N N 207 
LYS O    O N N 208 
LYS CB   C N N 209 
LYS CG   C N N 210 
LYS CD   C N N 211 
LYS CE   C N N 212 
LYS NZ   N N N 213 
LYS OXT  O N N 214 
LYS H    H N N 215 
LYS H2   H N N 216 
LYS HA   H N N 217 
LYS HB2  H N N 218 
LYS HB3  H N N 219 
LYS HG2  H N N 220 
LYS HG3  H N N 221 
LYS HD2  H N N 222 
LYS HD3  H N N 223 
LYS HE2  H N N 224 
LYS HE3  H N N 225 
LYS HZ1  H N N 226 
LYS HZ2  H N N 227 
LYS HZ3  H N N 228 
LYS HXT  H N N 229 
MET N    N N N 230 
MET CA   C N S 231 
MET C    C N N 232 
MET O    O N N 233 
MET CB   C N N 234 
MET CG   C N N 235 
MET SD   S N N 236 
MET CE   C N N 237 
MET OXT  O N N 238 
MET H    H N N 239 
MET H2   H N N 240 
MET HA   H N N 241 
MET HB2  H N N 242 
MET HB3  H N N 243 
MET HG2  H N N 244 
MET HG3  H N N 245 
MET HE1  H N N 246 
MET HE2  H N N 247 
MET HE3  H N N 248 
MET HXT  H N N 249 
OOE N    N Y N 250 
OOE C    C Y N 251 
OOE O    O N N 252 
OOE N11  N N N 253 
OOE C1   C Y N 254 
OOE C10  C N N 255 
OOE C11  C Y N 256 
OOE C12  C Y N 257 
OOE C13  C N N 258 
OOE C14  C Y N 259 
OOE C15  C N R 260 
OOE C16  C N R 261 
OOE C17  C N R 262 
OOE C18  C N R 263 
OOE C19  C N N 264 
OOE C2   C Y N 265 
OOE C3   C Y N 266 
OOE C4   C Y N 267 
OOE C5   C N R 268 
OOE C6   C N R 269 
OOE C7   C N R 270 
OOE C8   C N R 271 
OOE C9   C N N 272 
OOE F6   F N N 273 
OOE F9   F N N 274 
OOE N1   N Y N 275 
OOE N2   N Y N 276 
OOE N21  N N N 277 
OOE N3   N Y N 278 
OOE N4   N N N 279 
OOE N5   N N N 280 
OOE N6   N Y N 281 
OOE N7   N Y N 282 
OOE O1   O N N 283 
OOE O10  O N N 284 
OOE O2   O N N 285 
OOE O22  O N N 286 
OOE O3   O N N 287 
OOE O4   O N N 288 
OOE O5   O N N 289 
OOE O7   O N N 290 
OOE O8   O N N 291 
OOE O9   O N N 292 
OOE P    P N N 293 
OOE P1   P N N 294 
OOE H    H N N 295 
OOE H111 H N N 296 
OOE H1   H N N 297 
OOE H14  H N N 298 
OOE H15  H N N 299 
OOE H16  H N N 300 
OOE H17  H N N 301 
OOE H18  H N N 302 
OOE H192 H N N 303 
OOE H191 H N N 304 
OOE H4   H N N 305 
OOE H5   H N N 306 
OOE H6   H N N 307 
OOE H7   H N N 308 
OOE H8   H N N 309 
OOE H92  H N N 310 
OOE H91  H N N 311 
OOE HN22 H N N 312 
OOE HN23 H N N 313 
OOE HN4  H N N 314 
OOE H2   H N N 315 
OOE H3   H N N 316 
PHE N    N N N 317 
PHE CA   C N S 318 
PHE C    C N N 319 
PHE O    O N N 320 
PHE CB   C N N 321 
PHE CG   C Y N 322 
PHE CD1  C Y N 323 
PHE CD2  C Y N 324 
PHE CE1  C Y N 325 
PHE CE2  C Y N 326 
PHE CZ   C Y N 327 
PHE OXT  O N N 328 
PHE H    H N N 329 
PHE H2   H N N 330 
PHE HA   H N N 331 
PHE HB2  H N N 332 
PHE HB3  H N N 333 
PHE HD1  H N N 334 
PHE HD2  H N N 335 
PHE HE1  H N N 336 
PHE HE2  H N N 337 
PHE HZ   H N N 338 
PHE HXT  H N N 339 
PRO N    N N N 340 
PRO CA   C N S 341 
PRO C    C N N 342 
PRO O    O N N 343 
PRO CB   C N N 344 
PRO CG   C N N 345 
PRO CD   C N N 346 
PRO OXT  O N N 347 
PRO H    H N N 348 
PRO HA   H N N 349 
PRO HB2  H N N 350 
PRO HB3  H N N 351 
PRO HG2  H N N 352 
PRO HG3  H N N 353 
PRO HD2  H N N 354 
PRO HD3  H N N 355 
PRO HXT  H N N 356 
SER N    N N N 357 
SER CA   C N S 358 
SER C    C N N 359 
SER O    O N N 360 
SER CB   C N N 361 
SER OG   O N N 362 
SER OXT  O N N 363 
SER H    H N N 364 
SER H2   H N N 365 
SER HA   H N N 366 
SER HB2  H N N 367 
SER HB3  H N N 368 
SER HG   H N N 369 
SER HXT  H N N 370 
THR N    N N N 371 
THR CA   C N S 372 
THR C    C N N 373 
THR O    O N N 374 
THR CB   C N R 375 
THR OG1  O N N 376 
THR CG2  C N N 377 
THR OXT  O N N 378 
THR H    H N N 379 
THR H2   H N N 380 
THR HA   H N N 381 
THR HB   H N N 382 
THR HG1  H N N 383 
THR HG21 H N N 384 
THR HG22 H N N 385 
THR HG23 H N N 386 
THR HXT  H N N 387 
TRP N    N N N 388 
TRP CA   C N S 389 
TRP C    C N N 390 
TRP O    O N N 391 
TRP CB   C N N 392 
TRP CG   C Y N 393 
TRP CD1  C Y N 394 
TRP CD2  C Y N 395 
TRP NE1  N Y N 396 
TRP CE2  C Y N 397 
TRP CE3  C Y N 398 
TRP CZ2  C Y N 399 
TRP CZ3  C Y N 400 
TRP CH2  C Y N 401 
TRP OXT  O N N 402 
TRP H    H N N 403 
TRP H2   H N N 404 
TRP HA   H N N 405 
TRP HB2  H N N 406 
TRP HB3  H N N 407 
TRP HD1  H N N 408 
TRP HE1  H N N 409 
TRP HE3  H N N 410 
TRP HZ2  H N N 411 
TRP HZ3  H N N 412 
TRP HH2  H N N 413 
TRP HXT  H N N 414 
TYR N    N N N 415 
TYR CA   C N S 416 
TYR C    C N N 417 
TYR O    O N N 418 
TYR CB   C N N 419 
TYR CG   C Y N 420 
TYR CD1  C Y N 421 
TYR CD2  C Y N 422 
TYR CE1  C Y N 423 
TYR CE2  C Y N 424 
TYR CZ   C Y N 425 
TYR OH   O N N 426 
TYR OXT  O N N 427 
TYR H    H N N 428 
TYR H2   H N N 429 
TYR HA   H N N 430 
TYR HB2  H N N 431 
TYR HB3  H N N 432 
TYR HD1  H N N 433 
TYR HD2  H N N 434 
TYR HE1  H N N 435 
TYR HE2  H N N 436 
TYR HH   H N N 437 
TYR HXT  H N N 438 
VAL N    N N N 439 
VAL CA   C N S 440 
VAL C    C N N 441 
VAL O    O N N 442 
VAL CB   C N N 443 
VAL CG1  C N N 444 
VAL CG2  C N N 445 
VAL OXT  O N N 446 
VAL H    H N N 447 
VAL H2   H N N 448 
VAL HA   H N N 449 
VAL HB   H N N 450 
VAL HG11 H N N 451 
VAL HG12 H N N 452 
VAL HG13 H N N 453 
VAL HG21 H N N 454 
VAL HG22 H N N 455 
VAL HG23 H N N 456 
VAL HXT  H N N 457 
# 
loop_
_chem_comp_bond.comp_id 
_chem_comp_bond.atom_id_1 
_chem_comp_bond.atom_id_2 
_chem_comp_bond.value_order 
_chem_comp_bond.pdbx_aromatic_flag 
_chem_comp_bond.pdbx_stereo_config 
_chem_comp_bond.pdbx_ordinal 
ALA N   CA   sing N N 1   
ALA N   H    sing N N 2   
ALA N   H2   sing N N 3   
ALA CA  C    sing N N 4   
ALA CA  CB   sing N N 5   
ALA CA  HA   sing N N 6   
ALA C   O    doub N N 7   
ALA C   OXT  sing N N 8   
ALA CB  HB1  sing N N 9   
ALA CB  HB2  sing N N 10  
ALA CB  HB3  sing N N 11  
ALA OXT HXT  sing N N 12  
ARG N   CA   sing N N 13  
ARG N   H    sing N N 14  
ARG N   H2   sing N N 15  
ARG CA  C    sing N N 16  
ARG CA  CB   sing N N 17  
ARG CA  HA   sing N N 18  
ARG C   O    doub N N 19  
ARG C   OXT  sing N N 20  
ARG CB  CG   sing N N 21  
ARG CB  HB2  sing N N 22  
ARG CB  HB3  sing N N 23  
ARG CG  CD   sing N N 24  
ARG CG  HG2  sing N N 25  
ARG CG  HG3  sing N N 26  
ARG CD  NE   sing N N 27  
ARG CD  HD2  sing N N 28  
ARG CD  HD3  sing N N 29  
ARG NE  CZ   sing N N 30  
ARG NE  HE   sing N N 31  
ARG CZ  NH1  sing N N 32  
ARG CZ  NH2  doub N N 33  
ARG NH1 HH11 sing N N 34  
ARG NH1 HH12 sing N N 35  
ARG NH2 HH21 sing N N 36  
ARG NH2 HH22 sing N N 37  
ARG OXT HXT  sing N N 38  
ASN N   CA   sing N N 39  
ASN N   H    sing N N 40  
ASN N   H2   sing N N 41  
ASN CA  C    sing N N 42  
ASN CA  CB   sing N N 43  
ASN CA  HA   sing N N 44  
ASN C   O    doub N N 45  
ASN C   OXT  sing N N 46  
ASN CB  CG   sing N N 47  
ASN CB  HB2  sing N N 48  
ASN CB  HB3  sing N N 49  
ASN CG  OD1  doub N N 50  
ASN CG  ND2  sing N N 51  
ASN ND2 HD21 sing N N 52  
ASN ND2 HD22 sing N N 53  
ASN OXT HXT  sing N N 54  
ASP N   CA   sing N N 55  
ASP N   H    sing N N 56  
ASP N   H2   sing N N 57  
ASP CA  C    sing N N 58  
ASP CA  CB   sing N N 59  
ASP CA  HA   sing N N 60  
ASP C   O    doub N N 61  
ASP C   OXT  sing N N 62  
ASP CB  CG   sing N N 63  
ASP CB  HB2  sing N N 64  
ASP CB  HB3  sing N N 65  
ASP CG  OD1  doub N N 66  
ASP CG  OD2  sing N N 67  
ASP OD2 HD2  sing N N 68  
ASP OXT HXT  sing N N 69  
CYS N   CA   sing N N 70  
CYS N   H    sing N N 71  
CYS N   H2   sing N N 72  
CYS CA  C    sing N N 73  
CYS CA  CB   sing N N 74  
CYS CA  HA   sing N N 75  
CYS C   O    doub N N 76  
CYS C   OXT  sing N N 77  
CYS CB  SG   sing N N 78  
CYS CB  HB2  sing N N 79  
CYS CB  HB3  sing N N 80  
CYS SG  HG   sing N N 81  
CYS OXT HXT  sing N N 82  
GLN N   CA   sing N N 83  
GLN N   H    sing N N 84  
GLN N   H2   sing N N 85  
GLN CA  C    sing N N 86  
GLN CA  CB   sing N N 87  
GLN CA  HA   sing N N 88  
GLN C   O    doub N N 89  
GLN C   OXT  sing N N 90  
GLN CB  CG   sing N N 91  
GLN CB  HB2  sing N N 92  
GLN CB  HB3  sing N N 93  
GLN CG  CD   sing N N 94  
GLN CG  HG2  sing N N 95  
GLN CG  HG3  sing N N 96  
GLN CD  OE1  doub N N 97  
GLN CD  NE2  sing N N 98  
GLN NE2 HE21 sing N N 99  
GLN NE2 HE22 sing N N 100 
GLN OXT HXT  sing N N 101 
GLU N   CA   sing N N 102 
GLU N   H    sing N N 103 
GLU N   H2   sing N N 104 
GLU CA  C    sing N N 105 
GLU CA  CB   sing N N 106 
GLU CA  HA   sing N N 107 
GLU C   O    doub N N 108 
GLU C   OXT  sing N N 109 
GLU CB  CG   sing N N 110 
GLU CB  HB2  sing N N 111 
GLU CB  HB3  sing N N 112 
GLU CG  CD   sing N N 113 
GLU CG  HG2  sing N N 114 
GLU CG  HG3  sing N N 115 
GLU CD  OE1  doub N N 116 
GLU CD  OE2  sing N N 117 
GLU OE2 HE2  sing N N 118 
GLU OXT HXT  sing N N 119 
GLY N   CA   sing N N 120 
GLY N   H    sing N N 121 
GLY N   H2   sing N N 122 
GLY CA  C    sing N N 123 
GLY CA  HA2  sing N N 124 
GLY CA  HA3  sing N N 125 
GLY C   O    doub N N 126 
GLY C   OXT  sing N N 127 
GLY OXT HXT  sing N N 128 
HIS N   CA   sing N N 129 
HIS N   H    sing N N 130 
HIS N   H2   sing N N 131 
HIS CA  C    sing N N 132 
HIS CA  CB   sing N N 133 
HIS CA  HA   sing N N 134 
HIS C   O    doub N N 135 
HIS C   OXT  sing N N 136 
HIS CB  CG   sing N N 137 
HIS CB  HB2  sing N N 138 
HIS CB  HB3  sing N N 139 
HIS CG  ND1  sing Y N 140 
HIS CG  CD2  doub Y N 141 
HIS ND1 CE1  doub Y N 142 
HIS ND1 HD1  sing N N 143 
HIS CD2 NE2  sing Y N 144 
HIS CD2 HD2  sing N N 145 
HIS CE1 NE2  sing Y N 146 
HIS CE1 HE1  sing N N 147 
HIS NE2 HE2  sing N N 148 
HIS OXT HXT  sing N N 149 
HOH O   H1   sing N N 150 
HOH O   H2   sing N N 151 
ILE N   CA   sing N N 152 
ILE N   H    sing N N 153 
ILE N   H2   sing N N 154 
ILE CA  C    sing N N 155 
ILE CA  CB   sing N N 156 
ILE CA  HA   sing N N 157 
ILE C   O    doub N N 158 
ILE C   OXT  sing N N 159 
ILE CB  CG1  sing N N 160 
ILE CB  CG2  sing N N 161 
ILE CB  HB   sing N N 162 
ILE CG1 CD1  sing N N 163 
ILE CG1 HG12 sing N N 164 
ILE CG1 HG13 sing N N 165 
ILE CG2 HG21 sing N N 166 
ILE CG2 HG22 sing N N 167 
ILE CG2 HG23 sing N N 168 
ILE CD1 HD11 sing N N 169 
ILE CD1 HD12 sing N N 170 
ILE CD1 HD13 sing N N 171 
ILE OXT HXT  sing N N 172 
LEU N   CA   sing N N 173 
LEU N   H    sing N N 174 
LEU N   H2   sing N N 175 
LEU CA  C    sing N N 176 
LEU CA  CB   sing N N 177 
LEU CA  HA   sing N N 178 
LEU C   O    doub N N 179 
LEU C   OXT  sing N N 180 
LEU CB  CG   sing N N 181 
LEU CB  HB2  sing N N 182 
LEU CB  HB3  sing N N 183 
LEU CG  CD1  sing N N 184 
LEU CG  CD2  sing N N 185 
LEU CG  HG   sing N N 186 
LEU CD1 HD11 sing N N 187 
LEU CD1 HD12 sing N N 188 
LEU CD1 HD13 sing N N 189 
LEU CD2 HD21 sing N N 190 
LEU CD2 HD22 sing N N 191 
LEU CD2 HD23 sing N N 192 
LEU OXT HXT  sing N N 193 
LYS N   CA   sing N N 194 
LYS N   H    sing N N 195 
LYS N   H2   sing N N 196 
LYS CA  C    sing N N 197 
LYS CA  CB   sing N N 198 
LYS CA  HA   sing N N 199 
LYS C   O    doub N N 200 
LYS C   OXT  sing N N 201 
LYS CB  CG   sing N N 202 
LYS CB  HB2  sing N N 203 
LYS CB  HB3  sing N N 204 
LYS CG  CD   sing N N 205 
LYS CG  HG2  sing N N 206 
LYS CG  HG3  sing N N 207 
LYS CD  CE   sing N N 208 
LYS CD  HD2  sing N N 209 
LYS CD  HD3  sing N N 210 
LYS CE  NZ   sing N N 211 
LYS CE  HE2  sing N N 212 
LYS CE  HE3  sing N N 213 
LYS NZ  HZ1  sing N N 214 
LYS NZ  HZ2  sing N N 215 
LYS NZ  HZ3  sing N N 216 
LYS OXT HXT  sing N N 217 
MET N   CA   sing N N 218 
MET N   H    sing N N 219 
MET N   H2   sing N N 220 
MET CA  C    sing N N 221 
MET CA  CB   sing N N 222 
MET CA  HA   sing N N 223 
MET C   O    doub N N 224 
MET C   OXT  sing N N 225 
MET CB  CG   sing N N 226 
MET CB  HB2  sing N N 227 
MET CB  HB3  sing N N 228 
MET CG  SD   sing N N 229 
MET CG  HG2  sing N N 230 
MET CG  HG3  sing N N 231 
MET SD  CE   sing N N 232 
MET CE  HE1  sing N N 233 
MET CE  HE2  sing N N 234 
MET CE  HE3  sing N N 235 
MET OXT HXT  sing N N 236 
OOE O4  P1   doub N N 237 
OOE O22 P1   sing N N 238 
OOE P1  O8   sing N N 239 
OOE P1  O10  sing N N 240 
OOE O5  C17  sing N N 241 
OOE O5  C18  sing N N 242 
OOE C14 N7   doub Y N 243 
OOE C14 N6   sing Y N 244 
OOE O8  C19  sing N N 245 
OOE N7  C12  sing Y N 246 
OOE C19 C18  sing N N 247 
OOE N6  C17  sing N N 248 
OOE N6  C11  sing Y N 249 
OOE C17 C16  sing N N 250 
OOE C12 C11  doub Y N 251 
OOE C12 C13  sing N N 252 
OOE O9  C13  doub N N 253 
OOE C11 N5   sing N N 254 
OOE C18 C15  sing N N 255 
OOE C13 N4   sing N N 256 
OOE O10 C5   sing N N 257 
OOE N5  C10  doub N N 258 
OOE N4  C10  sing N N 259 
OOE C10 N21  sing N N 260 
OOE C16 C15  sing N N 261 
OOE C16 F6   sing N N 262 
OOE F9  C6   sing N N 263 
OOE C5  C6   sing N N 264 
OOE C5  C8   sing N N 265 
OOE C15 O7   sing N N 266 
OOE C6  C7   sing N N 267 
OOE C   N    doub Y N 268 
OOE C   N1   sing Y N 269 
OOE N   C3   sing Y N 270 
OOE N1  C1   doub Y N 271 
OOE C3  N11  sing N N 272 
OOE C3  C2   doub Y N 273 
OOE C1  C2   sing Y N 274 
OOE C1  N2   sing Y N 275 
OOE O7  P    sing N N 276 
OOE C8  C9   sing N N 277 
OOE C8  O1   sing N N 278 
OOE C2  N3   sing Y N 279 
OOE C7  N2   sing N N 280 
OOE C7  O1   sing N N 281 
OOE N2  C4   sing Y N 282 
OOE C9  O2   sing N N 283 
OOE N3  C4   doub Y N 284 
OOE O2  P    sing N N 285 
OOE P   O    doub N N 286 
OOE P   O3   sing N N 287 
OOE C   H    sing N N 288 
OOE N11 H111 sing N N 289 
OOE N11 H1   sing N N 290 
OOE C14 H14  sing N N 291 
OOE C15 H15  sing N N 292 
OOE C16 H16  sing N N 293 
OOE C17 H17  sing N N 294 
OOE C18 H18  sing N N 295 
OOE C19 H192 sing N N 296 
OOE C19 H191 sing N N 297 
OOE C4  H4   sing N N 298 
OOE C5  H5   sing N N 299 
OOE C6  H6   sing N N 300 
OOE C7  H7   sing N N 301 
OOE C8  H8   sing N N 302 
OOE C9  H92  sing N N 303 
OOE C9  H91  sing N N 304 
OOE N21 HN22 sing N N 305 
OOE N21 HN23 sing N N 306 
OOE N4  HN4  sing N N 307 
OOE O22 H2   sing N N 308 
OOE O3  H3   sing N N 309 
PHE N   CA   sing N N 310 
PHE N   H    sing N N 311 
PHE N   H2   sing N N 312 
PHE CA  C    sing N N 313 
PHE CA  CB   sing N N 314 
PHE CA  HA   sing N N 315 
PHE C   O    doub N N 316 
PHE C   OXT  sing N N 317 
PHE CB  CG   sing N N 318 
PHE CB  HB2  sing N N 319 
PHE CB  HB3  sing N N 320 
PHE CG  CD1  doub Y N 321 
PHE CG  CD2  sing Y N 322 
PHE CD1 CE1  sing Y N 323 
PHE CD1 HD1  sing N N 324 
PHE CD2 CE2  doub Y N 325 
PHE CD2 HD2  sing N N 326 
PHE CE1 CZ   doub Y N 327 
PHE CE1 HE1  sing N N 328 
PHE CE2 CZ   sing Y N 329 
PHE CE2 HE2  sing N N 330 
PHE CZ  HZ   sing N N 331 
PHE OXT HXT  sing N N 332 
PRO N   CA   sing N N 333 
PRO N   CD   sing N N 334 
PRO N   H    sing N N 335 
PRO CA  C    sing N N 336 
PRO CA  CB   sing N N 337 
PRO CA  HA   sing N N 338 
PRO C   O    doub N N 339 
PRO C   OXT  sing N N 340 
PRO CB  CG   sing N N 341 
PRO CB  HB2  sing N N 342 
PRO CB  HB3  sing N N 343 
PRO CG  CD   sing N N 344 
PRO CG  HG2  sing N N 345 
PRO CG  HG3  sing N N 346 
PRO CD  HD2  sing N N 347 
PRO CD  HD3  sing N N 348 
PRO OXT HXT  sing N N 349 
SER N   CA   sing N N 350 
SER N   H    sing N N 351 
SER N   H2   sing N N 352 
SER CA  C    sing N N 353 
SER CA  CB   sing N N 354 
SER CA  HA   sing N N 355 
SER C   O    doub N N 356 
SER C   OXT  sing N N 357 
SER CB  OG   sing N N 358 
SER CB  HB2  sing N N 359 
SER CB  HB3  sing N N 360 
SER OG  HG   sing N N 361 
SER OXT HXT  sing N N 362 
THR N   CA   sing N N 363 
THR N   H    sing N N 364 
THR N   H2   sing N N 365 
THR CA  C    sing N N 366 
THR CA  CB   sing N N 367 
THR CA  HA   sing N N 368 
THR C   O    doub N N 369 
THR C   OXT  sing N N 370 
THR CB  OG1  sing N N 371 
THR CB  CG2  sing N N 372 
THR CB  HB   sing N N 373 
THR OG1 HG1  sing N N 374 
THR CG2 HG21 sing N N 375 
THR CG2 HG22 sing N N 376 
THR CG2 HG23 sing N N 377 
THR OXT HXT  sing N N 378 
TRP N   CA   sing N N 379 
TRP N   H    sing N N 380 
TRP N   H2   sing N N 381 
TRP CA  C    sing N N 382 
TRP CA  CB   sing N N 383 
TRP CA  HA   sing N N 384 
TRP C   O    doub N N 385 
TRP C   OXT  sing N N 386 
TRP CB  CG   sing N N 387 
TRP CB  HB2  sing N N 388 
TRP CB  HB3  sing N N 389 
TRP CG  CD1  doub Y N 390 
TRP CG  CD2  sing Y N 391 
TRP CD1 NE1  sing Y N 392 
TRP CD1 HD1  sing N N 393 
TRP CD2 CE2  doub Y N 394 
TRP CD2 CE3  sing Y N 395 
TRP NE1 CE2  sing Y N 396 
TRP NE1 HE1  sing N N 397 
TRP CE2 CZ2  sing Y N 398 
TRP CE3 CZ3  doub Y N 399 
TRP CE3 HE3  sing N N 400 
TRP CZ2 CH2  doub Y N 401 
TRP CZ2 HZ2  sing N N 402 
TRP CZ3 CH2  sing Y N 403 
TRP CZ3 HZ3  sing N N 404 
TRP CH2 HH2  sing N N 405 
TRP OXT HXT  sing N N 406 
TYR N   CA   sing N N 407 
TYR N   H    sing N N 408 
TYR N   H2   sing N N 409 
TYR CA  C    sing N N 410 
TYR CA  CB   sing N N 411 
TYR CA  HA   sing N N 412 
TYR C   O    doub N N 413 
TYR C   OXT  sing N N 414 
TYR CB  CG   sing N N 415 
TYR CB  HB2  sing N N 416 
TYR CB  HB3  sing N N 417 
TYR CG  CD1  doub Y N 418 
TYR CG  CD2  sing Y N 419 
TYR CD1 CE1  sing Y N 420 
TYR CD1 HD1  sing N N 421 
TYR CD2 CE2  doub Y N 422 
TYR CD2 HD2  sing N N 423 
TYR CE1 CZ   doub Y N 424 
TYR CE1 HE1  sing N N 425 
TYR CE2 CZ   sing Y N 426 
TYR CE2 HE2  sing N N 427 
TYR CZ  OH   sing N N 428 
TYR OH  HH   sing N N 429 
TYR OXT HXT  sing N N 430 
VAL N   CA   sing N N 431 
VAL N   H    sing N N 432 
VAL N   H2   sing N N 433 
VAL CA  C    sing N N 434 
VAL CA  CB   sing N N 435 
VAL CA  HA   sing N N 436 
VAL C   O    doub N N 437 
VAL C   OXT  sing N N 438 
VAL CB  CG1  sing N N 439 
VAL CB  CG2  sing N N 440 
VAL CB  HB   sing N N 441 
VAL CG1 HG11 sing N N 442 
VAL CG1 HG12 sing N N 443 
VAL CG1 HG13 sing N N 444 
VAL CG2 HG21 sing N N 445 
VAL CG2 HG22 sing N N 446 
VAL CG2 HG23 sing N N 447 
VAL OXT HXT  sing N N 448 
# 
_pdbx_entity_instance_feature.ordinal        1 
_pdbx_entity_instance_feature.comp_id        OOE 
_pdbx_entity_instance_feature.asym_id        ? 
_pdbx_entity_instance_feature.seq_num        ? 
_pdbx_entity_instance_feature.auth_comp_id   OOE 
_pdbx_entity_instance_feature.auth_asym_id   ? 
_pdbx_entity_instance_feature.auth_seq_num   ? 
_pdbx_entity_instance_feature.feature_type   'SUBJECT OF INVESTIGATION' 
_pdbx_entity_instance_feature.details        ? 
# 
_pdbx_initial_refinement_model.id               1 
_pdbx_initial_refinement_model.entity_id_list   ? 
_pdbx_initial_refinement_model.type             'experimental model' 
_pdbx_initial_refinement_model.source_name      PDB 
_pdbx_initial_refinement_model.accession_code   4KSY 
_pdbx_initial_refinement_model.details          ? 
# 
_atom_sites.entry_id                    6YEA 
_atom_sites.Cartn_transf_matrix[1][1]   ? 
_atom_sites.Cartn_transf_matrix[1][2]   ? 
_atom_sites.Cartn_transf_matrix[1][3]   ? 
_atom_sites.Cartn_transf_matrix[2][1]   ? 
_atom_sites.Cartn_transf_matrix[2][2]   ? 
_atom_sites.Cartn_transf_matrix[2][3]   ? 
_atom_sites.Cartn_transf_matrix[3][1]   ? 
_atom_sites.Cartn_transf_matrix[3][2]   ? 
_atom_sites.Cartn_transf_matrix[3][3]   ? 
_atom_sites.Cartn_transf_vector[1]      ? 
_atom_sites.Cartn_transf_vector[2]      ? 
_atom_sites.Cartn_transf_vector[3]      ? 
_atom_sites.fract_transf_matrix[1][1]   -0.00515530 
_atom_sites.fract_transf_matrix[1][2]   0.00670654 
_atom_sites.fract_transf_matrix[1][3]   -0.00311118 
_atom_sites.fract_transf_matrix[2][1]   -0.00169171 
_atom_sites.fract_transf_matrix[2][2]   -0.00476238 
_atom_sites.fract_transf_matrix[2][3]   -0.00746271 
_atom_sites.fract_transf_matrix[3][1]   -0.02243866 
_atom_sites.fract_transf_matrix[3][2]   -0.01148795 
_atom_sites.fract_transf_matrix[3][3]   0.01241771 
_atom_sites.fract_transf_vector[1]      -0.099246 
_atom_sites.fract_transf_vector[2]      0.259958 
_atom_sites.fract_transf_vector[3]      -0.227528 
_atom_sites.solution_primary            ? 
_atom_sites.solution_secondary          ? 
_atom_sites.solution_hydrogens          ? 
_atom_sites.special_details             ? 
# 
loop_
_atom_type.symbol 
C 
F 
H 
N 
O 
P 
S 
# 
loop_
_atom_site.group_PDB 
_atom_site.id 
_atom_site.type_symbol 
_atom_site.label_atom_id 
_atom_site.label_alt_id 
_atom_site.label_comp_id 
_atom_site.label_asym_id 
_atom_site.label_entity_id 
_atom_site.label_seq_id 
_atom_site.pdbx_PDB_ins_code 
_atom_site.Cartn_x 
_atom_site.Cartn_y 
_atom_site.Cartn_z 
_atom_site.occupancy 
_atom_site.B_iso_or_equiv 
_atom_site.pdbx_formal_charge 
_atom_site.auth_seq_id 
_atom_site.auth_comp_id 
_atom_site.auth_asym_id 
_atom_site.auth_atom_id 
_atom_site.pdbx_PDB_model_num 
ATOM   1    N N    . ASN A 1 15  ? 11.422  -17.634 -0.861  1.00 50.57  ? 154 ASN A N    1 
ATOM   2    C CA   . ASN A 1 15  ? 10.746  -17.807 0.416   1.00 44.20  ? 154 ASN A CA   1 
ATOM   3    C C    . ASN A 1 15  ? 10.742  -16.552 1.294   1.00 61.30  ? 154 ASN A C    1 
ATOM   4    O O    . ASN A 1 15  ? 9.941   -16.453 2.228   1.00 70.27  ? 154 ASN A O    1 
ATOM   5    N N    . VAL A 1 16  ? 11.636  -15.599 1.012   1.00 46.59  ? 155 VAL A N    1 
ATOM   6    C CA   . VAL A 1 16  ? 11.706  -14.403 1.850   1.00 39.99  ? 155 VAL A CA   1 
ATOM   7    C C    . VAL A 1 16  ? 10.403  -13.619 1.778   1.00 49.42  ? 155 VAL A C    1 
ATOM   8    O O    . VAL A 1 16  ? 9.923   -13.087 2.786   1.00 37.66  ? 155 VAL A O    1 
ATOM   9    C CB   . VAL A 1 16  ? 12.910  -13.527 1.461   1.00 35.78  ? 155 VAL A CB   1 
ATOM   10   C CG1  . VAL A 1 16  ? 12.654  -12.081 1.885   1.00 36.31  ? 155 VAL A CG1  1 
ATOM   11   C CG2  . VAL A 1 16  ? 14.189  -14.056 2.115   1.00 37.21  ? 155 VAL A CG2  1 
ATOM   12   N N    . ALA A 1 17  ? 9.808   -13.539 0.588   1.00 46.67  ? 156 ALA A N    1 
ATOM   13   C CA   . ALA A 1 17  ? 8.565   -12.792 0.440   1.00 36.35  ? 156 ALA A CA   1 
ATOM   14   C C    . ALA A 1 17  ? 7.494   -13.294 1.397   1.00 35.53  ? 156 ALA A C    1 
ATOM   15   O O    . ALA A 1 17  ? 6.651   -12.511 1.851   1.00 43.97  ? 156 ALA A O    1 
ATOM   16   C CB   . ALA A 1 17  ? 8.076   -12.882 -1.004  1.00 40.20  ? 156 ALA A CB   1 
ATOM   17   N N    . HIS A 1 18  ? 7.506   -14.591 1.710   1.00 45.97  ? 157 HIS A N    1 
ATOM   18   C CA   . HIS A 1 18  ? 6.482   -15.170 2.573   1.00 38.14  ? 157 HIS A CA   1 
ATOM   19   C C    . HIS A 1 18  ? 6.449   -14.470 3.925   1.00 34.35  ? 157 HIS A C    1 
ATOM   20   O O    . HIS A 1 18  ? 5.409   -13.954 4.353   1.00 35.59  ? 157 HIS A O    1 
ATOM   21   C CB   . HIS A 1 18  ? 6.734   -16.669 2.741   1.00 31.07  ? 157 HIS A CB   1 
ATOM   22   C CG   . HIS A 1 18  ? 5.657   -17.379 3.500   1.00 28.73  ? 157 HIS A CG   1 
ATOM   23   N ND1  . HIS A 1 18  ? 5.820   -17.803 4.801   1.00 37.96  ? 157 HIS A ND1  1 
ATOM   24   C CD2  . HIS A 1 18  ? 4.402   -17.743 3.141   1.00 46.52  ? 157 HIS A CD2  1 
ATOM   25   C CE1  . HIS A 1 18  ? 4.713   -18.397 5.211   1.00 40.71  ? 157 HIS A CE1  1 
ATOM   26   N NE2  . HIS A 1 18  ? 3.836   -18.374 4.222   1.00 41.09  ? 157 HIS A NE2  1 
ATOM   27   N N    . GLY A 1 19  ? 7.594   -14.432 4.612   1.00 32.65  ? 158 GLY A N    1 
ATOM   28   C CA   . GLY A 1 19  ? 7.653   -13.760 5.897   1.00 27.92  ? 158 GLY A CA   1 
ATOM   29   C C    . GLY A 1 19  ? 7.319   -12.285 5.809   1.00 39.04  ? 158 GLY A C    1 
ATOM   30   O O    . GLY A 1 19  ? 6.806   -11.702 6.770   1.00 36.52  ? 158 GLY A O    1 
ATOM   31   N N    . LEU A 1 20  ? 7.601   -11.661 4.664   1.00 38.13  ? 159 LEU A N    1 
ATOM   32   C CA   . LEU A 1 20  ? 7.320   -10.237 4.503   1.00 38.83  ? 159 LEU A CA   1 
ATOM   33   C C    . LEU A 1 20  ? 5.821   -9.979  4.398   1.00 47.94  ? 159 LEU A C    1 
ATOM   34   O O    . LEU A 1 20  ? 5.304   -9.039  5.015   1.00 40.59  ? 159 LEU A O    1 
ATOM   35   C CB   . LEU A 1 20  ? 8.051   -9.687  3.280   1.00 40.60  ? 159 LEU A CB   1 
ATOM   36   C CG   . LEU A 1 20  ? 9.575   -9.726  3.388   1.00 39.30  ? 159 LEU A CG   1 
ATOM   37   C CD1  . LEU A 1 20  ? 10.217  -9.073  2.181   1.00 39.07  ? 159 LEU A CD1  1 
ATOM   38   C CD2  . LEU A 1 20  ? 10.046  -9.051  4.665   1.00 31.82  ? 159 LEU A CD2  1 
ATOM   39   N N    . ALA A 1 21  ? 5.108   -10.798 3.624   1.00 38.44  ? 160 ALA A N    1 
ATOM   40   C CA   . ALA A 1 21  ? 3.658   -10.669 3.583   1.00 33.06  ? 160 ALA A CA   1 
ATOM   41   C C    . ALA A 1 21  ? 3.054   -10.866 4.967   1.00 36.10  ? 160 ALA A C    1 
ATOM   42   O O    . ALA A 1 21  ? 2.173   -10.104 5.382   1.00 29.74  ? 160 ALA A O    1 
ATOM   43   C CB   . ALA A 1 21  ? 3.065   -11.669 2.592   1.00 28.87  ? 160 ALA A CB   1 
ATOM   44   N N    . TRP A 1 22  ? 3.512   -11.887 5.694   1.00 32.31  ? 161 TRP A N    1 
ATOM   45   C CA   . TRP A 1 22  ? 2.993   -12.106 7.039   1.00 35.97  ? 161 TRP A CA   1 
ATOM   46   C C    . TRP A 1 22  ? 3.406   -10.983 7.980   1.00 39.68  ? 161 TRP A C    1 
ATOM   47   O O    . TRP A 1 22  ? 2.627   -10.574 8.850   1.00 39.00  ? 161 TRP A O    1 
ATOM   48   C CB   . TRP A 1 22  ? 3.447   -13.467 7.565   1.00 33.22  ? 161 TRP A CB   1 
ATOM   49   C CG   . TRP A 1 22  ? 2.526   -14.547 7.099   1.00 33.34  ? 161 TRP A CG   1 
ATOM   50   C CD1  . TRP A 1 22  ? 2.686   -15.346 6.006   1.00 37.68  ? 161 TRP A CD1  1 
ATOM   51   C CD2  . TRP A 1 22  ? 1.267   -14.909 7.680   1.00 32.17  ? 161 TRP A CD2  1 
ATOM   52   N NE1  . TRP A 1 22  ? 1.616   -16.201 5.885   1.00 32.77  ? 161 TRP A NE1  1 
ATOM   53   C CE2  . TRP A 1 22  ? 0.731   -15.950 6.899   1.00 34.46  ? 161 TRP A CE2  1 
ATOM   54   C CE3  . TRP A 1 22  ? 0.546   -14.458 8.792   1.00 34.15  ? 161 TRP A CE3  1 
ATOM   55   C CZ2  . TRP A 1 22  ? -0.498  -16.553 7.198   1.00 39.01  ? 161 TRP A CZ2  1 
ATOM   56   C CZ3  . TRP A 1 22  ? -0.677  -15.059 9.086   1.00 32.62  ? 161 TRP A CZ3  1 
ATOM   57   C CH2  . TRP A 1 22  ? -1.183  -16.093 8.292   1.00 36.90  ? 161 TRP A CH2  1 
ATOM   58   N N    . SER A 1 23  ? 4.623   -10.461 7.820   1.00 46.93  ? 162 SER A N    1 
ATOM   59   C CA   . SER A 1 23  ? 5.011   -9.267  8.567   1.00 38.85  ? 162 SER A CA   1 
ATOM   60   C C    . SER A 1 23  ? 4.130   -8.086  8.201   1.00 38.77  ? 162 SER A C    1 
ATOM   61   O O    . SER A 1 23  ? 3.697   -7.326  9.076   1.00 33.76  ? 162 SER A O    1 
ATOM   62   C CB   . SER A 1 23  ? 6.473   -8.928  8.297   1.00 38.73  ? 162 SER A CB   1 
ATOM   63   O OG   . SER A 1 23  ? 6.785   -7.609  8.726   1.00 31.52  ? 162 SER A OG   1 
ATOM   64   N N    . TYR A 1 24  ? 3.841   -7.936  6.905   1.00 32.55  ? 163 TYR A N    1 
ATOM   65   C CA   . TYR A 1 24  ? 3.022   -6.827  6.427   1.00 31.50  ? 163 TYR A CA   1 
ATOM   66   C C    . TYR A 1 24  ? 1.628   -6.847  7.037   1.00 39.76  ? 163 TYR A C    1 
ATOM   67   O O    . TYR A 1 24  ? 1.021   -5.787  7.221   1.00 42.92  ? 163 TYR A O    1 
ATOM   68   C CB   . TYR A 1 24  ? 2.927   -6.865  4.898   1.00 30.99  ? 163 TYR A CB   1 
ATOM   69   C CG   . TYR A 1 24  ? 2.334   -5.615  4.272   1.00 43.54  ? 163 TYR A CG   1 
ATOM   70   C CD1  . TYR A 1 24  ? 2.910   -4.367  4.479   1.00 36.33  ? 163 TYR A CD1  1 
ATOM   71   C CD2  . TYR A 1 24  ? 1.205   -5.685  3.467   1.00 39.55  ? 163 TYR A CD2  1 
ATOM   72   C CE1  . TYR A 1 24  ? 2.374   -3.227  3.908   1.00 47.74  ? 163 TYR A CE1  1 
ATOM   73   C CE2  . TYR A 1 24  ? 0.667   -4.557  2.898   1.00 40.84  ? 163 TYR A CE2  1 
ATOM   74   C CZ   . TYR A 1 24  ? 1.252   -3.332  3.119   1.00 45.00  ? 163 TYR A CZ   1 
ATOM   75   O OH   . TYR A 1 24  ? 0.712   -2.205  2.550   1.00 40.12  ? 163 TYR A OH   1 
ATOM   76   N N    . TYR A 1 25  ? 1.111   -8.029  7.368   1.00 43.49  ? 164 TYR A N    1 
ATOM   77   C CA   . TYR A 1 25  ? -0.243  -8.161  7.898   1.00 35.17  ? 164 TYR A CA   1 
ATOM   78   C C    . TYR A 1 25  ? -0.267  -8.067  9.418   1.00 35.76  ? 164 TYR A C    1 
ATOM   79   O O    . TYR A 1 25  ? -1.046  -7.291  9.984   1.00 49.46  ? 164 TYR A O    1 
ATOM   80   C CB   . TYR A 1 25  ? -0.855  -9.487  7.434   1.00 34.55  ? 164 TYR A CB   1 
ATOM   81   C CG   . TYR A 1 25  ? -2.100  -9.898  8.186   1.00 48.44  ? 164 TYR A CG   1 
ATOM   82   C CD1  . TYR A 1 25  ? -3.304  -9.236  7.989   1.00 38.40  ? 164 TYR A CD1  1 
ATOM   83   C CD2  . TYR A 1 25  ? -2.074  -10.956 9.088   1.00 39.78  ? 164 TYR A CD2  1 
ATOM   84   C CE1  . TYR A 1 25  ? -4.437  -9.607  8.671   1.00 45.36  ? 164 TYR A CE1  1 
ATOM   85   C CE2  . TYR A 1 25  ? -3.208  -11.333 9.773   1.00 52.60  ? 164 TYR A CE2  1 
ATOM   86   C CZ   . TYR A 1 25  ? -4.385  -10.655 9.561   1.00 57.84  ? 164 TYR A CZ   1 
ATOM   87   O OH   . TYR A 1 25  ? -5.521  -11.025 10.242  1.00 55.54  ? 164 TYR A OH   1 
ATOM   88   N N    . ILE A 1 26  ? 0.583   -8.852  10.088  1.00 36.22  ? 165 ILE A N    1 
ATOM   89   C CA   . ILE A 1 26  ? 0.595   -8.882  11.548  1.00 47.46  ? 165 ILE A CA   1 
ATOM   90   C C    . ILE A 1 26  ? 0.975   -7.520  12.112  1.00 44.80  ? 165 ILE A C    1 
ATOM   91   O O    . ILE A 1 26  ? 0.399   -7.063  13.106  1.00 46.60  ? 165 ILE A O    1 
ATOM   92   C CB   . ILE A 1 26  ? 1.547   -9.982  12.054  1.00 35.71  ? 165 ILE A CB   1 
ATOM   93   C CG1  . ILE A 1 26  ? 0.992   -11.361 11.718  1.00 32.52  ? 165 ILE A CG1  1 
ATOM   94   C CG2  . ILE A 1 26  ? 1.789   -9.843  13.565  1.00 36.49  ? 165 ILE A CG2  1 
ATOM   95   C CD1  . ILE A 1 26  ? 1.973   -12.489 11.929  1.00 41.49  ? 165 ILE A CD1  1 
ATOM   96   N N    . GLY A 1 27  ? 1.936   -6.849  11.491  1.00 45.40  ? 166 GLY A N    1 
ATOM   97   C CA   . GLY A 1 27  ? 2.426   -5.590  11.998  1.00 37.78  ? 166 GLY A CA   1 
ATOM   98   C C    . GLY A 1 27  ? 1.801   -4.345  11.411  1.00 36.42  ? 166 GLY A C    1 
ATOM   99   O O    . GLY A 1 27  ? 2.296   -3.246  11.675  1.00 51.99  ? 166 GLY A O    1 
ATOM   100  N N    . TYR A 1 28  ? 0.726   -4.469  10.635  1.00 33.27  ? 167 TYR A N    1 
ATOM   101  C CA   . TYR A 1 28  ? 0.179   -3.297  9.963   1.00 42.68  ? 167 TYR A CA   1 
ATOM   102  C C    . TYR A 1 28  ? -1.270  -3.505  9.533   1.00 49.87  ? 167 TYR A C    1 
ATOM   103  O O    . TYR A 1 28  ? -2.193  -2.998  10.178  1.00 43.81  ? 167 TYR A O    1 
ATOM   104  C CB   . TYR A 1 28  ? 1.046   -2.937  8.755   1.00 41.29  ? 167 TYR A CB   1 
ATOM   105  C CG   . TYR A 1 28  ? 0.698   -1.603  8.129   1.00 39.86  ? 167 TYR A CG   1 
ATOM   106  C CD1  . TYR A 1 28  ? 0.595   -0.456  8.906   1.00 50.81  ? 167 TYR A CD1  1 
ATOM   107  C CD2  . TYR A 1 28  ? 0.478   -1.490  6.763   1.00 45.60  ? 167 TYR A CD2  1 
ATOM   108  C CE1  . TYR A 1 28  ? 0.283   0.765   8.338   1.00 51.04  ? 167 TYR A CE1  1 
ATOM   109  C CE2  . TYR A 1 28  ? 0.169   -0.281  6.190   1.00 47.38  ? 167 TYR A CE2  1 
ATOM   110  C CZ   . TYR A 1 28  ? 0.073   0.847   6.980   1.00 48.73  ? 167 TYR A CZ   1 
ATOM   111  O OH   . TYR A 1 28  ? -0.240  2.058   6.406   1.00 51.39  ? 167 TYR A OH   1 
ATOM   112  N N    . LEU A 1 29  ? -1.476  -4.250  8.441   1.00 46.22  ? 168 LEU A N    1 
ATOM   113  C CA   . LEU A 1 29  ? -2.809  -4.384  7.860   1.00 41.21  ? 168 LEU A CA   1 
ATOM   114  C C    . LEU A 1 29  ? -3.847  -4.750  8.915   1.00 50.48  ? 168 LEU A C    1 
ATOM   115  O O    . LEU A 1 29  ? -4.932  -4.162  8.968   1.00 47.97  ? 168 LEU A O    1 
ATOM   116  C CB   . LEU A 1 29  ? -2.789  -5.427  6.741   1.00 41.23  ? 168 LEU A CB   1 
ATOM   117  C CG   . LEU A 1 29  ? -2.266  -4.949  5.384   1.00 52.44  ? 168 LEU A CG   1 
ATOM   118  C CD1  . LEU A 1 29  ? -2.608  -5.951  4.297   1.00 42.08  ? 168 LEU A CD1  1 
ATOM   119  C CD2  . LEU A 1 29  ? -2.826  -3.581  5.040   1.00 34.30  ? 168 LEU A CD2  1 
ATOM   120  N N    . ARG A 1 30  ? -3.525  -5.722  9.771   1.00 57.17  ? 169 ARG A N    1 
ATOM   121  C CA   . ARG A 1 30  ? -4.471  -6.182  10.779  1.00 46.34  ? 169 ARG A CA   1 
ATOM   122  C C    . ARG A 1 30  ? -4.640  -5.201  11.936  1.00 45.25  ? 169 ARG A C    1 
ATOM   123  O O    . ARG A 1 30  ? -5.564  -5.372  12.736  1.00 50.30  ? 169 ARG A O    1 
ATOM   124  C CB   . ARG A 1 30  ? -4.046  -7.554  11.316  1.00 46.59  ? 169 ARG A CB   1 
ATOM   125  C CG   . ARG A 1 30  ? -3.148  -7.507  12.548  1.00 45.24  ? 169 ARG A CG   1 
ATOM   126  C CD   . ARG A 1 30  ? -3.310  -8.765  13.398  1.00 46.43  ? 169 ARG A CD   1 
ATOM   127  N NE   . ARG A 1 30  ? -2.175  -8.969  14.292  1.00 68.38  ? 169 ARG A NE   1 
ATOM   128  C CZ   . ARG A 1 30  ? -2.018  -10.034 15.071  1.00 66.87  ? 169 ARG A CZ   1 
ATOM   129  N NH1  . ARG A 1 30  ? -2.933  -10.995 15.078  1.00 81.06  ? 169 ARG A NH1  1 
ATOM   130  N NH2  . ARG A 1 30  ? -0.949  -10.138 15.845  1.00 58.56  ? 169 ARG A NH2  1 
ATOM   131  N N    . LEU A 1 31  ? -3.785  -4.184  12.049  1.00 47.02  ? 170 LEU A N    1 
ATOM   132  C CA   . LEU A 1 31  ? -3.942  -3.163  13.082  1.00 41.09  ? 170 LEU A CA   1 
ATOM   133  C C    . LEU A 1 31  ? -4.659  -1.912  12.591  1.00 49.06  ? 170 LEU A C    1 
ATOM   134  O O    . LEU A 1 31  ? -5.523  -1.383  13.298  1.00 49.66  ? 170 LEU A O    1 
ATOM   135  C CB   . LEU A 1 31  ? -2.584  -2.752  13.665  1.00 39.94  ? 170 LEU A CB   1 
ATOM   136  C CG   . LEU A 1 31  ? -1.580  -3.818  14.092  1.00 55.00  ? 170 LEU A CG   1 
ATOM   137  C CD1  . LEU A 1 31  ? -0.351  -3.139  14.628  1.00 40.13  ? 170 LEU A CD1  1 
ATOM   138  C CD2  . LEU A 1 31  ? -2.164  -4.727  15.140  1.00 46.19  ? 170 LEU A CD2  1 
ATOM   139  N N    . ILE A 1 32  ? -4.326  -1.418  11.399  1.00 43.92  ? 171 ILE A N    1 
ATOM   140  C CA   . ILE A 1 32  ? -4.931  -0.173  10.930  1.00 61.30  ? 171 ILE A CA   1 
ATOM   141  C C    . ILE A 1 32  ? -6.243  -0.416  10.186  1.00 57.07  ? 171 ILE A C    1 
ATOM   142  O O    . ILE A 1 32  ? -7.161  0.408   10.272  1.00 61.76  ? 171 ILE A O    1 
ATOM   143  C CB   . ILE A 1 32  ? -3.935  0.623   10.063  1.00 54.96  ? 171 ILE A CB   1 
ATOM   144  C CG1  . ILE A 1 32  ? -3.777  0.002   8.674   1.00 53.79  ? 171 ILE A CG1  1 
ATOM   145  C CG2  . ILE A 1 32  ? -2.577  0.722   10.761  1.00 47.45  ? 171 ILE A CG2  1 
ATOM   146  C CD1  . ILE A 1 32  ? -3.110  0.932   7.675   1.00 50.57  ? 171 ILE A CD1  1 
ATOM   147  N N    . LEU A 1 33  ? -6.368  -1.533  9.471   1.00 51.89  ? 172 LEU A N    1 
ATOM   148  C CA   . LEU A 1 33  ? -7.606  -1.824  8.748   1.00 54.63  ? 172 LEU A CA   1 
ATOM   149  C C    . LEU A 1 33  ? -8.841  -1.787  9.637   1.00 63.67  ? 172 LEU A C    1 
ATOM   150  O O    . LEU A 1 33  ? -9.845  -1.176  9.238   1.00 53.11  ? 172 LEU A O    1 
ATOM   151  C CB   . LEU A 1 33  ? -7.480  -3.180  8.040   1.00 55.64  ? 172 LEU A CB   1 
ATOM   152  C CG   . LEU A 1 33  ? -6.660  -3.201  6.745   1.00 54.41  ? 172 LEU A CG   1 
ATOM   153  C CD1  . LEU A 1 33  ? -7.041  -4.400  5.888   1.00 52.52  ? 172 LEU A CD1  1 
ATOM   154  C CD2  . LEU A 1 33  ? -6.832  -1.903  5.968   1.00 45.12  ? 172 LEU A CD2  1 
ATOM   155  N N    . PRO A 1 34  ? -8.853  -2.400  10.820  1.00 71.55  ? 173 PRO A N    1 
ATOM   156  C CA   . PRO A 1 34  ? -10.068 -2.331  11.651  1.00 58.88  ? 173 PRO A CA   1 
ATOM   157  C C    . PRO A 1 34  ? -10.460 -0.918  12.049  1.00 52.39  ? 173 PRO A C    1 
ATOM   158  O O    . PRO A 1 34  ? -11.658 -0.631  12.173  1.00 52.28  ? 173 PRO A O    1 
ATOM   159  C CB   . PRO A 1 34  ? -9.700  -3.182  12.874  1.00 46.26  ? 173 PRO A CB   1 
ATOM   160  C CG   . PRO A 1 34  ? -8.623  -4.106  12.373  1.00 47.13  ? 173 PRO A CG   1 
ATOM   161  C CD   . PRO A 1 34  ? -7.832  -3.290  11.398  1.00 54.75  ? 173 PRO A CD   1 
ATOM   162  N N    . GLU A 1 35  ? -9.494  -0.032  12.272  1.00 55.99  ? 174 GLU A N    1 
ATOM   163  C CA   . GLU A 1 35  ? -9.766  1.336   12.691  1.00 58.04  ? 174 GLU A CA   1 
ATOM   164  C C    . GLU A 1 35  ? -9.732  2.319   11.530  1.00 55.01  ? 174 GLU A C    1 
ATOM   165  O O    . GLU A 1 35  ? -9.751  3.533   11.758  1.00 49.00  ? 174 GLU A O    1 
ATOM   166  C CB   . GLU A 1 35  ? -8.764  1.766   13.763  1.00 59.48  ? 174 GLU A CB   1 
ATOM   167  C CG   . GLU A 1 35  ? -8.811  0.934   15.034  1.00 55.55  ? 174 GLU A CG   1 
ATOM   168  C CD   . GLU A 1 35  ? -10.025 1.235   15.885  1.00 58.88  ? 174 GLU A CD   1 
ATOM   169  N N    . LEU A 1 36  ? -9.695  1.824   10.293  1.00 54.78  ? 175 LEU A N    1 
ATOM   170  C CA   . LEU A 1 36  ? -9.524  2.705   9.141   1.00 56.92  ? 175 LEU A CA   1 
ATOM   171  C C    . LEU A 1 36  ? -10.830 3.380   8.739   1.00 56.46  ? 175 LEU A C    1 
ATOM   172  O O    . LEU A 1 36  ? -10.847 4.582   8.454   1.00 50.89  ? 175 LEU A O    1 
ATOM   173  C CB   . LEU A 1 36  ? -8.951  1.918   7.960   1.00 51.32  ? 175 LEU A CB   1 
ATOM   174  C CG   . LEU A 1 36  ? -8.628  2.727   6.704   1.00 45.01  ? 175 LEU A CG   1 
ATOM   175  C CD1  . LEU A 1 36  ? -7.641  3.841   7.023   1.00 53.30  ? 175 LEU A CD1  1 
ATOM   176  C CD2  . LEU A 1 36  ? -8.077  1.819   5.620   1.00 42.11  ? 175 LEU A CD2  1 
ATOM   177  N N    . GLN A 1 37  ? -11.929 2.625   8.678   1.00 65.53  ? 176 GLN A N    1 
ATOM   178  C CA   . GLN A 1 37  ? -13.219 3.230   8.361   1.00 66.84  ? 176 GLN A CA   1 
ATOM   179  C C    . GLN A 1 37  ? -13.524 4.389   9.302   1.00 60.73  ? 176 GLN A C    1 
ATOM   180  O O    . GLN A 1 37  ? -13.910 5.480   8.866   1.00 54.04  ? 176 GLN A O    1 
ATOM   181  C CB   . GLN A 1 37  ? -14.321 2.175   8.433   1.00 74.64  ? 176 GLN A CB   1 
ATOM   182  C CG   . GLN A 1 37  ? -14.356 1.254   7.233   1.00 63.63  ? 176 GLN A CG   1 
ATOM   183  N N    . ALA A 1 38  ? -13.360 4.163   10.608  1.00 74.26  ? 177 ALA A N    1 
ATOM   184  C CA   . ALA A 1 38  ? -13.596 5.228   11.577  1.00 64.44  ? 177 ALA A CA   1 
ATOM   185  C C    . ALA A 1 38  ? -12.678 6.419   11.341  1.00 53.54  ? 177 ALA A C    1 
ATOM   186  O O    . ALA A 1 38  ? -13.053 7.558   11.654  1.00 52.01  ? 177 ALA A O    1 
ATOM   187  C CB   . ALA A 1 38  ? -13.413 4.692   12.999  1.00 56.53  ? 177 ALA A CB   1 
ATOM   188  N N    . ARG A 1 39  ? -11.474 6.184   10.813  1.00 50.30  ? 178 ARG A N    1 
ATOM   189  C CA   . ARG A 1 39  ? -10.530 7.275   10.594  1.00 53.25  ? 178 ARG A CA   1 
ATOM   190  C C    . ARG A 1 39  ? -10.878 8.087   9.354   1.00 63.05  ? 178 ARG A C    1 
ATOM   191  O O    . ARG A 1 39  ? -10.678 9.307   9.342   1.00 52.69  ? 178 ARG A O    1 
ATOM   192  C CB   . ARG A 1 39  ? -9.107  6.722   10.493  1.00 52.33  ? 178 ARG A CB   1 
ATOM   193  C CG   . ARG A 1 39  ? -8.579  6.185   11.811  1.00 52.55  ? 178 ARG A CG   1 
ATOM   194  C CD   . ARG A 1 39  ? -7.192  5.572   11.670  1.00 46.74  ? 178 ARG A CD   1 
ATOM   195  N NE   . ARG A 1 39  ? -6.215  6.529   11.162  1.00 50.28  ? 178 ARG A NE   1 
ATOM   196  C CZ   . ARG A 1 39  ? -5.298  6.244   10.241  1.00 54.66  ? 178 ARG A CZ   1 
ATOM   197  N NH1  . ARG A 1 39  ? -5.234  5.024   9.721   1.00 46.78  ? 178 ARG A NH1  1 
ATOM   198  N NH2  . ARG A 1 39  ? -4.442  7.175   9.839   1.00 46.15  ? 178 ARG A NH2  1 
ATOM   199  N N    . ILE A 1 40  ? -11.408 7.442   8.316   1.00 64.65  ? 179 ILE A N    1 
ATOM   200  C CA   . ILE A 1 40  ? -11.860 8.186   7.146   1.00 56.32  ? 179 ILE A CA   1 
ATOM   201  C C    . ILE A 1 40  ? -13.137 8.950   7.470   1.00 63.98  ? 179 ILE A C    1 
ATOM   202  O O    . ILE A 1 40  ? -13.273 10.136  7.146   1.00 64.14  ? 179 ILE A O    1 
ATOM   203  C CB   . ILE A 1 40  ? -12.057 7.237   5.949   1.00 50.36  ? 179 ILE A CB   1 
ATOM   204  C CG1  . ILE A 1 40  ? -10.786 6.420   5.702   1.00 65.35  ? 179 ILE A CG1  1 
ATOM   205  C CG2  . ILE A 1 40  ? -12.462 8.016   4.698   1.00 59.70  ? 179 ILE A CG2  1 
ATOM   206  C CD1  . ILE A 1 40  ? -10.976 5.289   4.715   1.00 63.15  ? 179 ILE A CD1  1 
ATOM   207  N N    . ARG A 1 41  ? -14.094 8.279   8.115   1.00 69.99  ? 180 ARG A N    1 
ATOM   208  C CA   . ARG A 1 41  ? -15.332 8.939   8.522   1.00 65.80  ? 180 ARG A CA   1 
ATOM   209  C C    . ARG A 1 41  ? -15.044 10.242  9.254   1.00 63.19  ? 180 ARG A C    1 
ATOM   210  O O    . ARG A 1 41  ? -15.667 11.276  8.981   1.00 69.60  ? 180 ARG A O    1 
ATOM   211  C CB   . ARG A 1 41  ? -16.161 7.999   9.398   1.00 54.02  ? 180 ARG A CB   1 
ATOM   212  C CG   . ARG A 1 41  ? -17.163 8.711   10.295  1.00 61.68  ? 180 ARG A CG   1 
ATOM   213  N N    . THR A 1 42  ? -14.100 10.216  10.197  1.00 59.39  ? 181 THR A N    1 
ATOM   214  C CA   . THR A 1 42  ? -13.720 11.447  10.882  1.00 67.08  ? 181 THR A CA   1 
ATOM   215  C C    . THR A 1 42  ? -13.287 12.507  9.881   1.00 73.05  ? 181 THR A C    1 
ATOM   216  O O    . THR A 1 42  ? -13.796 13.632  9.890   1.00 73.17  ? 181 THR A O    1 
ATOM   217  C CB   . THR A 1 42  ? -12.599 11.188  11.889  1.00 63.95  ? 181 THR A CB   1 
ATOM   218  O OG1  . THR A 1 42  ? -13.146 10.638  13.092  1.00 65.40  ? 181 THR A OG1  1 
ATOM   219  C CG2  . THR A 1 42  ? -11.890 12.491  12.222  1.00 46.53  ? 181 THR A CG2  1 
ATOM   220  N N    . TYR A 1 43  ? -12.346 12.159  9.000   1.00 77.20  ? 182 TYR A N    1 
ATOM   221  C CA   . TYR A 1 43  ? -11.830 13.144  8.059   1.00 75.51  ? 182 TYR A CA   1 
ATOM   222  C C    . TYR A 1 43  ? -12.941 13.721  7.194   1.00 80.88  ? 182 TYR A C    1 
ATOM   223  O O    . TYR A 1 43  ? -12.957 14.925  6.911   1.00 70.11  ? 182 TYR A O    1 
ATOM   224  C CB   . TYR A 1 43  ? -10.741 12.531  7.184   1.00 59.79  ? 182 TYR A CB   1 
ATOM   225  C CG   . TYR A 1 43  ? -10.003 13.572  6.382   1.00 61.29  ? 182 TYR A CG   1 
ATOM   226  C CD1  . TYR A 1 43  ? -10.306 13.802  5.046   1.00 51.53  ? 182 TYR A CD1  1 
ATOM   227  C CD2  . TYR A 1 43  ? -9.022  14.353  6.976   1.00 56.20  ? 182 TYR A CD2  1 
ATOM   228  C CE1  . TYR A 1 43  ? -9.634  14.763  4.319   1.00 51.30  ? 182 TYR A CE1  1 
ATOM   229  C CE2  . TYR A 1 43  ? -8.343  15.322  6.254   1.00 55.49  ? 182 TYR A CE2  1 
ATOM   230  C CZ   . TYR A 1 43  ? -8.654  15.521  4.927   1.00 58.27  ? 182 TYR A CZ   1 
ATOM   231  O OH   . TYR A 1 43  ? -7.984  16.480  4.202   1.00 66.27  ? 182 TYR A OH   1 
ATOM   232  N N    . ASN A 1 44  ? -13.876 12.878  6.754   1.00 72.58  ? 183 ASN A N    1 
ATOM   233  C CA   . ASN A 1 44  ? -14.981 13.373  5.940   1.00 64.13  ? 183 ASN A CA   1 
ATOM   234  C C    . ASN A 1 44  ? -15.786 14.424  6.694   1.00 75.83  ? 183 ASN A C    1 
ATOM   235  O O    . ASN A 1 44  ? -16.097 15.489  6.152   1.00 79.60  ? 183 ASN A O    1 
ATOM   236  C CB   . ASN A 1 44  ? -15.866 12.210  5.493   1.00 62.26  ? 183 ASN A CB   1 
ATOM   237  C CG   . ASN A 1 44  ? -15.243 11.414  4.358   1.00 75.06  ? 183 ASN A CG   1 
ATOM   238  O OD1  . ASN A 1 44  ? -14.372 11.909  3.640   1.00 62.12  ? 183 ASN A OD1  1 
ATOM   239  N ND2  . ASN A 1 44  ? -15.683 10.172  4.195   1.00 75.81  ? 183 ASN A ND2  1 
ATOM   240  N N    . GLN A 1 45  ? -16.129 14.145  7.955   1.00 72.42  ? 184 GLN A N    1 
ATOM   241  C CA   . GLN A 1 45  ? -16.771 15.134  8.823   1.00 71.66  ? 184 GLN A CA   1 
ATOM   242  C C    . GLN A 1 45  ? -15.689 15.915  9.576   1.00 74.92  ? 184 GLN A C    1 
ATOM   243  O O    . GLN A 1 45  ? -15.485 15.764  10.784  1.00 66.35  ? 184 GLN A O    1 
ATOM   244  C CB   . GLN A 1 45  ? -17.746 14.461  9.783   1.00 76.41  ? 184 GLN A CB   1 
ATOM   245  C CG   . GLN A 1 45  ? -18.536 13.298  9.188   1.00 81.33  ? 184 GLN A CG   1 
ATOM   246  C CD   . GLN A 1 45  ? -18.978 12.299  10.245  1.00 98.74  ? 184 GLN A CD   1 
ATOM   247  O OE1  . GLN A 1 45  ? -18.656 12.442  11.427  1.00 90.79  ? 184 GLN A OE1  1 
ATOM   248  N NE2  . GLN A 1 45  ? -19.727 11.283  9.825   1.00 96.29  ? 184 GLN A NE2  1 
ATOM   249  N N    . HIS A 1 46  ? -14.988 16.759  8.818   1.00 81.11  ? 185 HIS A N    1 
ATOM   250  C CA   . HIS A 1 46  ? -13.818 17.504  9.305   1.00 82.83  ? 185 HIS A CA   1 
ATOM   251  C C    . HIS A 1 46  ? -13.872 17.837  10.793  1.00 71.71  ? 185 HIS A C    1 
ATOM   252  O O    . HIS A 1 46  ? -12.843 17.941  11.456  1.00 57.61  ? 185 HIS A O    1 
ATOM   253  C CB   . HIS A 1 46  ? -13.646 18.806  8.515   1.00 89.00  ? 185 HIS A CB   1 
ATOM   254  C CG   . HIS A 1 46  ? -12.968 18.629  7.190   1.00 102.28 ? 185 HIS A CG   1 
ATOM   255  N ND1  . HIS A 1 46  ? -11.597 18.631  7.049   1.00 88.52  ? 185 HIS A ND1  1 
ATOM   256  C CD2  . HIS A 1 46  ? -13.472 18.457  5.946   1.00 93.82  ? 185 HIS A CD2  1 
ATOM   257  C CE1  . HIS A 1 46  ? -11.286 18.460  5.776   1.00 82.77  ? 185 HIS A CE1  1 
ATOM   258  N NE2  . HIS A 1 46  ? -12.407 18.353  5.085   1.00 90.70  ? 185 HIS A NE2  1 
ATOM   259  C C    . GLY A 1 53  ? -15.050 14.480  -1.413  1.00 73.78  ? 192 GLY A C    1 
ATOM   260  O O    . GLY A 1 53  ? -15.164 15.344  -0.546  1.00 79.56  ? 192 GLY A O    1 
ATOM   261  N N    . ALA A 1 54  ? -15.623 13.284  -1.320  1.00 77.87  ? 193 ALA A N    1 
ATOM   262  C CA   . ALA A 1 54  ? -15.514 12.446  -0.134  1.00 76.58  ? 193 ALA A CA   1 
ATOM   263  C C    . ALA A 1 54  ? -14.433 11.398  -0.350  1.00 82.52  ? 193 ALA A C    1 
ATOM   264  O O    . ALA A 1 54  ? -14.408 10.735  -1.393  1.00 73.02  ? 193 ALA A O    1 
ATOM   265  C CB   . ALA A 1 54  ? -16.848 11.771  0.187   1.00 71.31  ? 193 ALA A CB   1 
ATOM   266  N N    . VAL A 1 55  ? -13.540 11.259  0.633   1.00 71.27  ? 194 VAL A N    1 
ATOM   267  C CA   . VAL A 1 55  ? -12.551 10.187  0.600   1.00 60.31  ? 194 VAL A CA   1 
ATOM   268  C C    . VAL A 1 55  ? -13.263 8.843   0.620   1.00 65.30  ? 194 VAL A C    1 
ATOM   269  O O    . VAL A 1 55  ? -14.162 8.613   1.440   1.00 72.05  ? 194 VAL A O    1 
ATOM   270  C CB   . VAL A 1 55  ? -11.585 10.326  1.785   1.00 58.38  ? 194 VAL A CB   1 
ATOM   271  C CG1  . VAL A 1 55  ? -10.481 9.284   1.708   1.00 45.11  ? 194 VAL A CG1  1 
ATOM   272  C CG2  . VAL A 1 55  ? -11.007 11.733  1.843   1.00 65.66  ? 194 VAL A CG2  1 
ATOM   273  N N    . SER A 1 56  ? -12.866 7.950   -0.285  1.00 53.90  ? 195 SER A N    1 
ATOM   274  C CA   . SER A 1 56  ? -13.457 6.620   -0.338  1.00 59.04  ? 195 SER A CA   1 
ATOM   275  C C    . SER A 1 56  ? -12.929 5.755   0.806   1.00 54.65  ? 195 SER A C    1 
ATOM   276  O O    . SER A 1 56  ? -11.856 6.000   1.366   1.00 47.91  ? 195 SER A O    1 
ATOM   277  C CB   . SER A 1 56  ? -13.196 5.964   -1.694  1.00 49.32  ? 195 SER A CB   1 
ATOM   278  O OG   . SER A 1 56  ? -13.506 6.875   -2.738  1.00 65.27  ? 195 SER A OG   1 
ATOM   279  N N    . GLN A 1 57  ? -13.704 4.726   1.140   1.00 49.32  ? 196 GLN A N    1 
ATOM   280  C CA   . GLN A 1 57  ? -13.587 4.031   2.415   1.00 56.30  ? 196 GLN A CA   1 
ATOM   281  C C    . GLN A 1 57  ? -12.641 2.839   2.382   1.00 67.46  ? 196 GLN A C    1 
ATOM   282  O O    . GLN A 1 57  ? -12.645 2.046   3.330   1.00 68.36  ? 196 GLN A O    1 
ATOM   283  C CB   . GLN A 1 57  ? -14.969 3.565   2.881   1.00 49.84  ? 196 GLN A CB   1 
ATOM   284  N N    . ARG A 1 58  ? -11.844 2.684   1.328   1.00 57.71  ? 197 ARG A N    1 
ATOM   285  C CA   . ARG A 1 58  ? -10.933 1.553   1.203   1.00 51.80  ? 197 ARG A CA   1 
ATOM   286  C C    . ARG A 1 58  ? -9.485  2.028   1.154   1.00 48.03  ? 197 ARG A C    1 
ATOM   287  O O    . ARG A 1 58  ? -9.189  3.137   0.699   1.00 57.31  ? 197 ARG A O    1 
ATOM   288  C CB   . ARG A 1 58  ? -11.252 0.721   -0.047  1.00 51.80  ? 197 ARG A CB   1 
ATOM   289  C CG   . ARG A 1 58  ? -12.228 -0.425  0.175   1.00 54.78  ? 197 ARG A CG   1 
ATOM   290  C CD   . ARG A 1 58  ? -12.392 -1.234  -1.102  1.00 74.89  ? 197 ARG A CD   1 
ATOM   291  N NE   . ARG A 1 58  ? -13.228 -2.411  -0.892  1.00 73.46  ? 197 ARG A NE   1 
ATOM   292  N N    . LEU A 1 59  ? -8.583  1.168   1.622   1.00 45.52  ? 198 LEU A N    1 
ATOM   293  C CA   . LEU A 1 59  ? -7.154  1.462   1.638   1.00 37.50  ? 198 LEU A CA   1 
ATOM   294  C C    . LEU A 1 59  ? -6.514  0.832   0.410   1.00 48.10  ? 198 LEU A C    1 
ATOM   295  O O    . LEU A 1 59  ? -6.391  -0.393  0.326   1.00 42.36  ? 198 LEU A O    1 
ATOM   296  C CB   . LEU A 1 59  ? -6.502  0.934   2.910   1.00 37.00  ? 198 LEU A CB   1 
ATOM   297  C CG   . LEU A 1 59  ? -4.973  0.953   2.870   1.00 36.98  ? 198 LEU A CG   1 
ATOM   298  C CD1  . LEU A 1 59  ? -4.464  2.367   3.100   1.00 34.41  ? 198 LEU A CD1  1 
ATOM   299  C CD2  . LEU A 1 59  ? -4.384  -0.018  3.880   1.00 38.17  ? 198 LEU A CD2  1 
ATOM   300  N N    . TYR A 1 60  ? -6.095  1.665   -0.534  1.00 44.51  ? 199 TYR A N    1 
ATOM   301  C CA   . TYR A 1 60  ? -5.584  1.181   -1.811  1.00 38.46  ? 199 TYR A CA   1 
ATOM   302  C C    . TYR A 1 60  ? -4.071  1.029   -1.744  1.00 38.49  ? 199 TYR A C    1 
ATOM   303  O O    . TYR A 1 60  ? -3.351  2.000   -1.492  1.00 37.71  ? 199 TYR A O    1 
ATOM   304  C CB   . TYR A 1 60  ? -6.003  2.116   -2.941  1.00 39.37  ? 199 TYR A CB   1 
ATOM   305  C CG   . TYR A 1 60  ? -7.496  2.062   -3.134  1.00 50.60  ? 199 TYR A CG   1 
ATOM   306  C CD1  . TYR A 1 60  ? -8.341  2.830   -2.351  1.00 46.63  ? 199 TYR A CD1  1 
ATOM   307  C CD2  . TYR A 1 60  ? -8.065  1.202   -4.062  1.00 39.73  ? 199 TYR A CD2  1 
ATOM   308  C CE1  . TYR A 1 60  ? -9.707  2.766   -2.503  1.00 55.28  ? 199 TYR A CE1  1 
ATOM   309  C CE2  . TYR A 1 60  ? -9.430  1.133   -4.222  1.00 43.96  ? 199 TYR A CE2  1 
ATOM   310  C CZ   . TYR A 1 60  ? -10.247 1.917   -3.441  1.00 54.98  ? 199 TYR A CZ   1 
ATOM   311  O OH   . TYR A 1 60  ? -11.617 1.855   -3.590  1.00 56.74  ? 199 TYR A OH   1 
ATOM   312  N N    . ILE A 1 61  ? -3.599  -0.196  -1.976  1.00 44.50  ? 200 ILE A N    1 
ATOM   313  C CA   . ILE A 1 61  ? -2.211  -0.584  -1.769  1.00 43.23  ? 200 ILE A CA   1 
ATOM   314  C C    . ILE A 1 61  ? -1.603  -0.919  -3.124  1.00 33.43  ? 200 ILE A C    1 
ATOM   315  O O    . ILE A 1 61  ? -2.085  -1.819  -3.826  1.00 37.22  ? 200 ILE A O    1 
ATOM   316  C CB   . ILE A 1 61  ? -2.105  -1.778  -0.809  1.00 38.62  ? 200 ILE A CB   1 
ATOM   317  C CG1  . ILE A 1 61  ? -2.578  -1.386  0.593   1.00 37.17  ? 200 ILE A CG1  1 
ATOM   318  C CG2  . ILE A 1 61  ? -0.685  -2.316  -0.778  1.00 43.53  ? 200 ILE A CG2  1 
ATOM   319  C CD1  . ILE A 1 61  ? -2.786  -2.570  1.521   1.00 45.22  ? 200 ILE A CD1  1 
ATOM   320  N N    . LEU A 1 62  ? -0.540  -0.203  -3.486  1.00 30.34  ? 201 LEU A N    1 
ATOM   321  C CA   . LEU A 1 62  ? 0.135   -0.395  -4.762  1.00 40.73  ? 201 LEU A CA   1 
ATOM   322  C C    . LEU A 1 62  ? 1.223   -1.447  -4.608  1.00 31.77  ? 201 LEU A C    1 
ATOM   323  O O    . LEU A 1 62  ? 2.073   -1.343  -3.717  1.00 36.36  ? 201 LEU A O    1 
ATOM   324  C CB   . LEU A 1 62  ? 0.762   0.912   -5.246  1.00 36.64  ? 201 LEU A CB   1 
ATOM   325  C CG   . LEU A 1 62  ? -0.170  2.094   -5.475  1.00 39.60  ? 201 LEU A CG   1 
ATOM   326  C CD1  . LEU A 1 62  ? 0.626   3.377   -5.680  1.00 40.44  ? 201 LEU A CD1  1 
ATOM   327  C CD2  . LEU A 1 62  ? -1.062  1.814   -6.667  1.00 33.98  ? 201 LEU A CD2  1 
ATOM   328  N N    . LEU A 1 63  ? 1.188   -2.460  -5.477  1.00 36.30  ? 202 LEU A N    1 
ATOM   329  C CA   . LEU A 1 63  ? 2.203   -3.506  -5.540  1.00 43.43  ? 202 LEU A CA   1 
ATOM   330  C C    . LEU A 1 63  ? 2.821   -3.507  -6.932  1.00 37.11  ? 202 LEU A C    1 
ATOM   331  O O    . LEU A 1 63  ? 2.450   -4.323  -7.792  1.00 34.32  ? 202 LEU A O    1 
ATOM   332  C CB   . LEU A 1 63  ? 1.627   -4.874  -5.179  1.00 36.02  ? 202 LEU A CB   1 
ATOM   333  C CG   . LEU A 1 63  ? 0.663   -4.866  -3.987  1.00 36.89  ? 202 LEU A CG   1 
ATOM   334  C CD1  . LEU A 1 63  ? -0.082  -6.179  -3.905  1.00 42.05  ? 202 LEU A CD1  1 
ATOM   335  C CD2  . LEU A 1 63  ? 1.406   -4.575  -2.684  1.00 46.88  ? 202 LEU A CD2  1 
ATOM   336  N N    . PRO A 1 64  ? 3.767   -2.603  -7.195  1.00 37.24  ? 203 PRO A N    1 
ATOM   337  C CA   . PRO A 1 64  ? 4.566   -2.725  -8.420  1.00 35.66  ? 203 PRO A CA   1 
ATOM   338  C C    . PRO A 1 64  ? 5.373   -4.014  -8.388  1.00 44.28  ? 203 PRO A C    1 
ATOM   339  O O    . PRO A 1 64  ? 6.082   -4.298  -7.419  1.00 44.82  ? 203 PRO A O    1 
ATOM   340  C CB   . PRO A 1 64  ? 5.471   -1.488  -8.382  1.00 38.83  ? 203 PRO A CB   1 
ATOM   341  C CG   . PRO A 1 64  ? 5.525   -1.112  -6.913  1.00 41.53  ? 203 PRO A CG   1 
ATOM   342  C CD   . PRO A 1 64  ? 4.166   -1.440  -6.375  1.00 36.10  ? 203 PRO A CD   1 
ATOM   343  N N    . LEU A 1 65  ? 5.262   -4.803  -9.455  1.00 45.62  ? 204 LEU A N    1 
ATOM   344  C CA   . LEU A 1 65  ? 5.981   -6.068  -9.500  1.00 32.68  ? 204 LEU A CA   1 
ATOM   345  C C    . LEU A 1 65  ? 7.469   -5.907  -9.808  1.00 36.61  ? 204 LEU A C    1 
ATOM   346  O O    . LEU A 1 65  ? 8.235   -6.841  -9.551  1.00 45.04  ? 204 LEU A O    1 
ATOM   347  C CB   . LEU A 1 65  ? 5.324   -7.010  -10.509 1.00 35.96  ? 204 LEU A CB   1 
ATOM   348  C CG   . LEU A 1 65  ? 3.948   -7.553  -10.108 1.00 37.81  ? 204 LEU A CG   1 
ATOM   349  C CD1  . LEU A 1 65  ? 3.709   -8.926  -10.721 1.00 43.55  ? 204 LEU A CD1  1 
ATOM   350  C CD2  . LEU A 1 65  ? 3.781   -7.600  -8.592  1.00 42.50  ? 204 LEU A CD2  1 
ATOM   351  N N    . ASP A 1 66  ? 7.900   -4.766  -10.356 1.00 47.00  ? 205 ASP A N    1 
ATOM   352  C CA   . ASP A 1 66  ? 9.322   -4.470  -10.477 1.00 39.31  ? 205 ASP A CA   1 
ATOM   353  C C    . ASP A 1 66  ? 9.928   -4.059  -9.140  1.00 41.19  ? 205 ASP A C    1 
ATOM   354  O O    . ASP A 1 66  ? 11.146  -3.862  -9.052  1.00 52.20  ? 205 ASP A O    1 
ATOM   355  C CB   . ASP A 1 66  ? 9.541   -3.382  -11.540 1.00 37.02  ? 205 ASP A CB   1 
ATOM   356  C CG   . ASP A 1 66  ? 8.874   -2.063  -11.185 1.00 58.79  ? 205 ASP A CG   1 
ATOM   357  O OD1  . ASP A 1 66  ? 8.669   -1.793  -9.983  1.00 50.20  ? 205 ASP A OD1  1 
ATOM   358  O OD2  . ASP A 1 66  ? 8.577   -1.284  -12.115 1.00 66.12  ? 205 ASP A OD2  1 
ATOM   359  N N    . CYS A 1 67  ? 9.094   -3.946  -8.106  1.00 43.17  ? 206 CYS A N    1 
ATOM   360  C CA   . CYS A 1 67  ? 9.496   -3.502  -6.783  1.00 38.99  ? 206 CYS A CA   1 
ATOM   361  C C    . CYS A 1 67  ? 10.162  -2.136  -6.786  1.00 43.24  ? 206 CYS A C    1 
ATOM   362  O O    . CYS A 1 67  ? 10.962  -1.853  -5.903  1.00 55.70  ? 206 CYS A O    1 
ATOM   363  C CB   . CYS A 1 67  ? 10.405  -4.526  -6.107  1.00 35.83  ? 206 CYS A CB   1 
ATOM   364  S SG   . CYS A 1 67  ? 9.750   -6.207  -5.993  1.00 34.91  ? 206 CYS A SG   1 
ATOM   365  N N    . GLY A 1 68  ? 9.896   -1.298  -7.789  1.00 45.99  ? 207 GLY A N    1 
ATOM   366  C CA   . GLY A 1 68  ? 10.302  0.095   -7.732  1.00 52.42  ? 207 GLY A CA   1 
ATOM   367  C C    . GLY A 1 68  ? 9.305   0.914   -6.932  1.00 58.84  ? 207 GLY A C    1 
ATOM   368  O O    . GLY A 1 68  ? 8.194   1.180   -7.406  1.00 50.01  ? 207 GLY A O    1 
ATOM   369  N N    . VAL A 1 69  ? 9.675   1.300   -5.713  1.00 44.26  ? 208 VAL A N    1 
ATOM   370  C CA   . VAL A 1 69  ? 8.736   1.954   -4.801  1.00 49.56  ? 208 VAL A CA   1 
ATOM   371  C C    . VAL A 1 69  ? 9.231   3.357   -4.465  1.00 48.96  ? 208 VAL A C    1 
ATOM   372  O O    . VAL A 1 69  ? 9.855   3.559   -3.413  1.00 47.89  ? 208 VAL A O    1 
ATOM   373  C CB   . VAL A 1 69  ? 8.525   1.126   -3.522  1.00 37.97  ? 208 VAL A CB   1 
ATOM   374  C CG1  . VAL A 1 69  ? 7.742   1.926   -2.492  1.00 37.35  ? 208 VAL A CG1  1 
ATOM   375  C CG2  . VAL A 1 69  ? 7.808   -0.183  -3.840  1.00 40.02  ? 208 VAL A CG2  1 
ATOM   376  N N    . PRO A 1 70  ? 8.968   4.352   -5.309  1.00 39.70  ? 209 PRO A N    1 
ATOM   377  C CA   . PRO A 1 70  ? 9.368   5.720   -4.968  1.00 37.44  ? 209 PRO A CA   1 
ATOM   378  C C    . PRO A 1 70  ? 8.726   6.157   -3.658  1.00 44.96  ? 209 PRO A C    1 
ATOM   379  O O    . PRO A 1 70  ? 7.625   5.727   -3.305  1.00 52.26  ? 209 PRO A O    1 
ATOM   380  C CB   . PRO A 1 70  ? 8.859   6.548   -6.151  1.00 41.10  ? 209 PRO A CB   1 
ATOM   381  C CG   . PRO A 1 70  ? 7.734   5.728   -6.737  1.00 45.35  ? 209 PRO A CG   1 
ATOM   382  C CD   . PRO A 1 70  ? 8.146   4.294   -6.529  1.00 36.76  ? 209 PRO A CD   1 
ATOM   383  N N    . ASP A 1 71  ? 9.441   7.014   -2.928  1.00 53.37  ? 210 ASP A N    1 
ATOM   384  C CA   . ASP A 1 71  ? 8.943   7.485   -1.639  1.00 51.66  ? 210 ASP A CA   1 
ATOM   385  C C    . ASP A 1 71  ? 7.854   8.536   -1.806  1.00 54.67  ? 210 ASP A C    1 
ATOM   386  O O    . ASP A 1 71  ? 6.869   8.540   -1.060  1.00 55.73  ? 210 ASP A O    1 
ATOM   387  C CB   . ASP A 1 71  ? 10.095  8.045   -0.808  1.00 56.71  ? 210 ASP A CB   1 
ATOM   388  C CG   . ASP A 1 71  ? 11.031  6.964   -0.315  1.00 61.30  ? 210 ASP A CG   1 
ATOM   389  O OD1  . ASP A 1 71  ? 10.543  5.872   0.046   1.00 56.38  ? 210 ASP A OD1  1 
ATOM   390  O OD2  . ASP A 1 71  ? 12.255  7.207   -0.279  1.00 82.94  ? 210 ASP A OD2  1 
ATOM   391  N N    . ASN A 1 72  ? 8.024   9.438   -2.767  1.00 65.21  ? 211 ASN A N    1 
ATOM   392  C CA   . ASN A 1 72  ? 7.021   10.446  -3.084  1.00 58.80  ? 211 ASN A CA   1 
ATOM   393  C C    . ASN A 1 72  ? 6.127   9.902   -4.193  1.00 58.05  ? 211 ASN A C    1 
ATOM   394  O O    . ASN A 1 72  ? 6.605   9.603   -5.292  1.00 54.00  ? 211 ASN A O    1 
ATOM   395  C CB   . ASN A 1 72  ? 7.694   11.753  -3.502  1.00 59.54  ? 211 ASN A CB   1 
ATOM   396  C CG   . ASN A 1 72  ? 6.701   12.848  -3.830  1.00 72.31  ? 211 ASN A CG   1 
ATOM   397  O OD1  . ASN A 1 72  ? 6.393   13.092  -4.996  1.00 70.32  ? 211 ASN A OD1  1 
ATOM   398  N ND2  . ASN A 1 72  ? 6.202   13.523  -2.798  1.00 69.54  ? 211 ASN A ND2  1 
ATOM   399  N N    . LEU A 1 73  ? 4.830   9.777   -3.902  1.00 52.41  ? 212 LEU A N    1 
ATOM   400  C CA   . LEU A 1 73  ? 3.927   9.159   -4.865  1.00 46.57  ? 212 LEU A CA   1 
ATOM   401  C C    . LEU A 1 73  ? 3.696   10.033  -6.090  1.00 48.14  ? 212 LEU A C    1 
ATOM   402  O O    . LEU A 1 73  ? 3.359   9.505   -7.156  1.00 50.76  ? 212 LEU A O    1 
ATOM   403  C CB   . LEU A 1 73  ? 2.591   8.831   -4.196  1.00 46.02  ? 212 LEU A CB   1 
ATOM   404  C CG   . LEU A 1 73  ? 1.592   7.971   -4.972  1.00 52.51  ? 212 LEU A CG   1 
ATOM   405  C CD1  . LEU A 1 73  ? 2.260   6.740   -5.574  1.00 42.12  ? 212 LEU A CD1  1 
ATOM   406  C CD2  . LEU A 1 73  ? 0.443   7.561   -4.055  1.00 56.87  ? 212 LEU A CD2  1 
ATOM   407  N N    . SER A 1 74  ? 3.877   11.350  -5.972  1.00 56.53  ? 213 SER A N    1 
ATOM   408  C CA   . SER A 1 74  ? 3.645   12.241  -7.106  1.00 63.43  ? 213 SER A CA   1 
ATOM   409  C C    . SER A 1 74  ? 4.736   12.155  -8.168  1.00 70.49  ? 213 SER A C    1 
ATOM   410  O O    . SER A 1 74  ? 4.491   12.517  -9.325  1.00 68.60  ? 213 SER A O    1 
ATOM   411  C CB   . SER A 1 74  ? 3.503   13.688  -6.618  1.00 48.82  ? 213 SER A CB   1 
ATOM   412  O OG   . SER A 1 74  ? 2.805   13.739  -5.386  1.00 68.06  ? 213 SER A OG   1 
ATOM   413  N N    . MET A 1 75  ? 5.927   11.681  -7.810  1.00 70.72  ? 214 MET A N    1 
ATOM   414  C CA   . MET A 1 75  ? 6.986   11.507  -8.794  1.00 64.69  ? 214 MET A CA   1 
ATOM   415  C C    . MET A 1 75  ? 6.791   10.278  -9.672  1.00 66.89  ? 214 MET A C    1 
ATOM   416  O O    . MET A 1 75  ? 7.467   10.161  -10.702 1.00 80.96  ? 214 MET A O    1 
ATOM   417  C CB   . MET A 1 75  ? 8.341   11.419  -8.092  1.00 69.15  ? 214 MET A CB   1 
ATOM   418  N N    . ALA A 1 76  ? 5.916   9.348   -9.283  1.00 60.85  ? 215 ALA A N    1 
ATOM   419  C CA   . ALA A 1 76  ? 5.593   8.206   -10.131 1.00 58.54  ? 215 ALA A CA   1 
ATOM   420  C C    . ALA A 1 76  ? 4.564   8.550   -11.202 1.00 65.22  ? 215 ALA A C    1 
ATOM   421  O O    . ALA A 1 76  ? 4.478   7.844   -12.215 1.00 65.61  ? 215 ALA A O    1 
ATOM   422  C CB   . ALA A 1 76  ? 5.079   7.046   -9.275  1.00 55.23  ? 215 ALA A CB   1 
ATOM   423  N N    . ASP A 1 77  ? 3.801   9.621   -11.001 1.00 58.84  ? 216 ASP A N    1 
ATOM   424  C CA   . ASP A 1 77  ? 2.757   10.079  -11.906 1.00 58.43  ? 216 ASP A CA   1 
ATOM   425  C C    . ASP A 1 77  ? 2.317   11.455  -11.429 1.00 72.75  ? 216 ASP A C    1 
ATOM   426  O O    . ASP A 1 77  ? 1.957   11.610  -10.255 1.00 64.79  ? 216 ASP A O    1 
ATOM   427  C CB   . ASP A 1 77  ? 1.585   9.100   -11.932 1.00 55.32  ? 216 ASP A CB   1 
ATOM   428  C CG   . ASP A 1 77  ? 0.453   9.557   -12.835 1.00 60.88  ? 216 ASP A CG   1 
ATOM   429  O OD1  . ASP A 1 77  ? 0.416   10.742  -13.235 1.00 60.86  ? 216 ASP A OD1  1 
ATOM   430  O OD2  . ASP A 1 77  ? -0.406  8.712   -13.151 1.00 48.66  ? 216 ASP A OD2  1 
ATOM   431  N N    . PRO A 1 78  ? 2.344   12.475  -12.291 1.00 67.81  ? 217 PRO A N    1 
ATOM   432  C CA   . PRO A 1 78  ? 1.912   13.811  -11.852 1.00 67.20  ? 217 PRO A CA   1 
ATOM   433  C C    . PRO A 1 78  ? 0.423   13.894  -11.574 1.00 68.59  ? 217 PRO A C    1 
ATOM   434  O O    . PRO A 1 78  ? -0.015  14.848  -10.917 1.00 62.58  ? 217 PRO A O    1 
ATOM   435  C CB   . PRO A 1 78  ? 2.313   14.720  -13.030 1.00 65.48  ? 217 PRO A CB   1 
ATOM   436  C CG   . PRO A 1 78  ? 3.172   13.858  -13.933 1.00 63.50  ? 217 PRO A CG   1 
ATOM   437  C CD   . PRO A 1 78  ? 2.712   12.461  -13.716 1.00 55.24  ? 217 PRO A CD   1 
ATOM   438  N N    . ASN A 1 79  ? -0.361  12.926  -12.050 1.00 58.95  ? 218 ASN A N    1 
ATOM   439  C CA   . ASN A 1 79  ? -1.806  12.913  -11.854 1.00 51.42  ? 218 ASN A CA   1 
ATOM   440  C C    . ASN A 1 79  ? -2.217  12.370  -10.492 1.00 59.19  ? 218 ASN A C    1 
ATOM   441  O O    . ASN A 1 79  ? -3.419  12.227  -10.240 1.00 60.27  ? 218 ASN A O    1 
ATOM   442  C CB   . ASN A 1 79  ? -2.475  12.091  -12.960 1.00 53.72  ? 218 ASN A CB   1 
ATOM   443  C CG   . ASN A 1 79  ? -2.525  12.832  -14.282 1.00 52.16  ? 218 ASN A CG   1 
ATOM   444  O OD1  . ASN A 1 79  ? -2.956  13.984  -14.345 1.00 50.30  ? 218 ASN A OD1  1 
ATOM   445  N ND2  . ASN A 1 79  ? -2.082  12.173  -15.350 1.00 47.00  ? 218 ASN A ND2  1 
ATOM   446  N N    . ILE A 1 80  ? -1.262  12.051  -9.626  1.00 52.42  ? 219 ILE A N    1 
ATOM   447  C CA   . ILE A 1 80  ? -1.529  11.655  -8.248  1.00 43.19  ? 219 ILE A CA   1 
ATOM   448  C C    . ILE A 1 80  ? -0.996  12.772  -7.361  1.00 46.85  ? 219 ILE A C    1 
ATOM   449  O O    . ILE A 1 80  ? 0.221   12.973  -7.261  1.00 68.09  ? 219 ILE A O    1 
ATOM   450  C CB   . ILE A 1 80  ? -0.887  10.307  -7.893  1.00 41.54  ? 219 ILE A CB   1 
ATOM   451  C CG1  . ILE A 1 80  ? -1.447  9.197   -8.784  1.00 42.08  ? 219 ILE A CG1  1 
ATOM   452  C CG2  . ILE A 1 80  ? -1.128  9.978   -6.422  1.00 48.49  ? 219 ILE A CG2  1 
ATOM   453  C CD1  . ILE A 1 80  ? -0.852  7.835   -8.499  1.00 51.51  ? 219 ILE A CD1  1 
ATOM   454  N N    . ARG A 1 81  ? -1.907  13.505  -6.720  1.00 45.35  ? 220 ARG A N    1 
ATOM   455  C CA   . ARG A 1 81  ? -1.569  14.680  -5.926  1.00 48.65  ? 220 ARG A CA   1 
ATOM   456  C C    . ARG A 1 81  ? -1.877  14.401  -4.462  1.00 53.06  ? 220 ARG A C    1 
ATOM   457  O O    . ARG A 1 81  ? -3.018  14.073  -4.115  1.00 51.41  ? 220 ARG A O    1 
ATOM   458  C CB   . ARG A 1 81  ? -2.345  15.905  -6.418  1.00 56.84  ? 220 ARG A CB   1 
ATOM   459  C CG   . ARG A 1 81  ? -1.658  17.226  -6.132  1.00 67.20  ? 220 ARG A CG   1 
ATOM   460  C CD   . ARG A 1 81  ? -2.349  18.376  -6.840  1.00 76.33  ? 220 ARG A CD   1 
ATOM   461  N NE   . ARG A 1 81  ? -3.806  18.286  -6.770  1.00 70.16  ? 220 ARG A NE   1 
ATOM   462  C CZ   . ARG A 1 81  ? -4.621  18.670  -7.746  1.00 65.49  ? 220 ARG A CZ   1 
ATOM   463  N NH1  . ARG A 1 81  ? -4.124  19.191  -8.862  1.00 58.82  ? 220 ARG A NH1  1 
ATOM   464  N NH2  . ARG A 1 81  ? -5.935  18.556  -7.602  1.00 51.93  ? 220 ARG A NH2  1 
ATOM   465  N N    . PHE A 1 82  ? -0.863  14.515  -3.613  1.00 53.94  ? 221 PHE A N    1 
ATOM   466  C CA   . PHE A 1 82  ? -1.093  14.397  -2.182  1.00 50.19  ? 221 PHE A CA   1 
ATOM   467  C C    . PHE A 1 82  ? -2.001  15.522  -1.725  1.00 50.21  ? 221 PHE A C    1 
ATOM   468  O O    . PHE A 1 82  ? -1.818  16.681  -2.105  1.00 58.09  ? 221 PHE A O    1 
ATOM   469  C CB   . PHE A 1 82  ? 0.212   14.458  -1.401  1.00 59.19  ? 221 PHE A CB   1 
ATOM   470  C CG   . PHE A 1 82  ? 0.010   14.670  0.074   1.00 50.96  ? 221 PHE A CG   1 
ATOM   471  C CD1  . PHE A 1 82  ? -0.405  13.622  0.876   1.00 49.39  ? 221 PHE A CD1  1 
ATOM   472  C CD2  . PHE A 1 82  ? 0.190   15.921  0.653   1.00 43.64  ? 221 PHE A CD2  1 
ATOM   473  C CE1  . PHE A 1 82  ? -0.612  13.798  2.228   1.00 46.01  ? 221 PHE A CE1  1 
ATOM   474  C CE2  . PHE A 1 82  ? -0.018  16.111  2.017   1.00 49.98  ? 221 PHE A CE2  1 
ATOM   475  C CZ   . PHE A 1 82  ? -0.420  15.046  2.806   1.00 51.22  ? 221 PHE A CZ   1 
ATOM   476  N N    . LEU A 1 83  ? -2.983  15.176  -0.900  1.00 48.38  ? 222 LEU A N    1 
ATOM   477  C CA   . LEU A 1 83  ? -3.934  16.163  -0.405  1.00 48.43  ? 222 LEU A CA   1 
ATOM   478  C C    . LEU A 1 83  ? -3.802  16.395  1.100   1.00 53.63  ? 222 LEU A C    1 
ATOM   479  O O    . LEU A 1 83  ? -3.582  17.522  1.538   1.00 53.40  ? 222 LEU A O    1 
ATOM   480  C CB   . LEU A 1 83  ? -5.367  15.756  -0.761  1.00 69.10  ? 222 LEU A CB   1 
ATOM   481  C CG   . LEU A 1 83  ? -6.577  16.271  0.036   1.00 63.38  ? 222 LEU A CG   1 
ATOM   482  C CD1  . LEU A 1 83  ? -6.751  17.779  -0.206  1.00 73.62  ? 222 LEU A CD1  1 
ATOM   483  C CD2  . LEU A 1 83  ? -7.813  15.535  -0.466  1.00 51.11  ? 222 LEU A CD2  1 
ATOM   484  N N    . ASP A 1 84  ? -3.880  15.350  1.907   1.00 65.70  ? 223 ASP A N    1 
ATOM   485  C CA   . ASP A 1 84  ? -3.763  15.524  3.350   1.00 63.16  ? 223 ASP A CA   1 
ATOM   486  C C    . ASP A 1 84  ? -3.377  14.201  4.005   1.00 56.65  ? 223 ASP A C    1 
ATOM   487  O O    . ASP A 1 84  ? -3.334  13.146  3.365   1.00 53.57  ? 223 ASP A O    1 
ATOM   488  C CB   . ASP A 1 84  ? -5.065  16.065  3.954   1.00 60.03  ? 223 ASP A CB   1 
ATOM   489  C CG   . ASP A 1 84  ? -4.820  17.182  4.958   1.00 73.61  ? 223 ASP A CG   1 
ATOM   490  O OD1  . ASP A 1 84  ? -3.645  17.561  5.167   1.00 58.80  ? 223 ASP A OD1  1 
ATOM   491  O OD2  . ASP A 1 84  ? -5.800  17.701  5.531   1.00 75.46  ? 223 ASP A OD2  1 
ATOM   492  N N    . LYS A 1 85  ? -3.071  14.285  5.297   1.00 50.15  ? 224 LYS A N    1 
ATOM   493  C CA   . LYS A 1 85  ? -2.885  13.119  6.143   1.00 46.97  ? 224 LYS A CA   1 
ATOM   494  C C    . LYS A 1 85  ? -4.188  12.789  6.860   1.00 48.19  ? 224 LYS A C    1 
ATOM   495  O O    . LYS A 1 85  ? -4.976  13.677  7.200   1.00 56.67  ? 224 LYS A O    1 
ATOM   496  C CB   . LYS A 1 85  ? -1.769  13.352  7.170   1.00 43.51  ? 224 LYS A CB   1 
ATOM   497  C CG   . LYS A 1 85  ? -0.491  13.980  6.614   1.00 49.79  ? 224 LYS A CG   1 
ATOM   498  C CD   . LYS A 1 85  ? 0.518   14.249  7.723   1.00 55.51  ? 224 LYS A CD   1 
ATOM   499  C CE   . LYS A 1 85  ? 1.740   14.970  7.180   1.00 54.15  ? 224 LYS A CE   1 
ATOM   500  N N    . LEU A 1 86  ? -4.425  11.498  7.065   1.00 46.20  ? 225 LEU A N    1 
ATOM   501  C CA   . LEU A 1 86  ? -5.533  11.071  7.894   1.00 44.87  ? 225 LEU A CA   1 
ATOM   502  C C    . LEU A 1 86  ? -5.213  11.407  9.345   1.00 57.29  ? 225 LEU A C    1 
ATOM   503  O O    . LEU A 1 86  ? -4.072  11.733  9.682   1.00 71.36  ? 225 LEU A O    1 
ATOM   504  C CB   . LEU A 1 86  ? -5.780  9.571   7.733   1.00 47.44  ? 225 LEU A CB   1 
ATOM   505  C CG   . LEU A 1 86  ? -6.787  9.069   6.698   1.00 55.02  ? 225 LEU A CG   1 
ATOM   506  C CD1  . LEU A 1 86  ? -6.977  7.563   6.847   1.00 52.85  ? 225 LEU A CD1  1 
ATOM   507  C CD2  . LEU A 1 86  ? -8.120  9.798   6.817   1.00 53.68  ? 225 LEU A CD2  1 
ATOM   508  N N    . PRO A 1 87  ? -6.199  11.338  10.232  1.00 59.19  ? 226 PRO A N    1 
ATOM   509  C CA   . PRO A 1 87  ? -5.889  11.435  11.662  1.00 51.48  ? 226 PRO A CA   1 
ATOM   510  C C    . PRO A 1 87  ? -5.005  10.267  12.067  1.00 61.69  ? 226 PRO A C    1 
ATOM   511  O O    . PRO A 1 87  ? -5.270  9.115   11.713  1.00 59.97  ? 226 PRO A O    1 
ATOM   512  C CB   . PRO A 1 87  ? -7.264  11.376  12.337  1.00 62.20  ? 226 PRO A CB   1 
ATOM   513  C CG   . PRO A 1 87  ? -8.278  11.511  11.234  1.00 57.91  ? 226 PRO A CG   1 
ATOM   514  C CD   . PRO A 1 87  ? -7.614  11.020  9.992   1.00 70.37  ? 226 PRO A CD   1 
ATOM   515  N N    . GLN A 1 88  ? -3.924  10.577  12.773  1.00 55.06  ? 227 GLN A N    1 
ATOM   516  C CA   . GLN A 1 88  ? -2.991  9.535   13.162  1.00 47.67  ? 227 GLN A CA   1 
ATOM   517  C C    . GLN A 1 88  ? -3.678  8.495   14.037  1.00 43.08  ? 227 GLN A C    1 
ATOM   518  O O    . GLN A 1 88  ? -4.657  8.779   14.735  1.00 48.29  ? 227 GLN A O    1 
ATOM   519  C CB   . GLN A 1 88  ? -1.802  10.126  13.911  1.00 43.53  ? 227 GLN A CB   1 
ATOM   520  C CG   . GLN A 1 88  ? -0.778  10.839  13.050  1.00 46.91  ? 227 GLN A CG   1 
ATOM   521  C CD   . GLN A 1 88  ? 0.290   11.515  13.891  1.00 55.40  ? 227 GLN A CD   1 
ATOM   522  O OE1  . GLN A 1 88  ? 0.247   11.475  15.122  1.00 45.16  ? 227 GLN A OE1  1 
ATOM   523  N NE2  . GLN A 1 88  ? 1.247   12.152  13.230  1.00 48.18  ? 227 GLN A NE2  1 
ATOM   524  N N    . GLN A 1 89  ? -3.154  7.275   13.981  1.00 50.31  ? 228 GLN A N    1 
ATOM   525  C CA   . GLN A 1 89  ? -3.510  6.204   14.901  1.00 55.09  ? 228 GLN A CA   1 
ATOM   526  C C    . GLN A 1 89  ? -2.255  5.835   15.680  1.00 49.12  ? 228 GLN A C    1 
ATOM   527  O O    . GLN A 1 89  ? -1.178  5.700   15.091  1.00 54.00  ? 228 GLN A O    1 
ATOM   528  C CB   . GLN A 1 89  ? -4.067  4.988   14.151  1.00 40.32  ? 228 GLN A CB   1 
ATOM   529  C CG   . GLN A 1 89  ? -3.914  3.659   14.876  1.00 39.16  ? 228 GLN A CG   1 
ATOM   530  C CD   . GLN A 1 89  ? -4.469  2.489   14.073  1.00 62.09  ? 228 GLN A CD   1 
ATOM   531  O OE1  . GLN A 1 89  ? -4.654  2.584   12.861  1.00 76.55  ? 228 GLN A OE1  1 
ATOM   532  N NE2  . GLN A 1 89  ? -4.743  1.382   14.752  1.00 45.56  ? 228 GLN A NE2  1 
ATOM   533  N N    . THR A 1 90  ? -2.376  5.697   16.998  1.00 53.73  ? 229 THR A N    1 
ATOM   534  C CA   . THR A 1 90  ? -1.204  5.413   17.815  1.00 50.76  ? 229 THR A CA   1 
ATOM   535  C C    . THR A 1 90  ? -1.518  4.357   18.863  1.00 52.79  ? 229 THR A C    1 
ATOM   536  O O    . THR A 1 90  ? -2.656  4.218   19.322  1.00 42.27  ? 229 THR A O    1 
ATOM   537  C CB   . THR A 1 90  ? -0.653  6.674   18.510  1.00 43.65  ? 229 THR A CB   1 
ATOM   538  O OG1  . THR A 1 90  ? -1.677  7.279   19.304  1.00 43.36  ? 229 THR A OG1  1 
ATOM   539  C CG2  . THR A 1 90  ? -0.169  7.678   17.495  1.00 39.06  ? 229 THR A CG2  1 
ATOM   540  N N    . GLY A 1 91  ? -0.479  3.618   19.234  1.00 50.43  ? 230 GLY A N    1 
ATOM   541  C CA   . GLY A 1 91  ? -0.571  2.633   20.292  1.00 44.42  ? 230 GLY A CA   1 
ATOM   542  C C    . GLY A 1 91  ? 0.810   2.295   20.800  1.00 56.24  ? 230 GLY A C    1 
ATOM   543  O O    . GLY A 1 91  ? 1.820   2.564   20.139  1.00 53.09  ? 230 GLY A O    1 
ATOM   544  N N    . ASP A 1 92  ? 0.854   1.720   22.000  1.00 60.69  ? 231 ASP A N    1 
ATOM   545  C CA   . ASP A 1 92  ? 2.104   1.188   22.531  1.00 53.90  ? 231 ASP A CA   1 
ATOM   546  C C    . ASP A 1 92  ? 2.404   -0.142  21.848  1.00 53.90  ? 231 ASP A C    1 
ATOM   547  O O    . ASP A 1 92  ? 1.535   -1.016  21.808  1.00 51.22  ? 231 ASP A O    1 
ATOM   548  C CB   . ASP A 1 92  ? 1.998   0.990   24.044  1.00 68.02  ? 231 ASP A CB   1 
ATOM   549  C CG   . ASP A 1 92  ? 1.763   2.284   24.786  1.00 69.39  ? 231 ASP A CG   1 
ATOM   550  O OD1  . ASP A 1 92  ? 2.066   3.358   24.226  1.00 65.26  ? 231 ASP A OD1  1 
ATOM   551  O OD2  . ASP A 1 92  ? 1.285   2.224   25.935  1.00 64.53  ? 231 ASP A OD2  1 
ATOM   552  N N    . ARG A 1 93  ? 3.628   -0.307  21.327  1.00 59.62  ? 232 ARG A N    1 
ATOM   553  C CA   . ARG A 1 93  ? 3.971   -1.502  20.558  1.00 49.18  ? 232 ARG A CA   1 
ATOM   554  C C    . ARG A 1 93  ? 5.431   -1.882  20.803  1.00 50.49  ? 232 ARG A C    1 
ATOM   555  O O    . ARG A 1 93  ? 6.339   -1.126  20.442  1.00 49.88  ? 232 ARG A O    1 
ATOM   556  C CB   . ARG A 1 93  ? 3.667   -1.273  19.079  1.00 63.80  ? 232 ARG A CB   1 
ATOM   557  C CG   . ARG A 1 93  ? 2.216   -1.622  18.773  1.00 60.72  ? 232 ARG A CG   1 
ATOM   558  C CD   . ARG A 1 93  ? 2.074   -2.178  17.400  1.00 63.96  ? 232 ARG A CD   1 
ATOM   559  N NE   . ARG A 1 93  ? 2.475   -3.577  17.372  1.00 46.56  ? 232 ARG A NE   1 
ATOM   560  C CZ   . ARG A 1 93  ? 3.067   -4.173  16.343  1.00 61.11  ? 232 ARG A CZ   1 
ATOM   561  N NH1  . ARG A 1 93  ? 3.355   -3.502  15.225  1.00 43.34  ? 232 ARG A NH1  1 
ATOM   562  N NH2  . ARG A 1 93  ? 3.383   -5.456  16.449  1.00 58.46  ? 232 ARG A NH2  1 
ATOM   563  N N    . ALA A 1 94  ? 5.665   -3.044  21.432  1.00 59.25  ? 233 ALA A N    1 
ATOM   564  C CA   . ALA A 1 94  ? 7.030   -3.561  21.635  1.00 59.83  ? 233 ALA A CA   1 
ATOM   565  C C    . ALA A 1 94  ? 7.908   -2.576  22.417  1.00 56.39  ? 233 ALA A C    1 
ATOM   566  O O    . ALA A 1 94  ? 9.125   -2.483  22.216  1.00 42.27  ? 233 ALA A O    1 
ATOM   567  C CB   . ALA A 1 94  ? 7.686   -3.915  20.298  1.00 49.33  ? 233 ALA A CB   1 
ATOM   568  N N    . GLY A 1 95  ? 7.286   -1.839  23.332  1.00 51.60  ? 234 GLY A N    1 
ATOM   569  C CA   . GLY A 1 95  ? 8.004   -0.943  24.207  1.00 43.63  ? 234 GLY A CA   1 
ATOM   570  C C    . GLY A 1 95  ? 8.151   0.471   23.700  1.00 44.44  ? 234 GLY A C    1 
ATOM   571  O O    . GLY A 1 95  ? 8.825   1.274   24.357  1.00 43.62  ? 234 GLY A O    1 
ATOM   572  N N    . ILE A 1 96  ? 7.557   0.807   22.559  1.00 53.59  ? 235 ILE A N    1 
ATOM   573  C CA   . ILE A 1 96  ? 7.536   2.186   22.086  1.00 57.92  ? 235 ILE A CA   1 
ATOM   574  C C    . ILE A 1 96  ? 6.224   2.804   22.544  1.00 55.14  ? 235 ILE A C    1 
ATOM   575  O O    . ILE A 1 96  ? 5.145   2.381   22.113  1.00 52.03  ? 235 ILE A O    1 
ATOM   576  C CB   . ILE A 1 96  ? 7.686   2.275   20.563  1.00 52.63  ? 235 ILE A CB   1 
ATOM   577  C CG1  . ILE A 1 96  ? 9.087   1.838   20.136  1.00 52.25  ? 235 ILE A CG1  1 
ATOM   578  C CG2  . ILE A 1 96  ? 7.392   3.688   20.091  1.00 46.29  ? 235 ILE A CG2  1 
ATOM   579  C CD1  . ILE A 1 96  ? 9.263   0.341   20.042  1.00 59.12  ? 235 ILE A CD1  1 
ATOM   580  N N    . LYS A 1 97  ? 6.309   3.802   23.415  1.00 45.67  ? 236 LYS A N    1 
ATOM   581  C CA   . LYS A 1 97  ? 5.115   4.532   23.816  1.00 51.02  ? 236 LYS A CA   1 
ATOM   582  C C    . LYS A 1 97  ? 4.593   5.353   22.641  1.00 59.56  ? 236 LYS A C    1 
ATOM   583  O O    . LYS A 1 97  ? 5.338   6.133   22.037  1.00 48.56  ? 236 LYS A O    1 
ATOM   584  N N    . ASP A 1 98  ? 3.314   5.176   22.323  1.00 49.96  ? 237 ASP A N    1 
ATOM   585  C CA   . ASP A 1 98  ? 2.641   5.929   21.266  1.00 49.61  ? 237 ASP A CA   1 
ATOM   586  C C    . ASP A 1 98  ? 3.385   5.815   19.933  1.00 57.23  ? 237 ASP A C    1 
ATOM   587  O O    . ASP A 1 98  ? 3.913   6.792   19.399  1.00 41.55  ? 237 ASP A O    1 
ATOM   588  C CB   . ASP A 1 98  ? 2.489   7.402   21.666  1.00 52.86  ? 237 ASP A CB   1 
ATOM   589  C CG   . ASP A 1 98  ? 1.654   7.588   22.923  1.00 61.92  ? 237 ASP A CG   1 
ATOM   590  O OD1  . ASP A 1 98  ? 0.831   6.699   23.238  1.00 64.40  ? 237 ASP A OD1  1 
ATOM   591  O OD2  . ASP A 1 98  ? 1.815   8.630   23.593  1.00 58.62  ? 237 ASP A OD2  1 
ATOM   592  N N    . ARG A 1 99  ? 3.399   4.601   19.384  1.00 58.60  ? 238 ARG A N    1 
ATOM   593  C CA   . ARG A 1 99  ? 3.884   4.417   18.022  1.00 45.60  ? 238 ARG A CA   1 
ATOM   594  C C    . ARG A 1 99  ? 2.826   4.902   17.034  1.00 40.49  ? 238 ARG A C    1 
ATOM   595  O O    . ARG A 1 99  ? 1.625   4.717   17.250  1.00 42.66  ? 238 ARG A O    1 
ATOM   596  C CB   . ARG A 1 99  ? 4.230   2.952   17.754  1.00 42.83  ? 238 ARG A CB   1 
ATOM   597  C CG   . ARG A 1 99  ? 4.885   2.722   16.399  1.00 55.53  ? 238 ARG A CG   1 
ATOM   598  C CD   . ARG A 1 99  ? 5.366   1.289   16.186  1.00 42.23  ? 238 ARG A CD   1 
ATOM   599  N NE   . ARG A 1 99  ? 5.549   1.031   14.757  1.00 39.07  ? 238 ARG A NE   1 
ATOM   600  C CZ   . ARG A 1 99  ? 6.085   -0.076  14.246  1.00 48.54  ? 238 ARG A CZ   1 
ATOM   601  N NH1  . ARG A 1 99  ? 6.516   -1.045  15.044  1.00 54.94  ? 238 ARG A NH1  1 
ATOM   602  N NH2  . ARG A 1 99  ? 6.204   -0.208  12.929  1.00 46.87  ? 238 ARG A NH2  1 
ATOM   603  N N    . VAL A 1 100 ? 3.272   5.516   15.941  1.00 37.42  ? 239 VAL A N    1 
ATOM   604  C CA   . VAL A 1 100 ? 2.406   6.335   15.098  1.00 48.61  ? 239 VAL A CA   1 
ATOM   605  C C    . VAL A 1 100 ? 2.233   5.673   13.737  1.00 48.41  ? 239 VAL A C    1 
ATOM   606  O O    . VAL A 1 100 ? 3.208   5.456   13.007  1.00 49.23  ? 239 VAL A O    1 
ATOM   607  C CB   . VAL A 1 100 ? 2.955   7.759   14.946  1.00 45.07  ? 239 VAL A CB   1 
ATOM   608  C CG1  . VAL A 1 100 ? 2.132   8.527   13.917  1.00 49.17  ? 239 VAL A CG1  1 
ATOM   609  C CG2  . VAL A 1 100 ? 2.939   8.473   16.284  1.00 41.38  ? 239 VAL A CG2  1 
ATOM   610  N N    . TYR A 1 101 ? 0.981   5.381   13.391  1.00 45.42  ? 240 TYR A N    1 
ATOM   611  C CA   . TYR A 1 101 ? 0.583   4.894   12.074  1.00 40.18  ? 240 TYR A CA   1 
ATOM   612  C C    . TYR A 1 101 ? -0.182  6.004   11.368  1.00 43.80  ? 240 TYR A C    1 
ATOM   613  O O    . TYR A 1 101 ? -1.270  6.387   11.814  1.00 49.12  ? 240 TYR A O    1 
ATOM   614  C CB   . TYR A 1 101 ? -0.284  3.648   12.207  1.00 41.57  ? 240 TYR A CB   1 
ATOM   615  C CG   . TYR A 1 101 ? 0.394   2.552   12.976  1.00 50.21  ? 240 TYR A CG   1 
ATOM   616  C CD1  . TYR A 1 101 ? 0.223   2.437   14.348  1.00 49.85  ? 240 TYR A CD1  1 
ATOM   617  C CD2  . TYR A 1 101 ? 1.218   1.639   12.336  1.00 41.95  ? 240 TYR A CD2  1 
ATOM   618  C CE1  . TYR A 1 101 ? 0.851   1.437   15.060  1.00 44.03  ? 240 TYR A CE1  1 
ATOM   619  C CE2  . TYR A 1 101 ? 1.847   0.636   13.039  1.00 45.46  ? 240 TYR A CE2  1 
ATOM   620  C CZ   . TYR A 1 101 ? 1.664   0.537   14.398  1.00 41.87  ? 240 TYR A CZ   1 
ATOM   621  O OH   . TYR A 1 101 ? 2.295   -0.472  15.097  1.00 53.30  ? 240 TYR A OH   1 
ATOM   622  N N    . SER A 1 102 ? 0.379   6.510   10.269  1.00 50.08  ? 241 SER A N    1 
ATOM   623  C CA   . SER A 1 102 ? -0.204  7.624   9.535   1.00 57.39  ? 241 SER A CA   1 
ATOM   624  C C    . SER A 1 102 ? -0.326  7.269   8.056   1.00 59.45  ? 241 SER A C    1 
ATOM   625  O O    . SER A 1 102 ? 0.506   6.539   7.507   1.00 53.88  ? 241 SER A O    1 
ATOM   626  C CB   . SER A 1 102 ? 0.627   8.906   9.711   1.00 46.32  ? 241 SER A CB   1 
ATOM   627  O OG   . SER A 1 102 ? 0.433   9.790   8.621   1.00 67.19  ? 241 SER A OG   1 
ATOM   628  N N    . ASN A 1 103 ? -1.369  7.807   7.416   1.00 48.65  ? 242 ASN A N    1 
ATOM   629  C CA   . ASN A 1 103 ? -1.694  7.483   6.033   1.00 42.15  ? 242 ASN A CA   1 
ATOM   630  C C    . ASN A 1 103 ? -2.105  8.743   5.288   1.00 52.25  ? 242 ASN A C    1 
ATOM   631  O O    . ASN A 1 103 ? -2.789  9.604   5.847   1.00 46.88  ? 242 ASN A O    1 
ATOM   632  C CB   . ASN A 1 103 ? -2.822  6.450   5.957   1.00 39.89  ? 242 ASN A CB   1 
ATOM   633  C CG   . ASN A 1 103 ? -2.560  5.232   6.825   1.00 49.80  ? 242 ASN A CG   1 
ATOM   634  O OD1  . ASN A 1 103 ? -2.687  5.284   8.051   1.00 52.36  ? 242 ASN A OD1  1 
ATOM   635  N ND2  . ASN A 1 103 ? -2.204  4.122   6.190   1.00 52.66  ? 242 ASN A ND2  1 
ATOM   636  N N    . SER A 1 104 ? -1.709  8.831   4.020   1.00 39.77  ? 243 SER A N    1 
ATOM   637  C CA   . SER A 1 104 ? -1.919  10.024  3.210   1.00 45.19  ? 243 SER A CA   1 
ATOM   638  C C    . SER A 1 104 ? -3.107  9.848   2.273   1.00 55.85  ? 243 SER A C    1 
ATOM   639  O O    . SER A 1 104 ? -3.342  8.754   1.753   1.00 47.17  ? 243 SER A O    1 
ATOM   640  C CB   . SER A 1 104 ? -0.667  10.348  2.394   1.00 44.50  ? 243 SER A CB   1 
ATOM   641  O OG   . SER A 1 104 ? 0.490   10.297  3.198   1.00 44.52  ? 243 SER A OG   1 
ATOM   642  N N    . ILE A 1 105 ? -3.842  10.941  2.054   1.00 47.46  ? 244 ILE A N    1 
ATOM   643  C CA   . ILE A 1 105 ? -4.972  10.976  1.129   1.00 39.88  ? 244 ILE A CA   1 
ATOM   644  C C    . ILE A 1 105 ? -4.511  11.607  -0.175  1.00 46.97  ? 244 ILE A C    1 
ATOM   645  O O    . ILE A 1 105 ? -3.911  12.692  -0.170  1.00 42.23  ? 244 ILE A O    1 
ATOM   646  C CB   . ILE A 1 105 ? -6.158  11.761  1.719   1.00 49.69  ? 244 ILE A CB   1 
ATOM   647  C CG1  . ILE A 1 105 ? -6.534  11.224  3.102   1.00 57.64  ? 244 ILE A CG1  1 
ATOM   648  C CG2  . ILE A 1 105 ? -7.343  11.738  0.761   1.00 52.51  ? 244 ILE A CG2  1 
ATOM   649  C CD1  . ILE A 1 105 ? -7.044  12.293  4.045   1.00 53.03  ? 244 ILE A CD1  1 
ATOM   650  N N    . TYR A 1 106 ? -4.798  10.948  -1.293  1.00 48.73  ? 245 TYR A N    1 
ATOM   651  C CA   . TYR A 1 106 ? -4.427  11.462  -2.604  1.00 52.49  ? 245 TYR A CA   1 
ATOM   652  C C    . TYR A 1 106 ? -5.665  11.664  -3.463  1.00 48.42  ? 245 TYR A C    1 
ATOM   653  O O    . TYR A 1 106 ? -6.657  10.942  -3.332  1.00 46.39  ? 245 TYR A O    1 
ATOM   654  C CB   . TYR A 1 106 ? -3.462  10.525  -3.327  1.00 41.42  ? 245 TYR A CB   1 
ATOM   655  C CG   . TYR A 1 106 ? -2.107  10.424  -2.670  1.00 50.24  ? 245 TYR A CG   1 
ATOM   656  C CD1  . TYR A 1 106 ? -1.878  9.525   -1.634  1.00 40.29  ? 245 TYR A CD1  1 
ATOM   657  C CD2  . TYR A 1 106 ? -1.054  11.222  -3.087  1.00 49.31  ? 245 TYR A CD2  1 
ATOM   658  C CE1  . TYR A 1 106 ? -0.641  9.431   -1.032  1.00 41.80  ? 245 TYR A CE1  1 
ATOM   659  C CE2  . TYR A 1 106 ? 0.190   11.134  -2.491  1.00 40.85  ? 245 TYR A CE2  1 
ATOM   660  C CZ   . TYR A 1 106 ? 0.391   10.236  -1.462  1.00 39.24  ? 245 TYR A CZ   1 
ATOM   661  O OH   . TYR A 1 106 ? 1.628   10.136  -0.862  1.00 40.22  ? 245 TYR A OH   1 
ATOM   662  N N    . GLU A 1 107 ? -5.597  12.665  -4.334  1.00 43.17  ? 246 GLU A N    1 
ATOM   663  C CA   . GLU A 1 107 ? -6.569  12.853  -5.400  1.00 39.20  ? 246 GLU A CA   1 
ATOM   664  C C    . GLU A 1 107 ? -5.998  12.284  -6.687  1.00 53.70  ? 246 GLU A C    1 
ATOM   665  O O    . GLU A 1 107 ? -4.799  12.404  -6.952  1.00 60.31  ? 246 GLU A O    1 
ATOM   666  C CB   . GLU A 1 107 ? -6.894  14.333  -5.602  1.00 45.80  ? 246 GLU A CB   1 
ATOM   667  C CG   . GLU A 1 107 ? -7.556  15.019  -4.424  1.00 68.20  ? 246 GLU A CG   1 
ATOM   668  C CD   . GLU A 1 107 ? -7.768  16.500  -4.676  1.00 73.41  ? 246 GLU A CD   1 
ATOM   669  O OE1  . GLU A 1 107 ? -6.882  17.135  -5.290  1.00 59.85  ? 246 GLU A OE1  1 
ATOM   670  O OE2  . GLU A 1 107 ? -8.824  17.031  -4.277  1.00 75.96  ? 246 GLU A OE2  1 
ATOM   671  N N    . LEU A 1 108 ? -6.858  11.655  -7.479  1.00 42.85  ? 247 LEU A N    1 
ATOM   672  C CA   . LEU A 1 108 ? -6.485  11.139  -8.787  1.00 37.77  ? 247 LEU A CA   1 
ATOM   673  C C    . LEU A 1 108 ? -7.092  12.044  -9.847  1.00 39.64  ? 247 LEU A C    1 
ATOM   674  O O    . LEU A 1 108 ? -8.315  12.214  -9.904  1.00 44.76  ? 247 LEU A O    1 
ATOM   675  C CB   . LEU A 1 108 ? -6.947  9.694   -8.961  1.00 40.36  ? 247 LEU A CB   1 
ATOM   676  C CG   . LEU A 1 108 ? -6.709  8.850   -7.711  1.00 46.59  ? 247 LEU A CG   1 
ATOM   677  C CD1  . LEU A 1 108 ? -7.276  7.455   -7.891  1.00 61.76  ? 247 LEU A CD1  1 
ATOM   678  C CD2  . LEU A 1 108 ? -5.228  8.796   -7.366  1.00 42.84  ? 247 LEU A CD2  1 
ATOM   679  N N    . LEU A 1 109 ? -6.234  12.644  -10.659 1.00 38.92  ? 248 LEU A N    1 
ATOM   680  C CA   . LEU A 1 109 ? -6.668  13.548  -11.708 1.00 47.32  ? 248 LEU A CA   1 
ATOM   681  C C    . LEU A 1 109 ? -6.692  12.829  -13.044 1.00 48.24  ? 248 LEU A C    1 
ATOM   682  O O    . LEU A 1 109 ? -6.004  11.831  -13.259 1.00 56.70  ? 248 LEU A O    1 
ATOM   683  C CB   . LEU A 1 109 ? -5.757  14.773  -11.793 1.00 49.26  ? 248 LEU A CB   1 
ATOM   684  C CG   . LEU A 1 109 ? -5.531  15.541  -10.495 1.00 49.73  ? 248 LEU A CG   1 
ATOM   685  C CD1  . LEU A 1 109 ? -4.427  16.564  -10.692 1.00 57.59  ? 248 LEU A CD1  1 
ATOM   686  C CD2  . LEU A 1 109 ? -6.821  16.203  -10.030 1.00 49.04  ? 248 LEU A CD2  1 
ATOM   687  N N    . GLU A 1 110 ? -7.502  13.364  -13.953 1.00 51.47  ? 249 GLU A N    1 
ATOM   688  C CA   . GLU A 1 110 ? -7.663  12.756  -15.267 1.00 48.01  ? 249 GLU A CA   1 
ATOM   689  C C    . GLU A 1 110 ? -8.170  13.841  -16.206 1.00 63.85  ? 249 GLU A C    1 
ATOM   690  O O    . GLU A 1 110 ? -9.323  14.267  -16.090 1.00 63.60  ? 249 GLU A O    1 
ATOM   691  C CB   . GLU A 1 110 ? -8.624  11.582  -15.198 1.00 44.95  ? 249 GLU A CB   1 
ATOM   692  C CG   . GLU A 1 110 ? -9.242  11.187  -16.515 1.00 38.49  ? 249 GLU A CG   1 
ATOM   693  C CD   . GLU A 1 110 ? -10.151 9.992   -16.361 1.00 49.46  ? 249 GLU A CD   1 
ATOM   694  O OE1  . GLU A 1 110 ? -9.694  8.862   -16.637 1.00 60.07  ? 249 GLU A OE1  1 
ATOM   695  O OE2  . GLU A 1 110 ? -11.311 10.181  -15.940 1.00 64.35  ? 249 GLU A OE2  1 
ATOM   696  N N    . ASN A 1 111 ? -7.314  14.279  -17.124 1.00 54.76  ? 250 ASN A N    1 
ATOM   697  C CA   . ASN A 1 111 ? -7.623  15.396  -18.007 1.00 45.17  ? 250 ASN A CA   1 
ATOM   698  C C    . ASN A 1 111 ? -8.017  16.627  -17.193 1.00 40.47  ? 250 ASN A C    1 
ATOM   699  O O    . ASN A 1 111 ? -9.022  17.289  -17.457 1.00 50.21  ? 250 ASN A O    1 
ATOM   700  C CB   . ASN A 1 111 ? -8.715  15.020  -19.008 1.00 50.21  ? 250 ASN A CB   1 
ATOM   701  C CG   . ASN A 1 111 ? -8.743  15.945  -20.213 1.00 60.11  ? 250 ASN A CG   1 
ATOM   702  N N    . GLY A 1 112 ? -7.210  16.925  -16.176 1.00 48.14  ? 251 GLY A N    1 
ATOM   703  C CA   . GLY A 1 112 ? -7.425  18.085  -15.335 1.00 40.25  ? 251 GLY A CA   1 
ATOM   704  C C    . GLY A 1 112 ? -8.594  17.994  -14.385 1.00 45.30  ? 251 GLY A C    1 
ATOM   705  O O    . GLY A 1 112 ? -8.889  18.982  -13.701 1.00 43.77  ? 251 GLY A O    1 
ATOM   706  N N    . GLN A 1 113 ? -9.267  16.851  -14.309 1.00 56.37  ? 252 GLN A N    1 
ATOM   707  C CA   . GLN A 1 113 ? -10.452 16.685  -13.482 1.00 46.31  ? 252 GLN A CA   1 
ATOM   708  C C    . GLN A 1 113 ? -10.132 15.824  -12.269 1.00 45.02  ? 252 GLN A C    1 
ATOM   709  O O    . GLN A 1 113 ? -9.439  14.810  -12.383 1.00 40.70  ? 252 GLN A O    1 
ATOM   710  C CB   . GLN A 1 113 ? -11.590 16.048  -14.284 1.00 49.38  ? 252 GLN A CB   1 
ATOM   711  C CG   . GLN A 1 113 ? -12.114 16.943  -15.370 1.00 38.97  ? 252 GLN A CG   1 
ATOM   712  C CD   . GLN A 1 113 ? -12.650 18.250  -14.819 1.00 47.65  ? 252 GLN A CD   1 
ATOM   713  O OE1  . GLN A 1 113 ? -13.486 18.263  -13.910 1.00 46.77  ? 252 GLN A OE1  1 
ATOM   714  N NE2  . GLN A 1 113 ? -12.154 19.360  -15.350 1.00 49.02  ? 252 GLN A NE2  1 
ATOM   715  N N    . ARG A 1 114 ? -10.639 16.236  -11.111 1.00 47.87  ? 253 ARG A N    1 
ATOM   716  C CA   . ARG A 1 114 ? -10.594 15.385  -9.922  1.00 53.81  ? 253 ARG A CA   1 
ATOM   717  C C    . ARG A 1 114 ? -11.467 14.166  -10.190 1.00 39.94  ? 253 ARG A C    1 
ATOM   718  O O    . ARG A 1 114 ? -12.695 14.245  -10.139 1.00 39.64  ? 253 ARG A O    1 
ATOM   719  C CB   . ARG A 1 114 ? -11.067 16.147  -8.687  1.00 43.81  ? 253 ARG A CB   1 
ATOM   720  C CG   . ARG A 1 114 ? -9.950  16.725  -7.835  1.00 49.89  ? 253 ARG A CG   1 
ATOM   721  C CD   . ARG A 1 114 ? -10.458 17.827  -6.920  1.00 61.21  ? 253 ARG A CD   1 
ATOM   722  N NE   . ARG A 1 114 ? -11.463 17.348  -5.977  1.00 71.45  ? 253 ARG A NE   1 
ATOM   723  C CZ   . ARG A 1 114 ? -12.754 17.654  -6.047  1.00 72.64  ? 253 ARG A CZ   1 
ATOM   724  N NH1  . ARG A 1 114 ? -13.204 18.442  -7.014  1.00 60.80  ? 253 ARG A NH1  1 
ATOM   725  N NH2  . ARG A 1 114 ? -13.594 17.177  -5.139  1.00 75.53  ? 253 ARG A NH2  1 
ATOM   726  N N    . ALA A 1 115 ? -10.840 13.028  -10.493 1.00 38.49  ? 254 ALA A N    1 
ATOM   727  C CA   . ALA A 1 115 ? -11.585 11.818  -10.805 1.00 41.39  ? 254 ALA A CA   1 
ATOM   728  C C    . ALA A 1 115 ? -11.797 10.916  -9.598  1.00 44.73  ? 254 ALA A C    1 
ATOM   729  O O    . ALA A 1 115 ? -12.667 10.041  -9.645  1.00 54.99  ? 254 ALA A O    1 
ATOM   730  C CB   . ALA A 1 115 ? -10.874 11.026  -11.909 1.00 43.66  ? 254 ALA A CB   1 
ATOM   731  N N    . GLY A 1 116 ? -11.031 11.107  -8.530  1.00 39.90  ? 255 GLY A N    1 
ATOM   732  C CA   . GLY A 1 116 ? -11.204 10.283  -7.345  1.00 37.24  ? 255 GLY A CA   1 
ATOM   733  C C    . GLY A 1 116 ? -10.287 10.724  -6.224  1.00 46.54  ? 255 GLY A C    1 
ATOM   734  O O    . GLY A 1 116 ? -9.321  11.469  -6.428  1.00 43.74  ? 255 GLY A O    1 
ATOM   735  N N    . THR A 1 117 ? -10.613 10.242  -5.027  1.00 48.61  ? 256 THR A N    1 
ATOM   736  C CA   . THR A 1 117 ? -9.853  10.530  -3.818  1.00 39.98  ? 256 THR A CA   1 
ATOM   737  C C    . THR A 1 117 ? -9.798  9.271   -2.968  1.00 49.98  ? 256 THR A C    1 
ATOM   738  O O    . THR A 1 117 ? -10.821 8.611   -2.767  1.00 58.28  ? 256 THR A O    1 
ATOM   739  C CB   . THR A 1 117 ? -10.478 11.681  -3.011  1.00 47.69  ? 256 THR A CB   1 
ATOM   740  O OG1  . THR A 1 117 ? -10.697 12.810  -3.864  1.00 38.91  ? 256 THR A OG1  1 
ATOM   741  C CG2  . THR A 1 117 ? -9.567  12.115  -1.871  1.00 55.15  ? 256 THR A CG2  1 
ATOM   742  N N    . CYS A 1 118 ? -8.612  8.949   -2.465  1.00 49.94  ? 257 CYS A N    1 
ATOM   743  C CA   . CYS A 1 118 ? -8.467  7.718   -1.699  1.00 42.83  ? 257 CYS A CA   1 
ATOM   744  C C    . CYS A 1 118 ? -7.243  7.801   -0.803  1.00 43.97  ? 257 CYS A C    1 
ATOM   745  O O    . CYS A 1 118 ? -6.365  8.649   -0.989  1.00 41.56  ? 257 CYS A O    1 
ATOM   746  C CB   . CYS A 1 118 ? -8.339  6.504   -2.619  1.00 42.35  ? 257 CYS A CB   1 
ATOM   747  S SG   . CYS A 1 118 ? -7.298  6.772   -4.087  1.00 48.07  ? 257 CYS A SG   1 
ATOM   748  N N    . VAL A 1 119 ? -7.208  6.909   0.182   1.00 48.15  ? 258 VAL A N    1 
ATOM   749  C CA   . VAL A 1 119 ? -6.011  6.661   0.977   1.00 38.77  ? 258 VAL A CA   1 
ATOM   750  C C    . VAL A 1 119 ? -5.172  5.639   0.209   1.00 46.63  ? 258 VAL A C    1 
ATOM   751  O O    . VAL A 1 119 ? -5.532  4.463   0.124   1.00 34.77  ? 258 VAL A O    1 
ATOM   752  C CB   . VAL A 1 119 ? -6.360  6.157   2.381   1.00 37.95  ? 258 VAL A CB   1 
ATOM   753  C CG1  . VAL A 1 119 ? -5.091  5.803   3.145   1.00 41.60  ? 258 VAL A CG1  1 
ATOM   754  C CG2  . VAL A 1 119 ? -7.171  7.196   3.125   1.00 41.90  ? 258 VAL A CG2  1 
ATOM   755  N N    . LEU A 1 120 ? -4.060  6.095   -0.366  1.00 34.28  ? 259 LEU A N    1 
ATOM   756  C CA   . LEU A 1 120 ? -3.304  5.349   -1.363  1.00 33.62  ? 259 LEU A CA   1 
ATOM   757  C C    . LEU A 1 120 ? -1.840  5.267   -0.944  1.00 38.07  ? 259 LEU A C    1 
ATOM   758  O O    . LEU A 1 120 ? -1.290  6.231   -0.403  1.00 34.68  ? 259 LEU A O    1 
ATOM   759  C CB   . LEU A 1 120 ? -3.443  6.027   -2.740  1.00 43.89  ? 259 LEU A CB   1 
ATOM   760  C CG   . LEU A 1 120 ? -2.528  5.681   -3.914  1.00 34.26  ? 259 LEU A CG   1 
ATOM   761  C CD1  . LEU A 1 120 ? -2.883  4.328   -4.498  1.00 38.98  ? 259 LEU A CD1  1 
ATOM   762  C CD2  . LEU A 1 120 ? -2.618  6.774   -4.970  1.00 34.15  ? 259 LEU A CD2  1 
ATOM   763  N N    . GLU A 1 121 ? -1.212  4.121   -1.190  1.00 32.63  ? 260 GLU A N    1 
ATOM   764  C CA   . GLU A 1 121 ? 0.161   3.949   -0.727  1.00 34.24  ? 260 GLU A CA   1 
ATOM   765  C C    . GLU A 1 121 ? 0.763   2.676   -1.303  1.00 42.37  ? 260 GLU A C    1 
ATOM   766  O O    . GLU A 1 121 ? 0.050   1.726   -1.638  1.00 37.60  ? 260 GLU A O    1 
ATOM   767  C CB   . GLU A 1 121 ? 0.222   3.907   0.804   1.00 42.63  ? 260 GLU A CB   1 
ATOM   768  C CG   . GLU A 1 121 ? -0.220  2.581   1.390   1.00 36.14  ? 260 GLU A CG   1 
ATOM   769  C CD   . GLU A 1 121 ? -0.274  2.601   2.906   1.00 40.00  ? 260 GLU A CD   1 
ATOM   770  O OE1  . GLU A 1 121 ? -0.955  3.484   3.466   1.00 46.30  ? 260 GLU A OE1  1 
ATOM   771  O OE2  . GLU A 1 121 ? 0.367   1.735   3.538   1.00 40.25  ? 260 GLU A OE2  1 
ATOM   772  N N    . TYR A 1 122 ? 2.092   2.678   -1.398  1.00 52.22  ? 261 TYR A N    1 
ATOM   773  C CA   . TYR A 1 122 ? 2.853   1.504   -1.802  1.00 36.17  ? 261 TYR A CA   1 
ATOM   774  C C    . TYR A 1 122 ? 2.968   0.515   -0.649  1.00 41.14  ? 261 TYR A C    1 
ATOM   775  O O    . TYR A 1 122 ? 2.970   0.890   0.528   1.00 54.35  ? 261 TYR A O    1 
ATOM   776  C CB   . TYR A 1 122 ? 4.260   1.889   -2.259  1.00 36.01  ? 261 TYR A CB   1 
ATOM   777  C CG   . TYR A 1 122 ? 4.356   2.435   -3.662  1.00 44.12  ? 261 TYR A CG   1 
ATOM   778  C CD1  . TYR A 1 122 ? 4.327   1.591   -4.765  1.00 36.29  ? 261 TYR A CD1  1 
ATOM   779  C CD2  . TYR A 1 122 ? 4.509   3.797   -3.883  1.00 42.12  ? 261 TYR A CD2  1 
ATOM   780  C CE1  . TYR A 1 122 ? 4.427   2.093   -6.047  1.00 40.77  ? 261 TYR A CE1  1 
ATOM   781  C CE2  . TYR A 1 122 ? 4.612   4.296   -5.151  1.00 36.61  ? 261 TYR A CE2  1 
ATOM   782  C CZ   . TYR A 1 122 ? 4.567   3.448   -6.230  1.00 44.77  ? 261 TYR A CZ   1 
ATOM   783  O OH   . TYR A 1 122 ? 4.669   3.964   -7.501  1.00 45.71  ? 261 TYR A OH   1 
ATOM   784  N N    . ALA A 1 123 ? 3.077   -0.763  -0.997  1.00 40.46  ? 262 ALA A N    1 
ATOM   785  C CA   . ALA A 1 123 ? 3.417   -1.776  -0.006  1.00 41.93  ? 262 ALA A CA   1 
ATOM   786  C C    . ALA A 1 123 ? 4.904   -1.678  0.298   1.00 42.52  ? 262 ALA A C    1 
ATOM   787  O O    . ALA A 1 123 ? 5.738   -2.086  -0.514  1.00 32.85  ? 262 ALA A O    1 
ATOM   788  C CB   . ALA A 1 123 ? 3.054   -3.167  -0.508  1.00 36.22  ? 262 ALA A CB   1 
ATOM   789  N N    . THR A 1 124 ? 5.234   -1.147  1.471   1.00 41.00  ? 263 THR A N    1 
ATOM   790  C CA   . THR A 1 124 ? 6.625   -0.903  1.846   1.00 38.47  ? 263 THR A CA   1 
ATOM   791  C C    . THR A 1 124 ? 7.532   -2.112  1.655   1.00 45.79  ? 263 THR A C    1 
ATOM   792  O O    . THR A 1 124 ? 8.628   -1.948  1.098   1.00 41.27  ? 263 THR A O    1 
ATOM   793  C CB   . THR A 1 124 ? 6.662   -0.421  3.299   1.00 48.43  ? 263 THR A CB   1 
ATOM   794  O OG1  . THR A 1 124 ? 5.576   0.483   3.521   1.00 49.23  ? 263 THR A OG1  1 
ATOM   795  C CG2  . THR A 1 124 ? 7.974   0.287   3.596   1.00 39.43  ? 263 THR A CG2  1 
ATOM   796  N N    . PRO A 1 125 ? 7.159   -3.321  2.095   1.00 34.85  ? 264 PRO A N    1 
ATOM   797  C CA   . PRO A 1 125 ? 8.085   -4.462  1.993   1.00 41.99  ? 264 PRO A CA   1 
ATOM   798  C C    . PRO A 1 125 ? 8.665   -4.682  0.605   1.00 49.67  ? 264 PRO A C    1 
ATOM   799  O O    . PRO A 1 125 ? 9.754   -5.258  0.495   1.00 40.25  ? 264 PRO A O    1 
ATOM   800  C CB   . PRO A 1 125 ? 7.217   -5.647  2.440   1.00 32.95  ? 264 PRO A CB   1 
ATOM   801  C CG   . PRO A 1 125 ? 6.244   -5.035  3.413   1.00 35.78  ? 264 PRO A CG   1 
ATOM   802  C CD   . PRO A 1 125 ? 5.922   -3.679  2.814   1.00 33.22  ? 264 PRO A CD   1 
ATOM   803  N N    . LEU A 1 126 ? 7.970   -4.276  -0.462  1.00 41.39  ? 265 LEU A N    1 
ATOM   804  C CA   . LEU A 1 126 ? 8.564   -4.404  -1.789  1.00 32.07  ? 265 LEU A CA   1 
ATOM   805  C C    . LEU A 1 126 ? 9.863   -3.619  -1.877  1.00 50.55  ? 265 LEU A C    1 
ATOM   806  O O    . LEU A 1 126 ? 10.780  -4.013  -2.606  1.00 58.60  ? 265 LEU A O    1 
ATOM   807  C CB   . LEU A 1 126 ? 7.577   -3.939  -2.857  1.00 31.91  ? 265 LEU A CB   1 
ATOM   808  C CG   . LEU A 1 126 ? 6.436   -4.910  -3.171  1.00 29.41  ? 265 LEU A CG   1 
ATOM   809  C CD1  . LEU A 1 126 ? 5.505   -4.341  -4.233  1.00 33.98  ? 265 LEU A CD1  1 
ATOM   810  C CD2  . LEU A 1 126 ? 6.980   -6.269  -3.600  1.00 27.11  ? 265 LEU A CD2  1 
ATOM   811  N N    . GLN A 1 127 ? 9.959   -2.512  -1.138  1.00 49.11  ? 266 GLN A N    1 
ATOM   812  C CA   . GLN A 1 127 ? 11.231  -1.809  -1.014  1.00 35.07  ? 266 GLN A CA   1 
ATOM   813  C C    . GLN A 1 127 ? 12.273  -2.670  -0.310  1.00 42.92  ? 266 GLN A C    1 
ATOM   814  O O    . GLN A 1 127 ? 13.454  -2.652  -0.682  1.00 47.10  ? 266 GLN A O    1 
ATOM   815  C CB   . GLN A 1 127 ? 11.035  -0.499  -0.253  1.00 36.00  ? 266 GLN A CB   1 
ATOM   816  C CG   . GLN A 1 127 ? 10.916  0.733   -1.111  1.00 36.78  ? 266 GLN A CG   1 
ATOM   817  C CD   . GLN A 1 127 ? 11.072  2.000   -0.293  1.00 54.09  ? 266 GLN A CD   1 
ATOM   818  O OE1  . GLN A 1 127 ? 11.451  1.949   0.878   1.00 54.08  ? 266 GLN A OE1  1 
ATOM   819  N NE2  . GLN A 1 127 ? 10.759  3.142   -0.897  1.00 49.29  ? 266 GLN A NE2  1 
ATOM   820  N N    . THR A 1 128 ? 11.862  -3.405  0.726   1.00 33.61  ? 267 THR A N    1 
ATOM   821  C CA   . THR A 1 128 ? 12.789  -4.307  1.403   1.00 41.18  ? 267 THR A CA   1 
ATOM   822  C C    . THR A 1 128 ? 13.316  -5.368  0.444   1.00 44.80  ? 267 THR A C    1 
ATOM   823  O O    . THR A 1 128 ? 14.514  -5.678  0.446   1.00 50.82  ? 267 THR A O    1 
ATOM   824  C CB   . THR A 1 128 ? 12.112  -4.960  2.613   1.00 36.04  ? 267 THR A CB   1 
ATOM   825  O OG1  . THR A 1 128 ? 11.741  -3.952  3.563   1.00 44.94  ? 267 THR A OG1  1 
ATOM   826  C CG2  . THR A 1 128 ? 13.049  -5.945  3.273   1.00 35.83  ? 267 THR A CG2  1 
ATOM   827  N N    . LEU A 1 129 ? 12.438  -5.923  -0.394  1.00 39.56  ? 268 LEU A N    1 
ATOM   828  C CA   . LEU A 1 129 ? 12.873  -6.894  -1.391  1.00 39.69  ? 268 LEU A CA   1 
ATOM   829  C C    . LEU A 1 129 ? 13.914  -6.289  -2.321  1.00 43.79  ? 268 LEU A C    1 
ATOM   830  O O    . LEU A 1 129 ? 14.950  -6.906  -2.600  1.00 50.11  ? 268 LEU A O    1 
ATOM   831  C CB   . LEU A 1 129 ? 11.668  -7.397  -2.184  1.00 45.41  ? 268 LEU A CB   1 
ATOM   832  C CG   . LEU A 1 129 ? 10.797  -8.442  -1.487  1.00 41.24  ? 268 LEU A CG   1 
ATOM   833  C CD1  . LEU A 1 129 ? 9.794   -9.024  -2.463  1.00 38.27  ? 268 LEU A CD1  1 
ATOM   834  C CD2  . LEU A 1 129 ? 11.657  -9.536  -0.891  1.00 42.34  ? 268 LEU A CD2  1 
ATOM   835  N N    . PHE A 1 130 ? 13.656  -5.077  -2.814  1.00 45.10  ? 269 PHE A N    1 
ATOM   836  C CA   . PHE A 1 130 ? 14.602  -4.416  -3.704  1.00 49.09  ? 269 PHE A CA   1 
ATOM   837  C C    . PHE A 1 130 ? 15.922  -4.058  -3.037  1.00 52.60  ? 269 PHE A C    1 
ATOM   838  O O    . PHE A 1 130 ? 16.960  -3.977  -3.707  1.00 49.76  ? 269 PHE A O    1 
ATOM   839  C CB   . PHE A 1 130 ? 14.003  -3.103  -4.206  1.00 43.14  ? 269 PHE A CB   1 
ATOM   840  C CG   . PHE A 1 130 ? 14.746  -2.498  -5.354  1.00 52.86  ? 269 PHE A CG   1 
ATOM   841  C CD1  . PHE A 1 130 ? 14.327  -2.712  -6.654  1.00 60.83  ? 269 PHE A CD1  1 
ATOM   842  C CD2  . PHE A 1 130 ? 15.864  -1.713  -5.135  1.00 54.16  ? 269 PHE A CD2  1 
ATOM   843  C CE1  . PHE A 1 130 ? 15.010  -2.152  -7.706  1.00 49.04  ? 269 PHE A CE1  1 
ATOM   844  C CE2  . PHE A 1 130 ? 16.552  -1.149  -6.193  1.00 67.84  ? 269 PHE A CE2  1 
ATOM   845  C CZ   . PHE A 1 130 ? 16.125  -1.370  -7.474  1.00 63.30  ? 269 PHE A CZ   1 
ATOM   846  N N    . ALA A 1 131 ? 15.906  -3.837  -1.719  1.00 50.29  ? 270 ALA A N    1 
ATOM   847  C CA   . ALA A 1 131 ? 17.134  -3.481  -1.017  1.00 40.10  ? 270 ALA A CA   1 
ATOM   848  C C    . ALA A 1 131 ? 17.892  -4.772  -0.743  1.00 42.67  ? 270 ALA A C    1 
ATOM   849  O O    . ALA A 1 131 ? 19.115  -4.832  -0.912  1.00 49.56  ? 270 ALA A O    1 
ATOM   850  C CB   . ALA A 1 131 ? 16.834  -2.739  0.285   1.00 46.83  ? 270 ALA A CB   1 
ATOM   851  N N    . MET A 1 132 ? 17.171  -5.824  -0.342  1.00 48.10  ? 271 MET A N    1 
ATOM   852  C CA   . MET A 1 132 ? 17.792  -7.128  -0.154  1.00 42.68  ? 271 MET A CA   1 
ATOM   853  C C    . MET A 1 132 ? 18.483  -7.598  -1.423  1.00 37.59  ? 271 MET A C    1 
ATOM   854  O O    . MET A 1 132 ? 19.481  -8.320  -1.357  1.00 39.00  ? 271 MET A O    1 
ATOM   855  C CB   . MET A 1 132 ? 16.747  -8.159  0.278   1.00 38.93  ? 271 MET A CB   1 
ATOM   856  C CG   . MET A 1 132 ? 16.153  -7.944  1.658   1.00 50.17  ? 271 MET A CG   1 
ATOM   857  S SD   . MET A 1 132 ? 15.448  -9.474  2.281   1.00 37.91  ? 271 MET A SD   1 
ATOM   858  C CE   . MET A 1 132 ? 16.929  -10.447 2.549   1.00 36.01  ? 271 MET A CE   1 
ATOM   859  N N    . SER A 1 133 ? 17.972  -7.209  -2.586  1.00 44.83  ? 272 SER A N    1 
ATOM   860  C CA   . SER A 1 133 ? 18.590  -7.668  -3.822  1.00 43.68  ? 272 SER A CA   1 
ATOM   861  C C    . SER A 1 133 ? 19.965  -7.044  -4.035  1.00 53.43  ? 272 SER A C    1 
ATOM   862  O O    . SER A 1 133 ? 20.868  -7.720  -4.542  1.00 56.42  ? 272 SER A O    1 
ATOM   863  C CB   . SER A 1 133 ? 17.683  -7.362  -5.014  1.00 51.58  ? 272 SER A CB   1 
ATOM   864  O OG   . SER A 1 133 ? 17.508  -5.967  -5.190  1.00 51.14  ? 272 SER A OG   1 
ATOM   865  N N    . GLN A 1 134 ? 20.149  -5.780  -3.636  1.00 46.64  ? 273 GLN A N    1 
ATOM   866  C CA   . GLN A 1 134 ? 21.423  -5.103  -3.862  1.00 44.87  ? 273 GLN A CA   1 
ATOM   867  C C    . GLN A 1 134 ? 22.516  -5.592  -2.915  1.00 47.26  ? 273 GLN A C    1 
ATOM   868  O O    . GLN A 1 134 ? 23.693  -5.617  -3.297  1.00 51.12  ? 273 GLN A O    1 
ATOM   869  C CB   . GLN A 1 134 ? 21.244  -3.588  -3.722  1.00 42.48  ? 273 GLN A CB   1 
ATOM   870  C CG   . GLN A 1 134 ? 20.225  -3.004  -4.685  1.00 43.71  ? 273 GLN A CG   1 
ATOM   871  N N    . TYR A 1 135 ? 22.161  -5.965  -1.685  1.00 43.43  ? 274 TYR A N    1 
ATOM   872  C CA   . TYR A 1 135 ? 23.143  -6.413  -0.701  1.00 39.11  ? 274 TYR A CA   1 
ATOM   873  C C    . TYR A 1 135 ? 23.561  -7.850  -0.994  1.00 48.48  ? 274 TYR A C    1 
ATOM   874  O O    . TYR A 1 135 ? 22.710  -8.742  -1.055  1.00 39.99  ? 274 TYR A O    1 
ATOM   875  C CB   . TYR A 1 135 ? 22.573  -6.319  0.712   1.00 42.09  ? 274 TYR A CB   1 
ATOM   876  C CG   . TYR A 1 135 ? 22.411  -4.919  1.256   1.00 49.67  ? 274 TYR A CG   1 
ATOM   877  C CD1  . TYR A 1 135 ? 23.472  -4.267  1.863   1.00 57.57  ? 274 TYR A CD1  1 
ATOM   878  C CD2  . TYR A 1 135 ? 21.185  -4.263  1.200   1.00 43.03  ? 274 TYR A CD2  1 
ATOM   879  C CE1  . TYR A 1 135 ? 23.329  -2.992  2.371   1.00 58.02  ? 274 TYR A CE1  1 
ATOM   880  C CE2  . TYR A 1 135 ? 21.033  -2.991  1.708   1.00 56.92  ? 274 TYR A CE2  1 
ATOM   881  C CZ   . TYR A 1 135 ? 22.106  -2.359  2.291   1.00 63.94  ? 274 TYR A CZ   1 
ATOM   882  O OH   . TYR A 1 135 ? 21.944  -1.091  2.793   1.00 73.57  ? 274 TYR A OH   1 
ATOM   883  N N    . SER A 1 136 ? 24.869  -8.081  -1.148  1.00 46.24  ? 275 SER A N    1 
ATOM   884  C CA   . SER A 1 136 ? 25.356  -9.437  -1.393  1.00 42.22  ? 275 SER A CA   1 
ATOM   885  C C    . SER A 1 136 ? 25.258  -10.309 -0.145  1.00 41.99  ? 275 SER A C    1 
ATOM   886  O O    . SER A 1 136 ? 25.146  -11.536 -0.254  1.00 51.99  ? 275 SER A O    1 
ATOM   887  C CB   . SER A 1 136 ? 26.799  -9.390  -1.896  1.00 43.54  ? 275 SER A CB   1 
ATOM   888  O OG   . SER A 1 136 ? 27.556  -8.400  -1.217  1.00 52.64  ? 275 SER A OG   1 
ATOM   889  N N    . GLN A 1 137 ? 25.314  -9.694  1.039   1.00 44.46  ? 276 GLN A N    1 
ATOM   890  C CA   . GLN A 1 137 ? 25.227  -10.431 2.295   1.00 59.39  ? 276 GLN A CA   1 
ATOM   891  C C    . GLN A 1 137 ? 23.837  -11.010 2.524   1.00 60.14  ? 276 GLN A C    1 
ATOM   892  O O    . GLN A 1 137 ? 23.692  -11.951 3.311   1.00 57.43  ? 276 GLN A O    1 
ATOM   893  C CB   . GLN A 1 137 ? 25.623  -9.523  3.466   1.00 58.42  ? 276 GLN A CB   1 
ATOM   894  C CG   . GLN A 1 137 ? 25.890  -10.240 4.784   1.00 56.21  ? 276 GLN A CG   1 
ATOM   895  C CD   . GLN A 1 137 ? 26.066  -9.255  5.916   1.00 73.65  ? 276 GLN A CD   1 
ATOM   896  O OE1  . GLN A 1 137 ? 25.912  -8.049  5.723   1.00 70.30  ? 276 GLN A OE1  1 
ATOM   897  N NE2  . GLN A 1 137 ? 26.393  -9.759  7.102   1.00 70.38  ? 276 GLN A NE2  1 
ATOM   898  N N    . ALA A 1 138 ? 22.822  -10.488 1.833   1.00 56.34  ? 277 ALA A N    1 
ATOM   899  C CA   . ALA A 1 138 ? 21.445  -10.922 2.029   1.00 40.47  ? 277 ALA A CA   1 
ATOM   900  C C    . ALA A 1 138 ? 21.107  -12.217 1.300   1.00 49.33  ? 277 ALA A C    1 
ATOM   901  O O    . ALA A 1 138 ? 20.002  -12.737 1.497   1.00 47.79  ? 277 ALA A O    1 
ATOM   902  C CB   . ALA A 1 138 ? 20.481  -9.820  1.581   1.00 34.50  ? 277 ALA A CB   1 
ATOM   903  N N    . GLY A 1 139 ? 22.013  -12.744 0.472   1.00 55.72  ? 278 GLY A N    1 
ATOM   904  C CA   . GLY A 1 139 ? 21.783  -13.993 -0.231  1.00 48.09  ? 278 GLY A CA   1 
ATOM   905  C C    . GLY A 1 139 ? 20.506  -13.990 -1.045  1.00 43.66  ? 278 GLY A C    1 
ATOM   906  O O    . GLY A 1 139 ? 19.711  -14.934 -0.984  1.00 48.60  ? 278 GLY A O    1 
ATOM   907  N N    . PHE A 1 140 ? 20.298  -12.921 -1.808  1.00 63.08  ? 279 PHE A N    1 
ATOM   908  C CA   . PHE A 1 140 ? 19.077  -12.729 -2.585  1.00 64.00  ? 279 PHE A CA   1 
ATOM   909  C C    . PHE A 1 140 ? 19.465  -12.097 -3.913  1.00 47.17  ? 279 PHE A C    1 
ATOM   910  O O    . PHE A 1 140 ? 19.864  -10.928 -3.948  1.00 58.03  ? 279 PHE A O    1 
ATOM   911  C CB   . PHE A 1 140 ? 18.079  -11.853 -1.831  1.00 45.81  ? 279 PHE A CB   1 
ATOM   912  C CG   . PHE A 1 140 ? 16.841  -11.540 -2.611  1.00 43.55  ? 279 PHE A CG   1 
ATOM   913  C CD1  . PHE A 1 140 ? 16.064  -12.558 -3.132  1.00 54.60  ? 279 PHE A CD1  1 
ATOM   914  C CD2  . PHE A 1 140 ? 16.450  -10.232 -2.815  1.00 56.82  ? 279 PHE A CD2  1 
ATOM   915  C CE1  . PHE A 1 140 ? 14.918  -12.281 -3.847  1.00 57.40  ? 279 PHE A CE1  1 
ATOM   916  C CE2  . PHE A 1 140 ? 15.307  -9.947  -3.528  1.00 46.95  ? 279 PHE A CE2  1 
ATOM   917  C CZ   . PHE A 1 140 ? 14.539  -10.977 -4.045  1.00 53.13  ? 279 PHE A CZ   1 
ATOM   918  N N    . SER A 1 141 ? 19.338  -12.862 -4.996  1.00 46.53  ? 280 SER A N    1 
ATOM   919  C CA   . SER A 1 141 ? 19.824  -12.417 -6.293  1.00 53.28  ? 280 SER A CA   1 
ATOM   920  C C    . SER A 1 141 ? 18.853  -11.435 -6.936  1.00 53.80  ? 280 SER A C    1 
ATOM   921  O O    . SER A 1 141 ? 17.644  -11.455 -6.681  1.00 60.45  ? 280 SER A O    1 
ATOM   922  C CB   . SER A 1 141 ? 20.058  -13.604 -7.232  1.00 50.84  ? 280 SER A CB   1 
ATOM   923  O OG   . SER A 1 141 ? 20.488  -13.187 -8.516  1.00 90.02  ? 280 SER A OG   1 
ATOM   924  N N    . ARG A 1 142 ? 19.408  -10.562 -7.783  1.00 43.17  ? 281 ARG A N    1 
ATOM   925  C CA   . ARG A 1 142 ? 18.601  -9.535  -8.433  1.00 43.58  ? 281 ARG A CA   1 
ATOM   926  C C    . ARG A 1 142 ? 17.619  -10.141 -9.421  1.00 52.44  ? 281 ARG A C    1 
ATOM   927  O O    . ARG A 1 142 ? 16.545  -9.573  -9.653  1.00 40.76  ? 281 ARG A O    1 
ATOM   928  C CB   . ARG A 1 142 ? 19.501  -8.522  -9.140  1.00 40.83  ? 281 ARG A CB   1 
ATOM   929  N N    . GLU A 1 143 ? 17.965  -11.288 -10.011 1.00 61.26  ? 282 GLU A N    1 
ATOM   930  C CA   . GLU A 1 143 ? 17.055  -11.943 -10.944 1.00 52.05  ? 282 GLU A CA   1 
ATOM   931  C C    . GLU A 1 143 ? 15.758  -12.361 -10.271 1.00 47.71  ? 282 GLU A C    1 
ATOM   932  O O    . GLU A 1 143 ? 14.718  -12.457 -10.933 1.00 55.29  ? 282 GLU A O    1 
ATOM   933  C CB   . GLU A 1 143 ? 17.711  -13.179 -11.560 1.00 48.99  ? 282 GLU A CB   1 
ATOM   934  C CG   . GLU A 1 143 ? 18.722  -12.897 -12.647 1.00 46.54  ? 282 GLU A CG   1 
ATOM   935  C CD   . GLU A 1 143 ? 19.390  -14.172 -13.121 1.00 63.67  ? 282 GLU A CD   1 
ATOM   936  O OE1  . GLU A 1 143 ? 19.179  -15.217 -12.467 1.00 58.30  ? 282 GLU A OE1  1 
ATOM   937  O OE2  . GLU A 1 143 ? 20.121  -14.137 -14.133 1.00 66.86  ? 282 GLU A OE2  1 
ATOM   938  N N    . ASP A 1 144 ? 15.803  -12.646 -8.971  1.00 55.45  ? 283 ASP A N    1 
ATOM   939  C CA   . ASP A 1 144 ? 14.663  -13.192 -8.248  1.00 48.20  ? 283 ASP A CA   1 
ATOM   940  C C    . ASP A 1 144 ? 13.698  -12.124 -7.753  1.00 42.28  ? 283 ASP A C    1 
ATOM   941  O O    . ASP A 1 144 ? 12.690  -12.475 -7.130  1.00 43.14  ? 283 ASP A O    1 
ATOM   942  C CB   . ASP A 1 144 ? 15.142  -14.027 -7.057  1.00 58.15  ? 283 ASP A CB   1 
ATOM   943  C CG   . ASP A 1 144 ? 15.787  -15.327 -7.480  1.00 62.63  ? 283 ASP A CG   1 
ATOM   944  O OD1  . ASP A 1 144 ? 15.610  -15.716 -8.652  1.00 75.65  ? 283 ASP A OD1  1 
ATOM   945  O OD2  . ASP A 1 144 ? 16.480  -15.954 -6.648  1.00 76.83  ? 283 ASP A OD2  1 
ATOM   946  N N    . ARG A 1 145 ? 13.980  -10.841 -7.991  1.00 43.02  ? 284 ARG A N    1 
ATOM   947  C CA   . ARG A 1 145 ? 13.103  -9.784  -7.499  1.00 41.84  ? 284 ARG A CA   1 
ATOM   948  C C    . ARG A 1 145 ? 11.664  -10.019 -7.933  1.00 44.33  ? 284 ARG A C    1 
ATOM   949  O O    . ARG A 1 145 ? 10.741  -10.006 -7.110  1.00 43.16  ? 284 ARG A O    1 
ATOM   950  C CB   . ARG A 1 145 ? 13.597  -8.414  -7.984  1.00 40.39  ? 284 ARG A CB   1 
ATOM   951  C CG   . ARG A 1 145 ? 13.460  -7.304  -6.946  1.00 45.37  ? 284 ARG A CG   1 
ATOM   952  C CD   . ARG A 1 145 ? 14.544  -6.250  -7.092  1.00 45.73  ? 284 ARG A CD   1 
ATOM   953  N NE   . ARG A 1 145 ? 14.714  -5.844  -8.480  1.00 52.58  ? 284 ARG A NE   1 
ATOM   954  C CZ   . ARG A 1 145 ? 15.848  -5.362  -8.974  1.00 54.25  ? 284 ARG A CZ   1 
ATOM   955  N NH1  . ARG A 1 145 ? 16.906  -5.218  -8.187  1.00 57.05  ? 284 ARG A NH1  1 
ATOM   956  N NH2  . ARG A 1 145 ? 15.924  -5.015  -10.252 1.00 57.06  ? 284 ARG A NH2  1 
ATOM   957  N N    . LEU A 1 146 ? 11.458  -10.269 -9.227  1.00 43.27  ? 285 LEU A N    1 
ATOM   958  C CA   . LEU A 1 146 ? 10.101  -10.372 -9.756  1.00 36.97  ? 285 LEU A CA   1 
ATOM   959  C C    . LEU A 1 146 ? 9.375   -11.588 -9.196  1.00 43.45  ? 285 LEU A C    1 
ATOM   960  O O    . LEU A 1 146 ? 8.192   -11.504 -8.848  1.00 35.87  ? 285 LEU A O    1 
ATOM   961  C CB   . LEU A 1 146 ? 10.149  -10.416 -11.282 1.00 34.53  ? 285 LEU A CB   1 
ATOM   962  C CG   . LEU A 1 146 ? 8.876   -10.719 -12.066 1.00 30.39  ? 285 LEU A CG   1 
ATOM   963  C CD1  . LEU A 1 146 ? 7.760   -9.735  -11.720 1.00 44.63  ? 285 LEU A CD1  1 
ATOM   964  C CD2  . LEU A 1 146 ? 9.168   -10.703 -13.562 1.00 30.85  ? 285 LEU A CD2  1 
ATOM   965  N N    . GLU A 1 147 ? 10.058  -12.728 -9.104  1.00 47.73  ? 286 GLU A N    1 
ATOM   966  C CA   . GLU A 1 147 ? 9.403   -13.921 -8.579  1.00 41.89  ? 286 GLU A CA   1 
ATOM   967  C C    . GLU A 1 147 ? 8.996   -13.730 -7.124  1.00 42.95  ? 286 GLU A C    1 
ATOM   968  O O    . GLU A 1 147 ? 7.956   -14.236 -6.686  1.00 46.98  ? 286 GLU A O    1 
ATOM   969  C CB   . GLU A 1 147 ? 10.321  -15.131 -8.722  1.00 34.19  ? 286 GLU A CB   1 
ATOM   970  N N    A GLN A 1 148 ? 9.806   -12.998 -6.355  0.50 37.74  ? 287 GLN A N    1 
ATOM   971  N N    B GLN A 1 148 ? 9.815   -13.010 -6.355  0.50 38.15  ? 287 GLN A N    1 
ATOM   972  C CA   A GLN A 1 148 ? 9.476   -12.752 -4.957  0.50 40.26  ? 287 GLN A CA   1 
ATOM   973  C CA   B GLN A 1 148 ? 9.482   -12.746 -4.962  0.50 43.57  ? 287 GLN A CA   1 
ATOM   974  C C    A GLN A 1 148 ? 8.369   -11.714 -4.829  0.50 39.00  ? 287 GLN A C    1 
ATOM   975  C C    B GLN A 1 148 ? 8.351   -11.734 -4.853  0.50 38.03  ? 287 GLN A C    1 
ATOM   976  O O    A GLN A 1 148 ? 7.512   -11.821 -3.943  0.50 38.17  ? 287 GLN A O    1 
ATOM   977  O O    B GLN A 1 148 ? 7.470   -11.873 -3.997  0.50 39.39  ? 287 GLN A O    1 
ATOM   978  C CB   A GLN A 1 148 ? 10.723  -12.321 -4.183  0.50 38.72  ? 287 GLN A CB   1 
ATOM   979  C CB   B GLN A 1 148 ? 10.722  -12.267 -4.209  0.50 37.20  ? 287 GLN A CB   1 
ATOM   980  C CG   A GLN A 1 148 ? 11.777  -13.420 -4.008  0.50 38.92  ? 287 GLN A CG   1 
ATOM   981  C CG   B GLN A 1 148 ? 11.731  -13.372 -3.949  0.50 39.30  ? 287 GLN A CG   1 
ATOM   982  C CD   A GLN A 1 148 ? 11.361  -14.485 -3.005  0.50 40.28  ? 287 GLN A CD   1 
ATOM   983  C CD   B GLN A 1 148 ? 12.292  -13.333 -2.544  0.50 50.70  ? 287 GLN A CD   1 
ATOM   984  O OE1  A GLN A 1 148 ? 10.699  -14.198 -2.007  0.50 39.97  ? 287 GLN A OE1  1 
ATOM   985  O OE1  B GLN A 1 148 ? 12.140  -12.345 -1.825  0.50 54.89  ? 287 GLN A OE1  1 
ATOM   986  N NE2  A GLN A 1 148 ? 11.738  -15.727 -3.279  0.50 35.02  ? 287 GLN A NE2  1 
ATOM   987  N NE2  B GLN A 1 148 ? 12.937  -14.419 -2.137  0.50 55.94  ? 287 GLN A NE2  1 
ATOM   988  N N    . ALA A 1 149 ? 8.355   -10.717 -5.718  1.00 36.05  ? 288 ALA A N    1 
ATOM   989  C CA   . ALA A 1 149 ? 7.255   -9.762  -5.738  1.00 32.48  ? 288 ALA A CA   1 
ATOM   990  C C    . ALA A 1 149 ? 5.936   -10.475 -5.978  1.00 38.36  ? 288 ALA A C    1 
ATOM   991  O O    . ALA A 1 149 ? 4.949   -10.232 -5.276  1.00 39.50  ? 288 ALA A O    1 
ATOM   992  C CB   . ALA A 1 149 ? 7.502   -8.699  -6.805  1.00 39.37  ? 288 ALA A CB   1 
ATOM   993  N N    . LYS A 1 150 ? 5.907   -11.392 -6.950  1.00 45.23  ? 289 LYS A N    1 
ATOM   994  C CA   . LYS A 1 150 ? 4.693   -12.154 -7.203  1.00 35.80  ? 289 LYS A CA   1 
ATOM   995  C C    . LYS A 1 150 ? 4.328   -13.023 -6.006  1.00 46.22  ? 289 LYS A C    1 
ATOM   996  O O    . LYS A 1 150 ? 3.163   -13.068 -5.593  1.00 44.97  ? 289 LYS A O    1 
ATOM   997  C CB   . LYS A 1 150 ? 4.867   -13.006 -8.462  1.00 31.65  ? 289 LYS A CB   1 
ATOM   998  C CG   . LYS A 1 150 ? 4.601   -12.247 -9.755  1.00 47.13  ? 289 LYS A CG   1 
ATOM   999  C CD   . LYS A 1 150 ? 4.579   -13.165 -10.971 1.00 48.03  ? 289 LYS A CD   1 
ATOM   1000 C CE   . LYS A 1 150 ? 5.970   -13.350 -11.552 1.00 51.83  ? 289 LYS A CE   1 
ATOM   1001 N NZ   . LYS A 1 150 ? 5.936   -14.118 -12.828 1.00 57.38  ? 289 LYS A NZ   1 
ATOM   1002 N N    . LEU A 1 151 ? 5.319   -13.698 -5.415  1.00 46.23  ? 290 LEU A N    1 
ATOM   1003 C CA   . LEU A 1 151 ? 5.045   -14.484 -4.219  1.00 38.52  ? 290 LEU A CA   1 
ATOM   1004 C C    . LEU A 1 151 ? 4.531   -13.606 -3.090  1.00 36.19  ? 290 LEU A C    1 
ATOM   1005 O O    . LEU A 1 151 ? 3.701   -14.048 -2.288  1.00 34.81  ? 290 LEU A O    1 
ATOM   1006 C CB   . LEU A 1 151 ? 6.294   -15.237 -3.764  1.00 32.16  ? 290 LEU A CB   1 
ATOM   1007 C CG   . LEU A 1 151 ? 6.020   -16.099 -2.532  1.00 37.82  ? 290 LEU A CG   1 
ATOM   1008 C CD1  . LEU A 1 151 ? 5.080   -17.245 -2.890  1.00 37.91  ? 290 LEU A CD1  1 
ATOM   1009 C CD2  . LEU A 1 151 ? 7.307   -16.632 -1.931  1.00 40.31  ? 290 LEU A CD2  1 
ATOM   1010 N N    . PHE A 1 152 ? 5.015   -12.368 -3.006  1.00 39.15  ? 291 PHE A N    1 
ATOM   1011 C CA   . PHE A 1 152 ? 4.536   -11.463 -1.969  1.00 31.32  ? 291 PHE A CA   1 
ATOM   1012 C C    . PHE A 1 152 ? 3.076   -11.102 -2.189  1.00 33.34  ? 291 PHE A C    1 
ATOM   1013 O O    . PHE A 1 152 ? 2.275   -11.112 -1.250  1.00 40.02  ? 291 PHE A O    1 
ATOM   1014 C CB   . PHE A 1 152 ? 5.393   -10.201 -1.928  1.00 36.00  ? 291 PHE A CB   1 
ATOM   1015 C CG   . PHE A 1 152 ? 4.919   -9.190  -0.917  1.00 29.00  ? 291 PHE A CG   1 
ATOM   1016 C CD1  . PHE A 1 152 ? 5.362   -9.235  0.397   1.00 25.90  ? 291 PHE A CD1  1 
ATOM   1017 C CD2  . PHE A 1 152 ? 4.014   -8.209  -1.279  1.00 37.50  ? 291 PHE A CD2  1 
ATOM   1018 C CE1  . PHE A 1 152 ? 4.916   -8.314  1.332   1.00 29.32  ? 291 PHE A CE1  1 
ATOM   1019 C CE2  . PHE A 1 152 ? 3.560   -7.280  -0.345  1.00 25.97  ? 291 PHE A CE2  1 
ATOM   1020 C CZ   . PHE A 1 152 ? 4.013   -7.335  0.960   1.00 35.19  ? 291 PHE A CZ   1 
ATOM   1021 N N    . CYS A 1 153 ? 2.716   -10.758 -3.430  1.00 37.37  ? 292 CYS A N    1 
ATOM   1022 C CA   . CYS A 1 153 ? 1.320   -10.462 -3.739  1.00 35.81  ? 292 CYS A CA   1 
ATOM   1023 C C    . CYS A 1 153 ? 0.437   -11.684 -3.529  1.00 45.32  ? 292 CYS A C    1 
ATOM   1024 O O    . CYS A 1 153 ? -0.606  -11.606 -2.870  1.00 45.72  ? 292 CYS A O    1 
ATOM   1025 C CB   . CYS A 1 153 ? 1.193   -9.947  -5.169  1.00 30.08  ? 292 CYS A CB   1 
ATOM   1026 S SG   . CYS A 1 153 ? 2.216   -8.492  -5.533  1.00 56.04  ? 292 CYS A SG   1 
ATOM   1027 N N    . ARG A 1 154 ? 0.866   -12.830 -4.053  1.00 48.21  ? 293 ARG A N    1 
ATOM   1028 C CA   . ARG A 1 154 ? 0.072   -14.046 -3.925  1.00 37.79  ? 293 ARG A CA   1 
ATOM   1029 C C    . ARG A 1 154 ? -0.201  -14.373 -2.465  1.00 42.11  ? 293 ARG A C    1 
ATOM   1030 O O    . ARG A 1 154 ? -1.342  -14.666 -2.090  1.00 51.35  ? 293 ARG A O    1 
ATOM   1031 C CB   . ARG A 1 154 ? 0.786   -15.208 -4.620  1.00 45.57  ? 293 ARG A CB   1 
ATOM   1032 C CG   . ARG A 1 154 ? 0.387   -15.391 -6.081  1.00 61.12  ? 293 ARG A CG   1 
ATOM   1033 C CD   . ARG A 1 154 ? 0.838   -16.735 -6.634  1.00 61.63  ? 293 ARG A CD   1 
ATOM   1034 N NE   . ARG A 1 154 ? 2.171   -16.660 -7.225  1.00 73.96  ? 293 ARG A NE   1 
ATOM   1035 C CZ   . ARG A 1 154 ? 2.401   -16.439 -8.513  1.00 62.96  ? 293 ARG A CZ   1 
ATOM   1036 N N    . THR A 1 155 ? 0.828   -14.314 -1.618  1.00 51.11  ? 294 THR A N    1 
ATOM   1037 C CA   . THR A 1 155 ? 0.643   -14.637 -0.208  1.00 39.55  ? 294 THR A CA   1 
ATOM   1038 C C    . THR A 1 155 ? -0.279  -13.632 0.475   1.00 40.97  ? 294 THR A C    1 
ATOM   1039 O O    . THR A 1 155 ? -1.177  -14.010 1.234   1.00 48.72  ? 294 THR A O    1 
ATOM   1040 C CB   . THR A 1 155 ? 2.000   -14.686 0.498   1.00 31.14  ? 294 THR A CB   1 
ATOM   1041 O OG1  . THR A 1 155 ? 2.758   -15.803 0.013   1.00 49.75  ? 294 THR A OG1  1 
ATOM   1042 C CG2  . THR A 1 155 ? 1.823   -14.795 2.007   1.00 33.37  ? 294 THR A CG2  1 
ATOM   1043 N N    . LEU A 1 156 ? -0.072  -12.339 0.204   1.00 43.04  ? 295 LEU A N    1 
ATOM   1044 C CA   . LEU A 1 156 ? -0.883  -11.308 0.847   1.00 40.75  ? 295 LEU A CA   1 
ATOM   1045 C C    . LEU A 1 156 ? -2.342  -11.418 0.433   1.00 61.92  ? 295 LEU A C    1 
ATOM   1046 O O    . LEU A 1 156 ? -3.245  -11.207 1.252   1.00 49.75  ? 295 LEU A O    1 
ATOM   1047 C CB   . LEU A 1 156 ? -0.336  -9.921  0.509   1.00 32.36  ? 295 LEU A CB   1 
ATOM   1048 C CG   . LEU A 1 156 ? -0.915  -8.787  1.358   1.00 35.27  ? 295 LEU A CG   1 
ATOM   1049 C CD1  . LEU A 1 156 ? -0.744  -9.095  2.843   1.00 33.26  ? 295 LEU A CD1  1 
ATOM   1050 C CD2  . LEU A 1 156 ? -0.249  -7.464  1.000   1.00 29.08  ? 295 LEU A CD2  1 
ATOM   1051 N N    . GLU A 1 157 ? -2.597  -11.728 -0.838  1.00 47.67  ? 296 GLU A N    1 
ATOM   1052 C CA   . GLU A 1 157 ? -3.972  -11.919 -1.278  1.00 44.04  ? 296 GLU A CA   1 
ATOM   1053 C C    . GLU A 1 157 ? -4.632  -13.093 -0.565  1.00 45.11  ? 296 GLU A C    1 
ATOM   1054 O O    . GLU A 1 157 ? -5.845  -13.076 -0.329  1.00 40.64  ? 296 GLU A O    1 
ATOM   1055 C CB   . GLU A 1 157 ? -4.016  -12.119 -2.791  1.00 44.52  ? 296 GLU A CB   1 
ATOM   1056 N N    . ASP A 1 158 ? -3.858  -14.130 -0.236  1.00 45.59  ? 297 ASP A N    1 
ATOM   1057 C CA   . ASP A 1 158 ? -4.414  -15.253 0.511   1.00 48.91  ? 297 ASP A CA   1 
ATOM   1058 C C    . ASP A 1 158 ? -4.665  -14.880 1.969   1.00 56.23  ? 297 ASP A C    1 
ATOM   1059 O O    . ASP A 1 158 ? -5.698  -15.246 2.542   1.00 59.50  ? 297 ASP A O    1 
ATOM   1060 C CB   . ASP A 1 158 ? -3.488  -16.464 0.417   1.00 51.42  ? 297 ASP A CB   1 
ATOM   1061 C CG   . ASP A 1 158 ? -4.193  -17.760 0.766   1.00 80.62  ? 297 ASP A CG   1 
ATOM   1062 O OD1  . ASP A 1 158 ? -5.356  -17.938 0.338   1.00 85.00  ? 297 ASP A OD1  1 
ATOM   1063 O OD2  . ASP A 1 158 ? -3.584  -18.610 1.449   1.00 80.31  ? 297 ASP A OD2  1 
ATOM   1064 N N    . ILE A 1 159 ? -3.735  -14.145 2.586   1.00 47.63  ? 298 ILE A N    1 
ATOM   1065 C CA   . ILE A 1 159 ? -3.937  -13.723 3.969   1.00 49.93  ? 298 ILE A CA   1 
ATOM   1066 C C    . ILE A 1 159 ? -5.189  -12.866 4.085   1.00 53.60  ? 298 ILE A C    1 
ATOM   1067 O O    . ILE A 1 159 ? -5.970  -13.001 5.034   1.00 62.99  ? 298 ILE A O    1 
ATOM   1068 C CB   . ILE A 1 159 ? -2.697  -12.980 4.498   1.00 43.70  ? 298 ILE A CB   1 
ATOM   1069 C CG1  . ILE A 1 159 ? -1.505  -13.931 4.619   1.00 44.79  ? 298 ILE A CG1  1 
ATOM   1070 C CG2  . ILE A 1 159 ? -2.995  -12.329 5.838   1.00 37.13  ? 298 ILE A CG2  1 
ATOM   1071 C CD1  . ILE A 1 159 ? -0.266  -13.283 5.208   1.00 32.83  ? 298 ILE A CD1  1 
ATOM   1072 N N    . LEU A 1 160 ? -5.406  -11.974 3.115   1.00 52.52  ? 299 LEU A N    1 
ATOM   1073 C CA   . LEU A 1 160 ? -6.549  -11.072 3.179   1.00 48.85  ? 299 LEU A CA   1 
ATOM   1074 C C    . LEU A 1 160 ? -7.857  -11.760 2.807   1.00 60.67  ? 299 LEU A C    1 
ATOM   1075 O O    . LEU A 1 160 ? -8.924  -11.353 3.276   1.00 69.95  ? 299 LEU A O    1 
ATOM   1076 C CB   . LEU A 1 160 ? -6.313  -9.870  2.264   1.00 39.85  ? 299 LEU A CB   1 
ATOM   1077 C CG   . LEU A 1 160 ? -5.186  -8.929  2.691   1.00 43.22  ? 299 LEU A CG   1 
ATOM   1078 C CD1  . LEU A 1 160 ? -4.974  -7.812  1.674   1.00 31.73  ? 299 LEU A CD1  1 
ATOM   1079 C CD2  . LEU A 1 160 ? -5.453  -8.357  4.082   1.00 46.01  ? 299 LEU A CD2  1 
ATOM   1080 N N    . ALA A 1 161 ? -7.797  -12.801 1.975   1.00 60.15  ? 300 ALA A N    1 
ATOM   1081 C CA   . ALA A 1 161 ? -9.022  -13.476 1.554   1.00 67.54  ? 300 ALA A CA   1 
ATOM   1082 C C    . ALA A 1 161 ? -9.768  -14.070 2.745   1.00 71.75  ? 300 ALA A C    1 
ATOM   1083 O O    . ALA A 1 161 ? -11.005 -14.050 2.786   1.00 87.38  ? 300 ALA A O    1 
ATOM   1084 C CB   . ALA A 1 161 ? -8.689  -14.564 0.535   1.00 46.67  ? 300 ALA A CB   1 
ATOM   1085 N N    . ASP A 1 162 ? -9.031  -14.599 3.717   1.00 57.17  ? 301 ASP A N    1 
ATOM   1086 C CA   . ASP A 1 162 ? -9.593  -15.282 4.878   1.00 55.50  ? 301 ASP A CA   1 
ATOM   1087 C C    . ASP A 1 162 ? -9.355  -14.486 6.159   1.00 65.66  ? 301 ASP A C    1 
ATOM   1088 O O    . ASP A 1 162 ? -9.108  -15.048 7.228   1.00 58.43  ? 301 ASP A O    1 
ATOM   1089 C CB   . ASP A 1 162 ? -9.006  -16.685 5.002   1.00 60.47  ? 301 ASP A CB   1 
ATOM   1090 C CG   . ASP A 1 162 ? -9.874  -17.609 5.830   1.00 73.55  ? 301 ASP A CG   1 
ATOM   1091 O OD1  . ASP A 1 162 ? -11.057 -17.801 5.471   1.00 78.43  ? 301 ASP A OD1  1 
ATOM   1092 O OD2  . ASP A 1 162 ? -9.375  -18.150 6.839   1.00 79.59  ? 301 ASP A OD2  1 
ATOM   1093 N N    . ALA A 1 163 ? -9.435  -13.163 6.064   1.00 57.99  ? 302 ALA A N    1 
ATOM   1094 C CA   . ALA A 1 163 ? -9.133  -12.331 7.211   1.00 56.52  ? 302 ALA A CA   1 
ATOM   1095 C C    . ALA A 1 163 ? -10.374 -11.597 7.695   1.00 79.76  ? 302 ALA A C    1 
ATOM   1096 O O    . ALA A 1 163 ? -11.165 -11.107 6.881   1.00 80.66  ? 302 ALA A O    1 
ATOM   1097 C CB   . ALA A 1 163 ? -8.040  -11.308 6.875   1.00 54.63  ? 302 ALA A CB   1 
ATOM   1098 N N    . PRO A 1 164 ? -10.575 -11.504 9.011   1.00 84.62  ? 303 PRO A N    1 
ATOM   1099 C CA   . PRO A 1 164 ? -11.665 -10.651 9.507   1.00 76.11  ? 303 PRO A CA   1 
ATOM   1100 C C    . PRO A 1 164 ? -11.392 -9.179  9.274   1.00 78.91  ? 303 PRO A C    1 
ATOM   1101 O O    . PRO A 1 164 ? -12.301 -8.425  8.902   1.00 92.95  ? 303 PRO A O    1 
ATOM   1102 C CB   . PRO A 1 164 ? -11.723 -10.994 11.001  1.00 73.76  ? 303 PRO A CB   1 
ATOM   1103 C CG   . PRO A 1 164 ? -10.320 -11.407 11.329  1.00 69.67  ? 303 PRO A CG   1 
ATOM   1104 C CD   . PRO A 1 164 ? -9.778  -12.092 10.105  1.00 69.15  ? 303 PRO A CD   1 
ATOM   1105 N N    . GLU A 1 165 ? -10.143 -8.756  9.481   1.00 78.58  ? 304 GLU A N    1 
ATOM   1106 C CA   . GLU A 1 165 ? -9.773  -7.360  9.282   1.00 74.77  ? 304 GLU A CA   1 
ATOM   1107 C C    . GLU A 1 165 ? -10.183 -6.856  7.905   1.00 76.13  ? 304 GLU A C    1 
ATOM   1108 O O    . GLU A 1 165 ? -10.702 -5.741  7.769   1.00 74.46  ? 304 GLU A O    1 
ATOM   1109 C CB   . GLU A 1 165 ? -8.265  -7.196  9.480   1.00 70.70  ? 304 GLU A CB   1 
ATOM   1110 C CG   . GLU A 1 165 ? -7.813  -7.235  10.933  1.00 72.89  ? 304 GLU A CG   1 
ATOM   1111 C CD   . GLU A 1 165 ? -7.704  -8.640  11.495  1.00 67.53  ? 304 GLU A CD   1 
ATOM   1112 O OE1  . GLU A 1 165 ? -7.618  -9.598  10.699  1.00 70.43  ? 304 GLU A OE1  1 
ATOM   1113 O OE2  . GLU A 1 165 ? -7.708  -8.788  12.736  1.00 62.74  ? 304 GLU A OE2  1 
ATOM   1114 N N    . SER A 1 166 ? -9.954  -7.661  6.870   1.00 75.35  ? 305 SER A N    1 
ATOM   1115 C CA   . SER A 1 166 ? -10.231 -7.245  5.493   1.00 78.02  ? 305 SER A CA   1 
ATOM   1116 C C    . SER A 1 166 ? -11.682 -7.564  5.136   1.00 90.89  ? 305 SER A C    1 
ATOM   1117 O O    . SER A 1 166 ? -11.994 -8.465  4.353   1.00 95.39  ? 305 SER A O    1 
ATOM   1118 C CB   . SER A 1 166 ? -9.253  -7.910  4.534   1.00 70.41  ? 305 SER A CB   1 
ATOM   1119 N N    . GLN A 1 167 ? -12.582 -6.784  5.731   1.00 77.10  ? 306 GLN A N    1 
ATOM   1120 C CA   . GLN A 1 167 ? -14.005 -6.852  5.399   1.00 73.29  ? 306 GLN A CA   1 
ATOM   1121 C C    . GLN A 1 167 ? -14.347 -5.793  4.350   1.00 79.37  ? 306 GLN A C    1 
ATOM   1122 O O    . GLN A 1 167 ? -15.187 -4.910  4.545   1.00 90.14  ? 306 GLN A O    1 
ATOM   1123 N N    . ASN A 1 168 ? -13.659 -5.896  3.211   1.00 69.62  ? 307 ASN A N    1 
ATOM   1124 C CA   . ASN A 1 168 ? -13.772 -4.918  2.131   1.00 88.03  ? 307 ASN A CA   1 
ATOM   1125 C C    . ASN A 1 168 ? -13.123 -3.595  2.533   1.00 83.27  ? 307 ASN A C    1 
ATOM   1126 O O    . ASN A 1 168 ? -13.687 -2.518  2.325   1.00 76.12  ? 307 ASN A O    1 
ATOM   1127 C CB   . ASN A 1 168 ? -15.230 -4.707  1.712   1.00 68.18  ? 307 ASN A CB   1 
ATOM   1128 N N    . ASN A 1 169 ? -11.925 -3.679  3.114   1.00 73.91  ? 308 ASN A N    1 
ATOM   1129 C CA   . ASN A 1 169 ? -11.228 -2.515  3.642   1.00 63.08  ? 308 ASN A CA   1 
ATOM   1130 C C    . ASN A 1 169 ? -10.075 -2.039  2.775   1.00 61.98  ? 308 ASN A C    1 
ATOM   1131 O O    . ASN A 1 169 ? -9.688  -0.870  2.878   1.00 52.13  ? 308 ASN A O    1 
ATOM   1132 C CB   . ASN A 1 169 ? -10.684 -2.813  5.048   1.00 58.50  ? 308 ASN A CB   1 
ATOM   1133 C CG   . ASN A 1 169 ? -11.749 -2.728  6.110   1.00 67.37  ? 308 ASN A CG   1 
ATOM   1134 O OD1  . ASN A 1 169 ? -12.453 -3.701  6.379   1.00 85.96  ? 308 ASN A OD1  1 
ATOM   1135 N ND2  . ASN A 1 169 ? -11.875 -1.557  6.726   1.00 72.66  ? 308 ASN A ND2  1 
ATOM   1136 N N    . CYS A 1 170 ? -9.507  -2.911  1.948   1.00 53.21  ? 309 CYS A N    1 
ATOM   1137 C CA   . CYS A 1 170 ? -8.382  -2.536  1.112   1.00 47.63  ? 309 CYS A CA   1 
ATOM   1138 C C    . CYS A 1 170 ? -8.450  -3.319  -0.188  1.00 47.31  ? 309 CYS A C    1 
ATOM   1139 O O    . CYS A 1 170 ? -9.039  -4.401  -0.258  1.00 48.44  ? 309 CYS A O    1 
ATOM   1140 C CB   . CYS A 1 170 ? -7.042  -2.774  1.823   1.00 52.18  ? 309 CYS A CB   1 
ATOM   1141 S SG   . CYS A 1 170 ? -6.673  -4.505  2.165   1.00 42.21  ? 309 CYS A SG   1 
ATOM   1142 N N    . ARG A 1 171 ? -7.851  -2.740  -1.219  1.00 42.86  ? 310 ARG A N    1 
ATOM   1143 C CA   . ARG A 1 171 ? -7.778  -3.332  -2.541  1.00 46.75  ? 310 ARG A CA   1 
ATOM   1144 C C    . ARG A 1 171 ? -6.316  -3.362  -2.939  1.00 48.29  ? 310 ARG A C    1 
ATOM   1145 O O    . ARG A 1 171 ? -5.639  -2.326  -2.899  1.00 48.12  ? 310 ARG A O    1 
ATOM   1146 C CB   . ARG A 1 171 ? -8.602  -2.519  -3.543  1.00 49.26  ? 310 ARG A CB   1 
ATOM   1147 C CG   . ARG A 1 171 ? -8.839  -3.185  -4.889  1.00 66.39  ? 310 ARG A CG   1 
ATOM   1148 C CD   . ARG A 1 171 ? -9.890  -4.275  -4.804  1.00 87.16  ? 310 ARG A CD   1 
ATOM   1149 N NE   . ARG A 1 171 ? -11.092 -3.839  -4.100  1.00 104.00 ? 310 ARG A NE   1 
ATOM   1150 C CZ   . ARG A 1 171 ? -12.156 -4.613  -3.899  1.00 100.59 ? 310 ARG A CZ   1 
ATOM   1151 N NH1  . ARG A 1 171 ? -12.162 -5.861  -4.354  1.00 101.39 ? 310 ARG A NH1  1 
ATOM   1152 N NH2  . ARG A 1 171 ? -13.209 -4.145  -3.240  1.00 90.60  ? 310 ARG A NH2  1 
ATOM   1153 N N    . LEU A 1 172 ? -5.823  -4.544  -3.293  1.00 42.21  ? 311 LEU A N    1 
ATOM   1154 C CA   . LEU A 1 172 ? -4.455  -4.664  -3.770  1.00 42.68  ? 311 LEU A CA   1 
ATOM   1155 C C    . LEU A 1 172 ? -4.388  -4.321  -5.252  1.00 45.77  ? 311 LEU A C    1 
ATOM   1156 O O    . LEU A 1 172 ? -5.176  -4.830  -6.057  1.00 57.17  ? 311 LEU A O    1 
ATOM   1157 C CB   . LEU A 1 172 ? -3.907  -6.067  -3.510  1.00 36.57  ? 311 LEU A CB   1 
ATOM   1158 C CG   . LEU A 1 172 ? -4.074  -6.589  -2.084  1.00 40.71  ? 311 LEU A CG   1 
ATOM   1159 C CD1  . LEU A 1 172 ? -3.758  -8.067  -2.043  1.00 36.32  ? 311 LEU A CD1  1 
ATOM   1160 C CD2  . LEU A 1 172 ? -3.196  -5.828  -1.118  1.00 41.23  ? 311 LEU A CD2  1 
ATOM   1161 N N    . ILE A 1 173 ? -3.456  -3.434  -5.601  1.00 41.78  ? 312 ILE A N    1 
ATOM   1162 C CA   . ILE A 1 173 ? -3.283  -2.971  -6.974  1.00 34.28  ? 312 ILE A CA   1 
ATOM   1163 C C    . ILE A 1 173 ? -1.922  -3.423  -7.487  1.00 36.25  ? 312 ILE A C    1 
ATOM   1164 O O    . ILE A 1 173 ? -0.960  -2.646  -7.484  1.00 44.47  ? 312 ILE A O    1 
ATOM   1165 C CB   . ILE A 1 173 ? -3.420  -1.439  -7.072  1.00 39.23  ? 312 ILE A CB   1 
ATOM   1166 C CG1  . ILE A 1 173 ? -4.739  -0.965  -6.453  1.00 41.99  ? 312 ILE A CG1  1 
ATOM   1167 C CG2  . ILE A 1 173 ? -3.289  -0.984  -8.527  1.00 34.71  ? 312 ILE A CG2  1 
ATOM   1168 C CD1  . ILE A 1 173 ? -4.966  0.520   -6.612  1.00 49.18  ? 312 ILE A CD1  1 
ATOM   1169 N N    . ALA A 1 174 ? -1.828  -4.673  -7.930  1.00 35.01  ? 313 ALA A N    1 
ATOM   1170 C CA   . ALA A 1 174 ? -0.598  -5.177  -8.522  1.00 30.20  ? 313 ALA A CA   1 
ATOM   1171 C C    . ALA A 1 174 ? -0.582  -4.899  -10.021 1.00 30.76  ? 313 ALA A C    1 
ATOM   1172 O O    . ALA A 1 174 ? -1.615  -4.974  -10.692 1.00 32.19  ? 313 ALA A O    1 
ATOM   1173 C CB   . ALA A 1 174 ? -0.443  -6.675  -8.256  1.00 26.25  ? 313 ALA A CB   1 
ATOM   1174 N N    . TYR A 1 175 ? 0.599   -4.572  -10.542 1.00 42.65  ? 314 TYR A N    1 
ATOM   1175 C CA   . TYR A 1 175 ? 0.721   -4.189  -11.941 1.00 38.39  ? 314 TYR A CA   1 
ATOM   1176 C C    . TYR A 1 175 ? 2.158   -4.415  -12.393 1.00 44.92  ? 314 TYR A C    1 
ATOM   1177 O O    . TYR A 1 175 ? 3.060   -4.633  -11.579 1.00 42.82  ? 314 TYR A O    1 
ATOM   1178 C CB   . TYR A 1 175 ? 0.304   -2.731  -12.154 1.00 37.29  ? 314 TYR A CB   1 
ATOM   1179 C CG   . TYR A 1 175 ? 1.074   -1.748  -11.294 1.00 35.84  ? 314 TYR A CG   1 
ATOM   1180 C CD1  . TYR A 1 175 ? 0.691   -1.500  -9.984  1.00 34.38  ? 314 TYR A CD1  1 
ATOM   1181 C CD2  . TYR A 1 175 ? 2.186   -1.074  -11.790 1.00 35.61  ? 314 TYR A CD2  1 
ATOM   1182 C CE1  . TYR A 1 175 ? 1.392   -0.606  -9.188  1.00 36.75  ? 314 TYR A CE1  1 
ATOM   1183 C CE2  . TYR A 1 175 ? 2.888   -0.182  -11.005 1.00 34.27  ? 314 TYR A CE2  1 
ATOM   1184 C CZ   . TYR A 1 175 ? 2.491   0.048   -9.706  1.00 43.12  ? 314 TYR A CZ   1 
ATOM   1185 O OH   . TYR A 1 175 ? 3.195   0.940   -8.925  1.00 44.47  ? 314 TYR A OH   1 
ATOM   1186 N N    . GLN A 1 176 ? 2.355   -4.364  -13.711 1.00 41.27  ? 315 GLN A N    1 
ATOM   1187 C CA   . GLN A 1 176 ? 3.668   -4.459  -14.336 1.00 53.35  ? 315 GLN A CA   1 
ATOM   1188 C C    . GLN A 1 176 ? 3.785   -3.387  -15.412 1.00 63.88  ? 315 GLN A C    1 
ATOM   1189 O O    . GLN A 1 176 ? 2.847   -3.173  -16.187 1.00 68.25  ? 315 GLN A O    1 
ATOM   1190 C CB   . GLN A 1 176 ? 3.915   -5.853  -14.957 1.00 49.96  ? 315 GLN A CB   1 
ATOM   1191 C CG   . GLN A 1 176 ? 4.192   -6.977  -13.958 1.00 72.38  ? 315 GLN A CG   1 
ATOM   1192 C CD   . GLN A 1 176 ? 4.539   -8.293  -14.642 1.00 70.72  ? 315 GLN A CD   1 
ATOM   1193 O OE1  . GLN A 1 176 ? 5.572   -8.411  -15.303 1.00 54.82  ? 315 GLN A OE1  1 
ATOM   1194 N NE2  . GLN A 1 176 ? 3.665   -9.283  -14.499 1.00 78.26  ? 315 GLN A NE2  1 
ATOM   1195 N N    . GLU A 1 177 ? 4.928   -2.709  -15.452 1.00 64.99  ? 316 GLU A N    1 
ATOM   1196 C CA   . GLU A 1 177 ? 5.165   -1.672  -16.460 1.00 71.04  ? 316 GLU A CA   1 
ATOM   1197 C C    . GLU A 1 177 ? 5.863   -2.264  -17.688 1.00 72.35  ? 316 GLU A C    1 
ATOM   1198 O O    . GLU A 1 177 ? 6.445   -1.539  -18.497 1.00 74.31  ? 316 GLU A O    1 
ATOM   1199 C CB   . GLU A 1 177 ? 5.997   -0.518  -15.880 1.00 71.76  ? 316 GLU A CB   1 
ATOM   1200 C CG   . GLU A 1 177 ? 5.174   0.555   -15.164 1.00 66.39  ? 316 GLU A CG   1 
ATOM   1201 C CD   . GLU A 1 177 ? 5.958   1.828   -14.877 1.00 79.98  ? 316 GLU A CD   1 
ATOM   1202 O OE1  . GLU A 1 177 ? 6.831   1.806   -13.977 1.00 90.21  ? 316 GLU A OE1  1 
ATOM   1203 O OE2  . GLU A 1 177 ? 5.696   2.853   -15.544 1.00 82.69  ? 316 GLU A OE2  1 
ATOM   1204 C CA   . SER A 1 183 ? 3.159   4.478   -22.261 1.00 67.31  ? 322 SER A CA   1 
ATOM   1205 C C    . SER A 1 183 ? 2.223   3.755   -21.301 1.00 82.06  ? 322 SER A C    1 
ATOM   1206 O O    . SER A 1 183 ? 1.388   2.952   -21.716 1.00 80.81  ? 322 SER A O    1 
ATOM   1207 N N    . PHE A 1 184 ? 2.368   4.051   -20.010 1.00 81.33  ? 323 PHE A N    1 
ATOM   1208 C CA   . PHE A 1 184 ? 1.581   3.412   -18.963 1.00 83.44  ? 323 PHE A CA   1 
ATOM   1209 C C    . PHE A 1 184 ? 1.212   4.458   -17.928 1.00 74.92  ? 323 PHE A C    1 
ATOM   1210 O O    . PHE A 1 184 ? 2.069   5.230   -17.489 1.00 71.75  ? 323 PHE A O    1 
ATOM   1211 C CB   . PHE A 1 184 ? 2.365   2.263   -18.313 1.00 79.51  ? 323 PHE A CB   1 
ATOM   1212 C CG   . PHE A 1 184 ? 1.851   1.845   -16.961 1.00 67.23  ? 323 PHE A CG   1 
ATOM   1213 C CD1  . PHE A 1 184 ? 0.938   0.814   -16.843 1.00 73.40  ? 323 PHE A CD1  1 
ATOM   1214 C CD2  . PHE A 1 184 ? 2.297   2.470   -15.808 1.00 60.28  ? 323 PHE A CD2  1 
ATOM   1215 C CE1  . PHE A 1 184 ? 0.475   0.416   -15.603 1.00 72.99  ? 323 PHE A CE1  1 
ATOM   1216 C CE2  . PHE A 1 184 ? 1.834   2.079   -14.567 1.00 60.33  ? 323 PHE A CE2  1 
ATOM   1217 C CZ   . PHE A 1 184 ? 0.923   1.050   -14.465 1.00 65.84  ? 323 PHE A CZ   1 
ATOM   1218 N N    . SER A 1 185 ? -0.055  4.471   -17.536 1.00 63.68  ? 324 SER A N    1 
ATOM   1219 C CA   . SER A 1 185 ? -0.544  5.382   -16.516 1.00 55.85  ? 324 SER A CA   1 
ATOM   1220 C C    . SER A 1 185 ? -0.934  4.581   -15.282 1.00 54.73  ? 324 SER A C    1 
ATOM   1221 O O    . SER A 1 185 ? -1.705  3.621   -15.377 1.00 57.74  ? 324 SER A O    1 
ATOM   1222 C CB   . SER A 1 185 ? -1.741  6.185   -17.024 1.00 61.50  ? 324 SER A CB   1 
ATOM   1223 O OG   . SER A 1 185 ? -2.614  6.485   -15.956 1.00 47.99  ? 324 SER A OG   1 
ATOM   1224 N N    . LEU A 1 186 ? -0.393  4.969   -14.134 1.00 51.97  ? 325 LEU A N    1 
ATOM   1225 C CA   . LEU A 1 186 ? -0.761  4.308   -12.887 1.00 58.77  ? 325 LEU A CA   1 
ATOM   1226 C C    . LEU A 1 186 ? -1.963  4.987   -12.245 1.00 56.06  ? 325 LEU A C    1 
ATOM   1227 O O    . LEU A 1 186 ? -2.864  4.308   -11.743 1.00 51.36  ? 325 LEU A O    1 
ATOM   1228 C CB   . LEU A 1 186 ? 0.426   4.286   -11.923 1.00 65.02  ? 325 LEU A CB   1 
ATOM   1229 C CG   . LEU A 1 186 ? 0.248   3.976   -10.430 1.00 52.26  ? 325 LEU A CG   1 
ATOM   1230 C CD1  . LEU A 1 186 ? -0.105  2.504   -10.200 1.00 50.83  ? 325 LEU A CD1  1 
ATOM   1231 C CD2  . LEU A 1 186 ? 1.542   4.313   -9.697  1.00 46.34  ? 325 LEU A CD2  1 
ATOM   1232 N N    . SER A 1 187 ? -2.005  6.319   -12.294 1.00 59.48  ? 326 SER A N    1 
ATOM   1233 C CA   . SER A 1 187 ? -3.225  7.062   -12.017 1.00 47.75  ? 326 SER A CA   1 
ATOM   1234 C C    . SER A 1 187 ? -4.414  6.387   -12.678 1.00 49.95  ? 326 SER A C    1 
ATOM   1235 O O    . SER A 1 187 ? -5.450  6.181   -12.045 1.00 44.93  ? 326 SER A O    1 
ATOM   1236 C CB   . SER A 1 187 ? -3.074  8.503   -12.513 1.00 53.44  ? 326 SER A CB   1 
ATOM   1237 O OG   . SER A 1 187 ? -3.278  8.531   -13.901 1.00 58.47  ? 326 SER A OG   1 
ATOM   1238 N N    . GLN A 1 188 ? -4.290  6.043   -13.965 1.00 52.54  ? 327 GLN A N    1 
ATOM   1239 C CA   . GLN A 1 188 ? -5.353  5.278   -14.613 1.00 55.59  ? 327 GLN A CA   1 
ATOM   1240 C C    . GLN A 1 188 ? -5.557  3.929   -13.929 1.00 54.04  ? 327 GLN A C    1 
ATOM   1241 O O    . GLN A 1 188 ? -6.693  3.457   -13.782 1.00 48.66  ? 327 GLN A O    1 
ATOM   1242 C CB   . GLN A 1 188 ? -5.027  5.079   -16.092 1.00 52.87  ? 327 GLN A CB   1 
ATOM   1243 C CG   . GLN A 1 188 ? -5.296  6.280   -16.963 1.00 52.93  ? 327 GLN A CG   1 
ATOM   1244 C CD   . GLN A 1 188 ? -6.674  6.844   -16.740 1.00 57.05  ? 327 GLN A CD   1 
ATOM   1245 O OE1  . GLN A 1 188 ? -7.663  6.112   -16.780 1.00 48.54  ? 327 GLN A OE1  1 
ATOM   1246 N NE2  . GLN A 1 188 ? -6.753  8.144   -16.492 1.00 50.98  ? 327 GLN A NE2  1 
ATOM   1247 N N    . GLU A 1 189 ? -4.463  3.279   -13.532 1.00 52.70  ? 328 GLU A N    1 
ATOM   1248 C CA   . GLU A 1 189 ? -4.568  1.981   -12.876 1.00 56.18  ? 328 GLU A CA   1 
ATOM   1249 C C    . GLU A 1 189 ? -5.410  2.080   -11.614 1.00 53.41  ? 328 GLU A C    1 
ATOM   1250 O O    . GLU A 1 189 ? -6.345  1.294   -11.413 1.00 45.67  ? 328 GLU A O    1 
ATOM   1251 C CB   . GLU A 1 189 ? -3.172  1.448   -12.556 1.00 58.19  ? 328 GLU A CB   1 
ATOM   1252 C CG   . GLU A 1 189 ? -3.084  -0.066  -12.498 1.00 76.07  ? 328 GLU A CG   1 
ATOM   1253 C CD   . GLU A 1 189 ? -3.593  -0.730  -13.764 1.00 90.62  ? 328 GLU A CD   1 
ATOM   1254 O OE1  . GLU A 1 189 ? -4.740  -1.219  -13.758 1.00 85.38  ? 328 GLU A OE1  1 
ATOM   1255 O OE2  . GLU A 1 189 ? -2.849  -0.761  -14.766 1.00 103.13 ? 328 GLU A OE2  1 
ATOM   1256 N N    . VAL A 1 190 ? -5.096  3.045   -10.748 1.00 49.23  ? 329 VAL A N    1 
ATOM   1257 C CA   . VAL A 1 190 ? -5.854  3.203   -9.513  1.00 47.38  ? 329 VAL A CA   1 
ATOM   1258 C C    . VAL A 1 190 ? -7.317  3.494   -9.816  1.00 54.00  ? 329 VAL A C    1 
ATOM   1259 O O    . VAL A 1 190 ? -8.222  2.920   -9.198  1.00 47.39  ? 329 VAL A O    1 
ATOM   1260 C CB   . VAL A 1 190 ? -5.234  4.306   -8.636  1.00 51.44  ? 329 VAL A CB   1 
ATOM   1261 C CG1  . VAL A 1 190 ? -6.155  4.620   -7.461  1.00 48.13  ? 329 VAL A CG1  1 
ATOM   1262 C CG2  . VAL A 1 190 ? -3.858  3.889   -8.150  1.00 42.40  ? 329 VAL A CG2  1 
ATOM   1263 N N    . LEU A 1 191 ? -7.543  4.393   -10.780 1.00 52.32  ? 330 LEU A N    1 
ATOM   1264 C CA   . LEU A 1 191 ? -8.919  4.786   -11.187 1.00 51.47  ? 330 LEU A CA   1 
ATOM   1265 C C    . LEU A 1 191 ? -9.704  3.534   -11.596 1.00 51.59  ? 330 LEU A C    1 
ATOM   1266 O O    . LEU A 1 191 ? -10.893 3.437   -11.233 1.00 49.79  ? 330 LEU A O    1 
ATOM   1267 C CB   . LEU A 1 191 ? -8.828  5.783   -12.348 1.00 51.76  ? 330 LEU A CB   1 
ATOM   1268 C CG   . LEU A 1 191 ? -8.710  7.251   -11.943 1.00 58.20  ? 330 LEU A CG   1 
ATOM   1269 C CD1  . LEU A 1 191 ? -8.519  8.136   -13.166 1.00 47.31  ? 330 LEU A CD1  1 
ATOM   1270 C CD2  . LEU A 1 191 ? -9.928  7.696   -11.149 1.00 47.42  ? 330 LEU A CD2  1 
ATOM   1271 N N    . ARG A 1 192 ? -9.056  2.620   -12.325 1.00 55.59  ? 331 ARG A N    1 
ATOM   1272 C CA   . ARG A 1 192 ? -9.711  1.365   -12.785 1.00 48.18  ? 331 ARG A CA   1 
ATOM   1273 C C    . ARG A 1 192 ? -10.368 0.666   -11.587 1.00 52.88  ? 331 ARG A C    1 
ATOM   1274 O O    . ARG A 1 192 ? -11.594 0.450   -11.629 1.00 57.57  ? 331 ARG A O    1 
ATOM   1275 C CB   . ARG A 1 192 ? -8.689  0.447   -13.464 1.00 49.34  ? 331 ARG A CB   1 
ATOM   1276 N N    . HIS A 1 193 ? -9.572  0.331   -10.565 1.00 55.91  ? 332 HIS A N    1 
ATOM   1277 C CA   . HIS A 1 193 ? -10.090 -0.353  -9.351  1.00 62.20  ? 332 HIS A CA   1 
ATOM   1278 C C    . HIS A 1 193 ? -11.038 0.583   -8.592  1.00 50.17  ? 332 HIS A C    1 
ATOM   1279 O O    . HIS A 1 193 ? -12.031 0.085   -8.026  1.00 60.84  ? 332 HIS A O    1 
ATOM   1280 C CB   . HIS A 1 193 ? -8.928  -0.836  -8.470  1.00 59.05  ? 332 HIS A CB   1 
ATOM   1281 C CG   . HIS A 1 193 ? -8.002  -1.777  -9.163  1.00 54.91  ? 332 HIS A CG   1 
ATOM   1282 N ND1  . HIS A 1 193 ? -7.206  -1.386  -10.222 1.00 51.75  ? 332 HIS A ND1  1 
ATOM   1283 C CD2  . HIS A 1 193 ? -7.736  -3.085  -8.954  1.00 46.54  ? 332 HIS A CD2  1 
ATOM   1284 C CE1  . HIS A 1 193 ? -6.492  -2.410  -10.637 1.00 51.82  ? 332 HIS A CE1  1 
ATOM   1285 N NE2  . HIS A 1 193 ? -6.798  -3.466  -9.874  1.00 47.26  ? 332 HIS A NE2  1 
ATOM   1286 N N    . LEU A 1 194 ? -10.734 1.885   -8.588  1.00 55.63  ? 333 LEU A N    1 
ATOM   1287 C CA   . LEU A 1 194 ? -11.576 2.892   -7.886  1.00 52.88  ? 333 LEU A CA   1 
ATOM   1288 C C    . LEU A 1 194 ? -12.979 2.898   -8.507  1.00 59.98  ? 333 LEU A C    1 
ATOM   1289 O O    . LEU A 1 194 ? -13.963 2.882   -7.742  1.00 58.10  ? 333 LEU A O    1 
ATOM   1290 C CB   . LEU A 1 194 ? -10.913 4.266   -8.009  1.00 69.65  ? 333 LEU A CB   1 
ATOM   1291 C CG   . LEU A 1 194 ? -11.158 5.220   -6.841  1.00 63.44  ? 333 LEU A CG   1 
ATOM   1292 C CD1  . LEU A 1 194 ? -10.865 4.537   -5.513  1.00 49.56  ? 333 LEU A CD1  1 
ATOM   1293 C CD2  . LEU A 1 194 ? -10.322 6.482   -6.987  1.00 47.65  ? 333 LEU A CD2  1 
ATOM   1294 N N    . ARG A 1 195 ? -13.068 2.917   -9.826  1.00 63.27  ? 334 ARG A N    1 
ATOM   1295 C CA   . ARG A 1 195 ? -14.392 2.939   -10.476 1.00 68.69  ? 334 ARG A CA   1 
ATOM   1296 C C    . ARG A 1 195 ? -15.164 1.673   -10.116 1.00 68.73  ? 334 ARG A C    1 
ATOM   1297 O O    . ARG A 1 195 ? -16.347 1.761   -9.848  1.00 76.88  ? 334 ARG A O    1 
ATOM   1298 C CB   . ARG A 1 195 ? -14.213 3.177   -11.969 1.00 60.78  ? 334 ARG A CB   1 
ATOM   1299 C CG   . ARG A 1 195 ? -14.168 4.653   -12.320 1.00 54.20  ? 334 ARG A CG   1 
ATOM   1300 C CD   . ARG A 1 195 ? -13.094 4.946   -13.326 1.00 67.79  ? 334 ARG A CD   1 
ATOM   1301 N NE   . ARG A 1 195 ? -12.977 6.358   -13.617 1.00 77.73  ? 334 ARG A NE   1 
ATOM   1302 C CZ   . ARG A 1 195 ? -12.197 6.847   -14.554 1.00 72.62  ? 334 ARG A CZ   1 
ATOM   1303 N NH1  . ARG A 1 195 ? -11.454 6.031   -15.271 1.00 54.80  ? 334 ARG A NH1  1 
ATOM   1304 N NH2  . ARG A 1 195 ? -12.149 8.145   -14.763 1.00 55.19  ? 334 ARG A NH2  1 
ATOM   1305 N N    . GLN A 1 196 ? -14.511 0.526   -10.116 1.00 66.55  ? 335 GLN A N    1 
ATOM   1306 C CA   . GLN A 1 196 ? -15.188 -0.745  -9.743  1.00 67.92  ? 335 GLN A CA   1 
ATOM   1307 C C    . GLN A 1 196 ? -15.943 -0.548  -8.422  1.00 61.75  ? 335 GLN A C    1 
ATOM   1308 O O    . GLN A 1 196 ? -15.418 -1.016  -7.392  1.00 61.15  ? 335 GLN A O    1 
ATOM   1309 C CB   . GLN A 1 196 ? -14.166 -1.879  -9.626  1.00 47.63  ? 335 GLN A CB   1 
HETATM 1310 N N    . OOE B 2 .   ? 3.282   3.001   7.912   0.50 54.23  ? 401 OOE A N    1 
HETATM 1311 C C    . OOE B 2 .   ? 3.348   2.209   6.821   0.50 52.39  ? 401 OOE A C    1 
HETATM 1312 O O    . OOE B 2 .   ? 6.490   -3.088  12.881  0.50 40.25  ? 401 OOE A O    1 
HETATM 1313 N N11  . OOE B 2 .   ? 3.418   3.341   10.245  0.50 52.02  ? 401 OOE A N11  1 
HETATM 1314 C C1   . OOE B 2 .   ? 3.858   0.289   8.091   0.50 42.75  ? 401 OOE A C1   1 
HETATM 1315 C C10  . OOE B 2 .   ? 9.686   1.028   15.533  0.50 52.21  ? 401 OOE A C10  1 
HETATM 1316 C C11  . OOE B 2 .   ? 9.910   0.180   13.339  0.50 42.73  ? 401 OOE A C11  1 
HETATM 1317 C C12  . OOE B 2 .   ? 9.314   1.418   12.825  0.50 43.46  ? 401 OOE A C12  1 
HETATM 1318 C C13  . OOE B 2 .   ? 8.921   2.443   13.820  0.50 49.09  ? 401 OOE A C13  1 
HETATM 1319 C C14  . OOE B 2 .   ? 9.796   0.086   11.157  0.50 45.82  ? 401 OOE A C14  1 
HETATM 1320 C C15  . OOE B 2 .   ? 9.022   -3.379  11.524  0.50 39.41  ? 401 OOE A C15  1 
HETATM 1321 C C16  . OOE B 2 .   ? 9.738   -2.934  12.801  0.50 40.75  ? 401 OOE A C16  1 
HETATM 1322 C C17  . OOE B 2 .   ? 10.779  -1.926  12.312  0.50 43.70  ? 401 OOE A C17  1 
HETATM 1323 C C18  . OOE B 2 .   ? 10.212  -3.461  10.557  0.50 41.27  ? 401 OOE A C18  1 
HETATM 1324 C C19  . OOE B 2 .   ? 9.959   -3.346  9.062   0.50 39.83  ? 401 OOE A C19  1 
HETATM 1325 C C2   . OOE B 2 .   ? 3.802   1.088   9.318   0.50 43.46  ? 401 OOE A C2   1 
HETATM 1326 C C3   . OOE B 2 .   ? 3.491   2.527   9.164   0.50 49.20  ? 401 OOE A C3   1 
HETATM 1327 C C4   . OOE B 2 .   ? 4.277   -0.990  9.814   0.50 45.63  ? 401 OOE A C4   1 
HETATM 1328 C C5   . OOE B 2 .   ? 6.662   -2.661  7.626   0.50 39.53  ? 401 OOE A C5   1 
HETATM 1329 C C6   . OOE B 2 .   ? 5.621   -1.947  6.761   0.50 42.37  ? 401 OOE A C6   1 
HETATM 1330 C C7   . OOE B 2 .   ? 4.314   -2.099  7.542   0.50 44.09  ? 401 OOE A C7   1 
HETATM 1331 C C8   . OOE B 2 .   ? 5.837   -3.854  8.126   0.50 39.13  ? 401 OOE A C8   1 
HETATM 1332 C C9   . OOE B 2 .   ? 6.263   -4.542  9.413   0.50 39.26  ? 401 OOE A C9   1 
HETATM 1333 F F6   . OOE B 2 .   ? 10.335  -4.026  13.355  0.50 39.82  ? 401 OOE A F6   1 
HETATM 1334 F F9   . OOE B 2 .   ? 5.547   -2.600  5.567   0.50 40.39  ? 401 OOE A F9   1 
HETATM 1335 N N1   . OOE B 2 .   ? 3.628   0.893   6.897   0.50 47.13  ? 401 OOE A N1   1 
HETATM 1336 N N2   . OOE B 2 .   ? 4.154   -0.958  8.475   0.50 44.24  ? 401 OOE A N2   1 
HETATM 1337 N N21  . OOE B 2 .   ? 9.888   0.819   16.994  0.50 44.32  ? 401 OOE A N21  1 
HETATM 1338 N N3   . OOE B 2 .   ? 4.066   0.246   10.336  0.50 46.09  ? 401 OOE A N3   1 
HETATM 1339 N N4   . OOE B 2 .   ? 9.131   2.185   15.119  0.50 53.48  ? 401 OOE A N4   1 
HETATM 1340 N N5   . OOE B 2 .   ? 10.071  0.041   14.678  0.50 47.32  ? 401 OOE A N5   1 
HETATM 1341 N N6   . OOE B 2 .   ? 10.173  -0.575  12.265  0.50 43.26  ? 401 OOE A N6   1 
HETATM 1342 N N7   . OOE B 2 .   ? 9.272   1.295   11.485  0.50 46.14  ? 401 OOE A N7   1 
HETATM 1343 O O1   . OOE B 2 .   ? 4.463   -3.374  8.190   0.50 37.92  ? 401 OOE A O1   1 
HETATM 1344 O O10  . OOE B 2 .   ? 7.847   -2.942  6.916   0.50 43.50  ? 401 OOE A O10  1 
HETATM 1345 O O2   . OOE B 2 .   ? 6.079   -3.681  10.508  0.50 37.37  ? 401 OOE A O2   1 
HETATM 1346 O O22  . OOE B 2 .   ? 8.429   -0.436  7.217   0.50 39.25  ? 401 OOE A O22  1 
HETATM 1347 O O3   . OOE B 2 .   ? 6.014   -5.466  12.287  0.50 38.45  ? 401 OOE A O3   1 
HETATM 1348 O O4   . OOE B 2 .   ? 10.101  -2.049  6.299   0.50 38.37  ? 401 OOE A O4   1 
HETATM 1349 O O5   . OOE B 2 .   ? 11.151  -2.447  11.022  0.50 37.94  ? 401 OOE A O5   1 
HETATM 1350 O O7   . OOE B 2 .   ? 8.270   -4.556  11.710  0.50 46.46  ? 401 OOE A O7   1 
HETATM 1351 O O8   . OOE B 2 .   ? 9.519   -2.049  8.752   0.50 38.21  ? 401 OOE A O8   1 
HETATM 1352 O O9   . OOE B 2 .   ? 8.407   3.520   13.455  0.50 52.44  ? 401 OOE A O9   1 
HETATM 1353 P P    . OOE B 2 .   ? 6.706   -4.199  11.882  0.50 37.28  ? 401 OOE A P    1 
HETATM 1354 P P1   . OOE B 2 .   ? 8.975   -1.842  7.266   0.50 37.11  ? 401 OOE A P1   1 
HETATM 1355 H H    . OOE B 2 .   ? 3.170   2.649   5.847   0.50 63.02  ? 401 OOE A H    1 
HETATM 1356 H H111 . OOE B 2 .   ? 3.217   4.267   10.133  0.50 62.57  ? 401 OOE A H111 1 
HETATM 1357 H H14  . OOE B 2 .   ? 9.897   -0.292  10.147  0.50 55.13  ? 401 OOE A H14  1 
HETATM 1358 H H15  . OOE B 2 .   ? 8.228   -2.719  11.148  0.50 47.44  ? 401 OOE A H15  1 
HETATM 1359 H H16  . OOE B 2 .   ? 9.079   -2.495  13.563  0.50 49.06  ? 401 OOE A H16  1 
HETATM 1360 H H17  . OOE B 2 .   ? 11.657  -1.820  12.964  0.50 52.60  ? 401 OOE A H17  1 
HETATM 1361 H H18  . OOE B 2 .   ? 10.591  -4.492  10.604  0.50 49.67  ? 401 OOE A H18  1 
HETATM 1362 H H192 . OOE B 2 .   ? 10.879  -3.565  8.515   0.50 47.95  ? 401 OOE A H192 1 
HETATM 1363 H H191 . OOE B 2 .   ? 9.205   -4.075  8.758   0.50 47.95  ? 401 OOE A H191 1 
HETATM 1364 H H4   . OOE B 2 .   ? 4.510   -1.875  10.394  0.50 54.91  ? 401 OOE A H4   1 
HETATM 1365 H H5   . OOE B 2 .   ? 7.092   -2.087  8.458   0.50 47.59  ? 401 OOE A H5   1 
HETATM 1366 H H6   . OOE B 2 .   ? 5.851   -0.891  6.557   0.50 50.99  ? 401 OOE A H6   1 
HETATM 1367 H H7   . OOE B 2 .   ? 3.410   -2.078  6.918   0.50 53.06  ? 401 OOE A H7   1 
HETATM 1368 H H8   . OOE B 2 .   ? 5.990   -4.677  7.414   0.50 47.11  ? 401 OOE A H8   1 
HETATM 1369 H H92  . OOE B 2 .   ? 7.314   -4.832  9.345   0.50 47.26  ? 401 OOE A H92  1 
HETATM 1370 H H91  . OOE B 2 .   ? 5.674   -5.450  9.556   0.50 47.26  ? 401 OOE A H91  1 
HETATM 1371 H HN22 . OOE B 2 .   ? 10.513  1.553   17.365  0.50 53.34  ? 401 OOE A HN22 1 
HETATM 1372 H HN23 A OOE B 2 .   ? 10.313  -0.109  17.155  0.50 53.34  ? 401 OOE A HN23 1 
HETATM 1373 H HN23 B OOE B 2 .   ? 8.976   0.868   17.479  0.50 53.34  ? 401 OOE A HN23 1 
HETATM 1374 H HN4  . OOE B 2 .   ? 8.859   2.897   15.826  0.50 64.34  ? 401 OOE A HN4  1 
HETATM 1375 O O    . HOH C 3 .   ? -1.175  1.359   23.592  1.00 50.53  ? 501 HOH A O    1 
HETATM 1376 O O    . HOH C 3 .   ? 7.768   -7.743  11.246  1.00 28.80  ? 502 HOH A O    1 
HETATM 1377 O O    . HOH C 3 .   ? -4.872  6.676   18.502  1.00 57.24  ? 503 HOH A O    1 
HETATM 1378 O O    . HOH C 3 .   ? 23.335  -0.004  0.088   0.50 49.97  ? 504 HOH A O    1 
# 
